data_2FIJ
# 
_entry.id   2FIJ 
# 
_audit_conform.dict_name       mmcif_pdbx.dic 
_audit_conform.dict_version    5.377 
_audit_conform.dict_location   http://mmcif.pdb.org/dictionaries/ascii/mmcif_pdbx.dic 
# 
loop_
_database_2.database_id 
_database_2.database_code 
_database_2.pdbx_database_accession 
_database_2.pdbx_DOI 
PDB   2FIJ         pdb_00002fij 10.2210/pdb2fij/pdb 
NDB   AD0060       ?            ?                   
RCSB  RCSB035918   ?            ?                   
WWPDB D_1000035918 ?            ?                   
# 
loop_
_pdbx_database_related.db_name 
_pdbx_database_related.db_id 
_pdbx_database_related.details 
_pdbx_database_related.content_type 
PDB 2FIH . unspecified 
PDB 2FII . unspecified 
PDB 2FIL . unspecified 
# 
_pdbx_database_status.status_code                     REL 
_pdbx_database_status.entry_id                        2FIJ 
_pdbx_database_status.recvd_initial_deposition_date   2005-12-29 
_pdbx_database_status.deposit_site                    RCSB 
_pdbx_database_status.process_site                    RCSB 
_pdbx_database_status.status_code_sf                  REL 
_pdbx_database_status.status_code_mr                  ? 
_pdbx_database_status.SG_entry                        ? 
_pdbx_database_status.status_code_cs                  ? 
_pdbx_database_status.pdb_format_compatible           Y 
_pdbx_database_status.methods_development_category    ? 
_pdbx_database_status.status_code_nmr_data            ? 
# 
loop_
_audit_author.name 
_audit_author.pdbx_ordinal 
'Egli, M.' 1 
'Li, F.'   2 
# 
_citation.id                        primary 
_citation.title                     
;2'-Fluoroarabino- and arabinonucleic acid show different conformations, resulting in deviating RNA affinities and processing of their heteroduplexes with RNA by RNase H.
;
_citation.journal_abbrev            Biochemistry 
_citation.journal_volume            45 
_citation.page_first                4141 
_citation.page_last                 4152 
_citation.year                      2006 
_citation.journal_id_ASTM           BICHAW 
_citation.country                   US 
_citation.journal_id_ISSN           0006-2960 
_citation.journal_id_CSD            0033 
_citation.book_publisher            ? 
_citation.pdbx_database_id_PubMed   16566588 
_citation.pdbx_database_id_DOI      10.1021/bi052322r 
# 
loop_
_citation_author.citation_id 
_citation_author.name 
_citation_author.ordinal 
_citation_author.identifier_ORCID 
primary 'Li, F.'        1 ? 
primary 'Sarkhel, S.'   2 ? 
primary 'Wilds, C.J.'   3 ? 
primary 'Wawrzak, Z.'   4 ? 
primary 'Prakash, T.P.' 5 ? 
primary 'Manoharan, M.' 6 ? 
primary 'Egli, M.'      7 ? 
# 
_cell.entry_id           2FIJ 
_cell.length_a           32.277 
_cell.length_b           32.469 
_cell.length_c           66.749 
_cell.angle_alpha        90.00 
_cell.angle_beta         90.00 
_cell.angle_gamma        90.00 
_cell.Z_PDB              8 
_cell.pdbx_unique_axis   ? 
_cell.length_a_esd       ? 
_cell.length_b_esd       ? 
_cell.length_c_esd       ? 
_cell.angle_alpha_esd    ? 
_cell.angle_beta_esd     ? 
_cell.angle_gamma_esd    ? 
# 
_symmetry.entry_id                         2FIJ 
_symmetry.space_group_name_H-M             'P 21 21 21' 
_symmetry.pdbx_full_space_group_name_H-M   ? 
_symmetry.cell_setting                     ? 
_symmetry.Int_Tables_number                19 
_symmetry.space_group_name_Hall            ? 
# 
loop_
_entity.id 
_entity.type 
_entity.src_method 
_entity.pdbx_description 
_entity.formula_weight 
_entity.pdbx_number_of_molecules 
_entity.pdbx_ec 
_entity.pdbx_mutation 
_entity.pdbx_fragment 
_entity.details 
1 polymer     syn "5'-D(*GP*CP*GP*TP*(A2M)P*(UAR)P*AP*CP*GP*C)-3'" 3077.004 2   ? 
;2'-Methylation at A5 and incorperated arabino-U at position 6
;
? ? 
2 non-polymer syn 'CHLORIDE ION'                                   35.453   1   ? ? ? ? 
3 non-polymer syn 'COBALT HEXAMMINE(III)'                          161.116  3   ? ? ? ? 
4 water       nat water                                            18.015   128 ? ? ? ? 
# 
_entity_poly.entity_id                      1 
_entity_poly.type                           polydeoxyribonucleotide 
_entity_poly.nstd_linkage                   no 
_entity_poly.nstd_monomer                   yes 
_entity_poly.pdbx_seq_one_letter_code       '(DG)(DC)(DG)(DT)(A2M)(UAR)(DA)(DC)(DG)(DC)' 
_entity_poly.pdbx_seq_one_letter_code_can   GCGTAUACGC 
_entity_poly.pdbx_strand_id                 A,B 
_entity_poly.pdbx_target_identifier         ? 
# 
loop_
_entity_poly_seq.entity_id 
_entity_poly_seq.num 
_entity_poly_seq.mon_id 
_entity_poly_seq.hetero 
1 1  DG  n 
1 2  DC  n 
1 3  DG  n 
1 4  DT  n 
1 5  A2M n 
1 6  UAR n 
1 7  DA  n 
1 8  DC  n 
1 9  DG  n 
1 10 DC  n 
# 
_struct_ref.id                         1 
_struct_ref.entity_id                  1 
_struct_ref.db_name                    PDB 
_struct_ref.db_code                    2FIJ 
_struct_ref.pdbx_db_accession          2FIJ 
_struct_ref.pdbx_align_begin           ? 
_struct_ref.pdbx_seq_one_letter_code   ? 
_struct_ref.pdbx_db_isoform            ? 
# 
loop_
_struct_ref_seq.align_id 
_struct_ref_seq.ref_id 
_struct_ref_seq.pdbx_PDB_id_code 
_struct_ref_seq.pdbx_strand_id 
_struct_ref_seq.seq_align_beg 
_struct_ref_seq.pdbx_seq_align_beg_ins_code 
_struct_ref_seq.seq_align_end 
_struct_ref_seq.pdbx_seq_align_end_ins_code 
_struct_ref_seq.pdbx_db_accession 
_struct_ref_seq.db_align_beg 
_struct_ref_seq.pdbx_db_align_beg_ins_code 
_struct_ref_seq.db_align_end 
_struct_ref_seq.pdbx_db_align_end_ins_code 
_struct_ref_seq.pdbx_auth_seq_align_beg 
_struct_ref_seq.pdbx_auth_seq_align_end 
1 1 2FIJ A 1 ? 10 ? 2FIJ 1  ? 10 ? 1  10 
2 1 2FIJ B 1 ? 10 ? 2FIJ 11 ? 20 ? 11 20 
# 
loop_
_chem_comp.id 
_chem_comp.type 
_chem_comp.mon_nstd_flag 
_chem_comp.name 
_chem_comp.pdbx_synonyms 
_chem_comp.formula 
_chem_comp.formula_weight 
A2M 'RNA linking' n 
;2'-O-methyladenosine 5'-(dihydrogen phosphate)
;
? 'C11 H16 N5 O7 P' 361.248 
CL  non-polymer   . 'CHLORIDE ION'                                   ? 'Cl -1'           35.453  
DA  'DNA linking' y "2'-DEOXYADENOSINE-5'-MONOPHOSPHATE"             ? 'C10 H14 N5 O6 P' 331.222 
DC  'DNA linking' y "2'-DEOXYCYTIDINE-5'-MONOPHOSPHATE"              ? 'C9 H14 N3 O7 P'  307.197 
DG  'DNA linking' y "2'-DEOXYGUANOSINE-5'-MONOPHOSPHATE"             ? 'C10 H14 N5 O7 P' 347.221 
DT  'DNA linking' y "THYMIDINE-5'-MONOPHOSPHATE"                     ? 'C10 H15 N2 O8 P' 322.208 
HOH non-polymer   . WATER                                            ? 'H2 O'            18.015  
NCO non-polymer   . 'COBALT HEXAMMINE(III)'                          ? 'Co H18 N6 3'     161.116 
UAR 'RNA linking' n 
;URACIL ARABINOSE-5'-PHOSPHATE
;
? 'C9 H13 N2 O9 P'  324.181 
# 
_exptl.entry_id          2FIJ 
_exptl.method            'X-RAY DIFFRACTION' 
_exptl.crystals_number   1 
# 
_exptl_crystal.id                    1 
_exptl_crystal.density_meas          ? 
_exptl_crystal.density_Matthews      2.74 
_exptl_crystal.density_percent_sol   55.14 
_exptl_crystal.description           ? 
_exptl_crystal.F_000                 ? 
_exptl_crystal.preparation           ? 
# 
_exptl_crystal_grow.crystal_id      1 
_exptl_crystal_grow.method          'VAPOR DIFFUSION, HANGING DROP' 
_exptl_crystal_grow.temp            291 
_exptl_crystal_grow.temp_details    ? 
_exptl_crystal_grow.pH              5.5 
_exptl_crystal_grow.pdbx_details    
;Final droplet composition: 1 mM oligonucleotide, 10% MPD, 20 mM sodium cacodylate, pH 5.5, 10 mM cobalt hexamine, 20 mM LiCl and 10 mM MgCl2., VAPOR DIFFUSION, HANGING DROP, temperature 291K
;
_exptl_crystal_grow.pdbx_pH_range   . 
# 
loop_
_exptl_crystal_grow_comp.crystal_id 
_exptl_crystal_grow_comp.id 
_exptl_crystal_grow_comp.sol_id 
_exptl_crystal_grow_comp.name 
_exptl_crystal_grow_comp.volume 
_exptl_crystal_grow_comp.conc 
_exptl_crystal_grow_comp.details 
1 1  1 MPD                 ? ? ? 
1 2  1 'sodium cacodylate' ? ? ? 
1 3  1 'cobalt hexamine'   ? ? ? 
1 4  1 LiCl                ? ? ? 
1 5  1 MgCl2               ? ? ? 
1 6  1 H2O                 ? ? ? 
1 7  2 MPD                 ? ? ? 
1 8  2 'sodium cacodylate' ? ? ? 
1 9  2 'cobalt hexamine'   ? ? ? 
1 10 2 LiCl                ? ? ? 
1 11 2 MgCl2               ? ? ? 
1 12 2 H2O                 ? ? ? 
# 
_diffrn.id                     1 
_diffrn.ambient_temp           103 
_diffrn.ambient_temp_details   ? 
_diffrn.crystal_id             1 
# 
_diffrn_detector.diffrn_id              1 
_diffrn_detector.detector               CCD 
_diffrn_detector.type                   MARRESEARCH 
_diffrn_detector.pdbx_collection_date   2003-06-21 
_diffrn_detector.details                ? 
# 
_diffrn_radiation.diffrn_id                        1 
_diffrn_radiation.wavelength_id                    1 
_diffrn_radiation.pdbx_monochromatic_or_laue_m_l   M 
_diffrn_radiation.monochromator                    ? 
_diffrn_radiation.pdbx_diffrn_protocol             'SINGLE WAVELENGTH' 
_diffrn_radiation.pdbx_scattering_type             x-ray 
# 
_diffrn_radiation_wavelength.id           1 
_diffrn_radiation_wavelength.wavelength   1.60914 
_diffrn_radiation_wavelength.wt           1.0 
# 
_diffrn_source.diffrn_id                   1 
_diffrn_source.source                      SYNCHROTRON 
_diffrn_source.type                        'APS BEAMLINE 5ID-B' 
_diffrn_source.pdbx_synchrotron_site       APS 
_diffrn_source.pdbx_synchrotron_beamline   5ID-B 
_diffrn_source.pdbx_wavelength             ? 
_diffrn_source.pdbx_wavelength_list        1.60914 
# 
_reflns.entry_id                     2FIJ 
_reflns.observed_criterion_sigma_I   0.0 
_reflns.observed_criterion_sigma_F   0.0 
_reflns.d_resolution_low             33.37 
_reflns.d_resolution_high            1.19 
_reflns.number_obs                   21724 
_reflns.number_all                   21724 
_reflns.percent_possible_obs         93.7 
_reflns.pdbx_Rmerge_I_obs            0.063 
_reflns.pdbx_Rsym_value              ? 
_reflns.pdbx_netI_over_sigmaI        13.4 
_reflns.B_iso_Wilson_estimate        ? 
_reflns.pdbx_redundancy              ? 
_reflns.R_free_details               ? 
_reflns.pdbx_chi_squared             ? 
_reflns.pdbx_scaling_rejects         ? 
_reflns.pdbx_ordinal                 1 
_reflns.pdbx_diffrn_id               1 
# 
_reflns_shell.d_res_high             1.19 
_reflns_shell.d_res_low              1.27 
_reflns_shell.percent_possible_all   91.0 
_reflns_shell.Rmerge_I_obs           0.29 
_reflns_shell.pdbx_Rsym_value        ? 
_reflns_shell.meanI_over_sigI_obs    3.7 
_reflns_shell.pdbx_redundancy        ? 
_reflns_shell.percent_possible_obs   ? 
_reflns_shell.number_unique_all      4020 
_reflns_shell.number_measured_all    ? 
_reflns_shell.number_measured_obs    ? 
_reflns_shell.number_unique_obs      ? 
_reflns_shell.pdbx_chi_squared       ? 
_reflns_shell.pdbx_ordinal           1 
_reflns_shell.pdbx_diffrn_id         1 
# 
_refine.entry_id                                 2FIJ 
_refine.ls_number_reflns_obs                     21724 
_refine.ls_number_reflns_all                     21724 
_refine.pdbx_ls_sigma_I                          ? 
_refine.pdbx_ls_sigma_F                          ? 
_refine.pdbx_data_cutoff_high_absF               ? 
_refine.pdbx_data_cutoff_low_absF                ? 
_refine.pdbx_data_cutoff_high_rms_absF           ? 
_refine.ls_d_res_low                             33.37 
_refine.ls_d_res_high                            1.19 
_refine.ls_percent_reflns_obs                    93.69 
_refine.ls_R_factor_obs                          0.15856 
_refine.ls_R_factor_all                          0.15856 
_refine.ls_R_factor_R_work                       0.15736 
_refine.ls_R_factor_R_free                       0.16922 
_refine.ls_R_factor_R_free_error                 ? 
_refine.ls_R_factor_R_free_error_details         ? 
_refine.ls_percent_reflns_R_free                 10.2 
_refine.ls_number_reflns_R_free                  2208 
_refine.ls_number_parameters                     ? 
_refine.ls_number_restraints                     ? 
_refine.occupancy_min                            ? 
_refine.occupancy_max                            ? 
_refine.correlation_coeff_Fo_to_Fc               0.973 
_refine.correlation_coeff_Fo_to_Fc_free          0.974 
_refine.B_iso_mean                               12.888 
_refine.aniso_B[1][1]                            0.14 
_refine.aniso_B[2][2]                            0.18 
_refine.aniso_B[3][3]                            -0.32 
_refine.aniso_B[1][2]                            0.00 
_refine.aniso_B[1][3]                            0.00 
_refine.aniso_B[2][3]                            0.00 
_refine.solvent_model_details                    'BABINET MODEL WITH MASK' 
_refine.solvent_model_param_ksol                 ? 
_refine.solvent_model_param_bsol                 ? 
_refine.pdbx_solvent_vdw_probe_radii             1.20 
_refine.pdbx_solvent_ion_probe_radii             0.80 
_refine.pdbx_solvent_shrinkage_radii             0.80 
_refine.pdbx_ls_cross_valid_method               THROUGHOUT 
_refine.details                                  'HYDROGENS HAVE BEEN ADDED IN THE RIDING POSITIONS' 
_refine.pdbx_starting_model                      'NDB entry AD0007/PDB entry 1DPL' 
_refine.pdbx_method_to_determine_struct          'MOLECULAR REPLACEMENT' 
_refine.pdbx_isotropic_thermal_model             ? 
_refine.pdbx_stereochemistry_target_values       'MAXIMUM LIKELIHOOD' 
_refine.pdbx_stereochem_target_val_spec_case     ? 
_refine.pdbx_R_Free_selection_details            RANDOM 
_refine.pdbx_overall_ESU_R                       0.039 
_refine.pdbx_overall_ESU_R_Free                  0.036 
_refine.overall_SU_ML                            0.022 
_refine.overall_SU_B                             1.083 
_refine.ls_redundancy_reflns_obs                 ? 
_refine.overall_SU_R_Cruickshank_DPI             ? 
_refine.overall_SU_R_free                        ? 
_refine.ls_wR_factor_R_free                      ? 
_refine.ls_wR_factor_R_work                      ? 
_refine.overall_FOM_free_R_set                   ? 
_refine.overall_FOM_work_R_set                   ? 
_refine.pdbx_refine_id                           'X-RAY DIFFRACTION' 
_refine.pdbx_diffrn_id                           1 
_refine.pdbx_overall_phase_error                 ? 
_refine.pdbx_TLS_residual_ADP_flag               ? 
_refine.pdbx_overall_SU_R_free_Cruickshank_DPI   ? 
_refine.pdbx_overall_SU_R_Blow_DPI               ? 
_refine.pdbx_overall_SU_R_free_Blow_DPI          ? 
# 
_refine_hist.pdbx_refine_id                   'X-RAY DIFFRACTION' 
_refine_hist.cycle_id                         LAST 
_refine_hist.pdbx_number_atoms_protein        0 
_refine_hist.pdbx_number_atoms_nucleic_acid   408 
_refine_hist.pdbx_number_atoms_ligand         22 
_refine_hist.number_atoms_solvent             128 
_refine_hist.number_atoms_total               558 
_refine_hist.d_res_high                       1.19 
_refine_hist.d_res_low                        33.37 
# 
loop_
_refine_ls_restr.type 
_refine_ls_restr.dev_ideal 
_refine_ls_restr.dev_ideal_target 
_refine_ls_restr.weight 
_refine_ls_restr.number 
_refine_ls_restr.pdbx_refine_id 
_refine_ls_restr.pdbx_restraint_function 
r_bond_refined_d         0.007 0.021 ? 468 'X-RAY DIFFRACTION' ? 
r_bond_other_d           0.001 0.020 ? 201 'X-RAY DIFFRACTION' ? 
r_angle_refined_deg      1.260 3.000 ? 721 'X-RAY DIFFRACTION' ? 
r_angle_other_deg        1.145 3.000 ? 494 'X-RAY DIFFRACTION' ? 
r_chiral_restr           0.062 0.200 ? 80  'X-RAY DIFFRACTION' ? 
r_gen_planes_refined     0.015 0.020 ? 206 'X-RAY DIFFRACTION' ? 
r_nbd_refined            0.537 0.200 ? 86  'X-RAY DIFFRACTION' ? 
r_nbd_other              0.246 0.200 ? 244 'X-RAY DIFFRACTION' ? 
r_nbtor_refined          0.261 0.200 ? 155 'X-RAY DIFFRACTION' ? 
r_nbtor_other            0.088 0.200 ? 96  'X-RAY DIFFRACTION' ? 
r_xyhbond_nbd_refined    0.138 0.200 ? 127 'X-RAY DIFFRACTION' ? 
r_symmetry_vdw_refined   0.171 0.200 ? 2   'X-RAY DIFFRACTION' ? 
r_symmetry_vdw_other     0.224 0.200 ? 19  'X-RAY DIFFRACTION' ? 
r_symmetry_hbond_refined 0.103 0.200 ? 24  'X-RAY DIFFRACTION' ? 
r_scbond_it              2.088 3.000 ? 673 'X-RAY DIFFRACTION' ? 
r_scangle_it             2.576 4.500 ? 712 'X-RAY DIFFRACTION' ? 
# 
_refine_ls_shell.pdbx_total_number_of_bins_used   20 
_refine_ls_shell.d_res_high                       1.190 
_refine_ls_shell.d_res_low                        1.221 
_refine_ls_shell.number_reflns_R_work             1334 
_refine_ls_shell.R_factor_R_work                  0.241 
_refine_ls_shell.percent_reflns_obs               90.42 
_refine_ls_shell.R_factor_R_free                  0.232 
_refine_ls_shell.R_factor_R_free_error            ? 
_refine_ls_shell.percent_reflns_R_free            ? 
_refine_ls_shell.number_reflns_R_free             167 
_refine_ls_shell.number_reflns_all                ? 
_refine_ls_shell.R_factor_all                     ? 
_refine_ls_shell.number_reflns_obs                ? 
_refine_ls_shell.redundancy_reflns_obs            ? 
_refine_ls_shell.pdbx_refine_id                   'X-RAY DIFFRACTION' 
# 
_struct.entry_id                  2FIJ 
_struct.title                     
;Crystal Structure Analysis of the A-DNA Decamer GCGT-2'OMeA-aU-ACGC, with Incorporated 2'-O-Methylated-Adenosine (2'OMeA) and Arabino-Uridine (aU)
;
_struct.pdbx_model_details        ? 
_struct.pdbx_CASP_flag            ? 
_struct.pdbx_model_type_details   ? 
# 
_struct_keywords.entry_id        2FIJ 
_struct_keywords.pdbx_keywords   DNA 
_struct_keywords.text            'Arabinonucleic Acid, Sugar Modifications, A-form DNA, DNA' 
# 
loop_
_struct_asym.id 
_struct_asym.pdbx_blank_PDB_chainid_flag 
_struct_asym.pdbx_modified 
_struct_asym.entity_id 
_struct_asym.details 
A N N 1 ? 
B N N 1 ? 
C N N 2 ? 
D N N 3 ? 
E N N 3 ? 
F N N 3 ? 
G N N 4 ? 
H N N 4 ? 
# 
_struct_biol.id                    1 
_struct_biol.details               
'The biological assembly is a duplex and corresponds to the crystallographic asymmetric unit, hence no symmetry operators are needed' 
_struct_biol.pdbx_parent_biol_id   ? 
# 
loop_
_struct_conn.id 
_struct_conn.conn_type_id 
_struct_conn.pdbx_leaving_atom_flag 
_struct_conn.pdbx_PDB_id 
_struct_conn.ptnr1_label_asym_id 
_struct_conn.ptnr1_label_comp_id 
_struct_conn.ptnr1_label_seq_id 
_struct_conn.ptnr1_label_atom_id 
_struct_conn.pdbx_ptnr1_label_alt_id 
_struct_conn.pdbx_ptnr1_PDB_ins_code 
_struct_conn.pdbx_ptnr1_standard_comp_id 
_struct_conn.ptnr1_symmetry 
_struct_conn.ptnr2_label_asym_id 
_struct_conn.ptnr2_label_comp_id 
_struct_conn.ptnr2_label_seq_id 
_struct_conn.ptnr2_label_atom_id 
_struct_conn.pdbx_ptnr2_label_alt_id 
_struct_conn.pdbx_ptnr2_PDB_ins_code 
_struct_conn.ptnr1_auth_asym_id 
_struct_conn.ptnr1_auth_comp_id 
_struct_conn.ptnr1_auth_seq_id 
_struct_conn.ptnr2_auth_asym_id 
_struct_conn.ptnr2_auth_comp_id 
_struct_conn.ptnr2_auth_seq_id 
_struct_conn.ptnr2_symmetry 
_struct_conn.pdbx_ptnr3_label_atom_id 
_struct_conn.pdbx_ptnr3_label_seq_id 
_struct_conn.pdbx_ptnr3_label_comp_id 
_struct_conn.pdbx_ptnr3_label_asym_id 
_struct_conn.pdbx_ptnr3_label_alt_id 
_struct_conn.pdbx_ptnr3_PDB_ins_code 
_struct_conn.details 
_struct_conn.pdbx_dist_value 
_struct_conn.pdbx_value_order 
_struct_conn.pdbx_role 
covale1  covale both ? A DT  4  "O3'" ? ? ? 1_555 A A2M 5  P  ? ? A DT  4  A A2M 5  1_555 ? ? ? ? ? ? ?            1.640 ? ? 
covale2  covale one  ? A A2M 5  "O3'" ? ? ? 1_555 A UAR 6  P  ? ? A A2M 5  A UAR 6  1_555 ? ? ? ? ? ? ?            1.618 ? ? 
covale3  covale both ? A UAR 6  "O3'" ? ? ? 1_555 A DA  7  P  ? ? A UAR 6  A DA  7  1_555 ? ? ? ? ? ? ?            1.810 ? ? 
covale4  covale both ? B DT  4  "O3'" ? ? ? 1_555 B A2M 5  P  ? ? B DT  14 B A2M 15 1_555 ? ? ? ? ? ? ?            1.629 ? ? 
covale5  covale one  ? B A2M 5  "O3'" ? ? ? 1_555 B UAR 6  P  ? ? B A2M 15 B UAR 16 1_555 ? ? ? ? ? ? ?            1.628 ? ? 
covale6  covale both ? B UAR 6  "O3'" ? ? ? 1_555 B DA  7  P  ? ? B UAR 16 B DA  17 1_555 ? ? ? ? ? ? ?            1.836 ? ? 
hydrog1  hydrog ?    ? A DG  1  N1    ? ? ? 1_555 B DC  10 N3 ? ? A DG  1  B DC  20 1_555 ? ? ? ? ? ? WATSON-CRICK ?     ? ? 
hydrog2  hydrog ?    ? A DG  1  N2    ? ? ? 1_555 B DC  10 O2 ? ? A DG  1  B DC  20 1_555 ? ? ? ? ? ? WATSON-CRICK ?     ? ? 
hydrog3  hydrog ?    ? A DG  1  O6    ? ? ? 1_555 B DC  10 N4 ? ? A DG  1  B DC  20 1_555 ? ? ? ? ? ? WATSON-CRICK ?     ? ? 
hydrog4  hydrog ?    ? A DC  2  N3    ? ? ? 1_555 B DG  9  N1 ? ? A DC  2  B DG  19 1_555 ? ? ? ? ? ? WATSON-CRICK ?     ? ? 
hydrog5  hydrog ?    ? A DC  2  N4    ? ? ? 1_555 B DG  9  O6 ? ? A DC  2  B DG  19 1_555 ? ? ? ? ? ? WATSON-CRICK ?     ? ? 
hydrog6  hydrog ?    ? A DC  2  O2    ? ? ? 1_555 B DG  9  N2 ? ? A DC  2  B DG  19 1_555 ? ? ? ? ? ? WATSON-CRICK ?     ? ? 
hydrog7  hydrog ?    ? A DG  3  N1    ? ? ? 1_555 B DC  8  N3 ? ? A DG  3  B DC  18 1_555 ? ? ? ? ? ? WATSON-CRICK ?     ? ? 
hydrog8  hydrog ?    ? A DG  3  N2    ? ? ? 1_555 B DC  8  O2 ? ? A DG  3  B DC  18 1_555 ? ? ? ? ? ? WATSON-CRICK ?     ? ? 
hydrog9  hydrog ?    ? A DG  3  O6    ? ? ? 1_555 B DC  8  N4 ? ? A DG  3  B DC  18 1_555 ? ? ? ? ? ? WATSON-CRICK ?     ? ? 
hydrog10 hydrog ?    ? A DT  4  N3    ? ? ? 1_555 B DA  7  N1 ? ? A DT  4  B DA  17 1_555 ? ? ? ? ? ? WATSON-CRICK ?     ? ? 
hydrog11 hydrog ?    ? A DT  4  O4    ? ? ? 1_555 B DA  7  N6 ? ? A DT  4  B DA  17 1_555 ? ? ? ? ? ? WATSON-CRICK ?     ? ? 
hydrog12 hydrog ?    ? A A2M 5  N1    ? ? ? 1_555 B UAR 6  N3 ? ? A A2M 5  B UAR 16 1_555 ? ? ? ? ? ? WATSON-CRICK ?     ? ? 
hydrog13 hydrog ?    ? A A2M 5  N6    ? ? ? 1_555 B UAR 6  O4 ? ? A A2M 5  B UAR 16 1_555 ? ? ? ? ? ? WATSON-CRICK ?     ? ? 
hydrog14 hydrog ?    ? A UAR 6  N3    ? ? ? 1_555 B A2M 5  N1 ? ? A UAR 6  B A2M 15 1_555 ? ? ? ? ? ? WATSON-CRICK ?     ? ? 
hydrog15 hydrog ?    ? A UAR 6  O4    ? ? ? 1_555 B A2M 5  N6 ? ? A UAR 6  B A2M 15 1_555 ? ? ? ? ? ? WATSON-CRICK ?     ? ? 
hydrog16 hydrog ?    ? A DA  7  N1    ? ? ? 1_555 B DT  4  N3 ? ? A DA  7  B DT  14 1_555 ? ? ? ? ? ? WATSON-CRICK ?     ? ? 
hydrog17 hydrog ?    ? A DA  7  N6    ? ? ? 1_555 B DT  4  O4 ? ? A DA  7  B DT  14 1_555 ? ? ? ? ? ? WATSON-CRICK ?     ? ? 
hydrog18 hydrog ?    ? A DC  8  N3    ? ? ? 1_555 B DG  3  N1 ? ? A DC  8  B DG  13 1_555 ? ? ? ? ? ? WATSON-CRICK ?     ? ? 
hydrog19 hydrog ?    ? A DC  8  N4    ? ? ? 1_555 B DG  3  O6 ? ? A DC  8  B DG  13 1_555 ? ? ? ? ? ? WATSON-CRICK ?     ? ? 
hydrog20 hydrog ?    ? A DC  8  O2    ? ? ? 1_555 B DG  3  N2 ? ? A DC  8  B DG  13 1_555 ? ? ? ? ? ? WATSON-CRICK ?     ? ? 
hydrog21 hydrog ?    ? A DG  9  N1    ? ? ? 1_555 B DC  2  N3 ? ? A DG  9  B DC  12 1_555 ? ? ? ? ? ? WATSON-CRICK ?     ? ? 
hydrog22 hydrog ?    ? A DG  9  N2    ? ? ? 1_555 B DC  2  O2 ? ? A DG  9  B DC  12 1_555 ? ? ? ? ? ? WATSON-CRICK ?     ? ? 
hydrog23 hydrog ?    ? A DG  9  O6    ? ? ? 1_555 B DC  2  N4 ? ? A DG  9  B DC  12 1_555 ? ? ? ? ? ? WATSON-CRICK ?     ? ? 
hydrog24 hydrog ?    ? A DC  10 N3    ? ? ? 1_555 B DG  1  N1 ? ? A DC  10 B DG  11 1_555 ? ? ? ? ? ? WATSON-CRICK ?     ? ? 
hydrog25 hydrog ?    ? A DC  10 N4    ? ? ? 1_555 B DG  1  O6 ? ? A DC  10 B DG  11 1_555 ? ? ? ? ? ? WATSON-CRICK ?     ? ? 
hydrog26 hydrog ?    ? A DC  10 O2    ? ? ? 1_555 B DG  1  N2 ? ? A DC  10 B DG  11 1_555 ? ? ? ? ? ? WATSON-CRICK ?     ? ? 
# 
loop_
_struct_conn_type.id 
_struct_conn_type.criteria 
_struct_conn_type.reference 
covale ? ? 
hydrog ? ? 
# 
loop_
_struct_site.id 
_struct_site.pdbx_evidence_code 
_struct_site.pdbx_auth_asym_id 
_struct_site.pdbx_auth_comp_id 
_struct_site.pdbx_auth_seq_id 
_struct_site.pdbx_auth_ins_code 
_struct_site.pdbx_num_residues 
_struct_site.details 
AC1 Software A CL  101  ? 4  'BINDING SITE FOR RESIDUE CL A 101'   
AC2 Software A NCO 2211 ? 12 'BINDING SITE FOR RESIDUE NCO A 2211' 
AC3 Software B NCO 2212 ? 12 'BINDING SITE FOR RESIDUE NCO B 2212' 
AC4 Software A NCO 2213 ? 13 'BINDING SITE FOR RESIDUE NCO A 2213' 
# 
loop_
_struct_site_gen.id 
_struct_site_gen.site_id 
_struct_site_gen.pdbx_num_res 
_struct_site_gen.label_comp_id 
_struct_site_gen.label_asym_id 
_struct_site_gen.label_seq_id 
_struct_site_gen.pdbx_auth_ins_code 
_struct_site_gen.auth_comp_id 
_struct_site_gen.auth_asym_id 
_struct_site_gen.auth_seq_id 
_struct_site_gen.label_atom_id 
_struct_site_gen.label_alt_id 
_struct_site_gen.symmetry 
_struct_site_gen.details 
1  AC1 4  A2M A 5 ? A2M A 5    . ? 1_555 ? 
2  AC1 4  NCO E . ? NCO A 2213 . ? 1_555 ? 
3  AC1 4  A2M B 5 ? A2M B 15   . ? 1_555 ? 
4  AC1 4  NCO F . ? NCO B 2212 . ? 1_555 ? 
5  AC2 12 DC  A 2 ? DC  A 2    . ? 1_555 ? 
6  AC2 12 DG  A 3 ? DG  A 3    . ? 1_555 ? 
7  AC2 12 DC  A 8 ? DC  A 8    . ? 4_566 ? 
8  AC2 12 DG  A 9 ? DG  A 9    . ? 4_566 ? 
9  AC2 12 HOH G . ? HOH A 123  . ? 1_555 ? 
10 AC2 12 HOH G . ? HOH A 183  . ? 1_555 ? 
11 AC2 12 HOH G . ? HOH A 186  . ? 1_555 ? 
12 AC2 12 DC  B 2 ? DC  B 12   . ? 1_555 ? 
13 AC2 12 DG  B 3 ? DG  B 13   . ? 1_555 ? 
14 AC2 12 DC  B 8 ? DC  B 18   . ? 3_745 ? 
15 AC2 12 DG  B 9 ? DG  B 19   . ? 3_745 ? 
16 AC2 12 HOH H . ? HOH B 170  . ? 1_555 ? 
17 AC3 12 DT  A 4 ? DT  A 4    . ? 1_555 ? 
18 AC3 12 UAR A 6 ? UAR A 6    . ? 1_555 ? 
19 AC3 12 DA  A 7 ? DA  A 7    . ? 1_555 ? 
20 AC3 12 CL  C . ? CL  A 101  . ? 1_555 ? 
21 AC3 12 HOH G . ? HOH A 106  . ? 1_555 ? 
22 AC3 12 HOH G . ? HOH A 160  . ? 1_555 ? 
23 AC3 12 HOH G . ? HOH A 218  . ? 1_555 ? 
24 AC3 12 DC  B 2 ? DC  B 12   . ? 1_555 ? 
25 AC3 12 DG  B 3 ? DG  B 13   . ? 1_555 ? 
26 AC3 12 DT  B 4 ? DT  B 14   . ? 1_555 ? 
27 AC3 12 HOH H . ? HOH B 104  . ? 1_555 ? 
28 AC3 12 HOH H . ? HOH B 158  . ? 1_555 ? 
29 AC4 13 DC  A 2 ? DC  A 2    . ? 1_555 ? 
30 AC4 13 DG  A 3 ? DG  A 3    . ? 1_555 ? 
31 AC4 13 DT  A 4 ? DT  A 4    . ? 1_555 ? 
32 AC4 13 CL  C . ? CL  A 101  . ? 1_555 ? 
33 AC4 13 HOH G . ? HOH A 102  . ? 1_555 ? 
34 AC4 13 HOH G . ? HOH A 110  . ? 1_555 ? 
35 AC4 13 HOH G . ? HOH A 140  . ? 1_555 ? 
36 AC4 13 DT  B 4 ? DT  B 14   . ? 1_555 ? 
37 AC4 13 UAR B 6 ? UAR B 16   . ? 1_555 ? 
38 AC4 13 DA  B 7 ? DA  B 17   . ? 1_555 ? 
39 AC4 13 HOH H . ? HOH B 111  . ? 1_555 ? 
40 AC4 13 HOH H . ? HOH B 174  . ? 1_555 ? 
41 AC4 13 HOH H . ? HOH B 228  . ? 1_555 ? 
# 
_atom_sites.entry_id                    2FIJ 
_atom_sites.fract_transf_matrix[1][1]   -0.02293370 
_atom_sites.fract_transf_matrix[1][2]   0.01767679 
_atom_sites.fract_transf_matrix[1][3]   0.01102094 
_atom_sites.fract_transf_matrix[2][1]   0.01308872 
_atom_sites.fract_transf_matrix[2][2]   0.02485500 
_atom_sites.fract_transf_matrix[2][3]   -0.01262903 
_atom_sites.fract_transf_matrix[3][1]   -0.00780542 
_atom_sites.fract_transf_matrix[3][2]   -0.00228245 
_atom_sites.fract_transf_matrix[3][3]   -0.01258158 
_atom_sites.fract_transf_vector[1]      0.954641 
_atom_sites.fract_transf_vector[2]      0.793897 
_atom_sites.fract_transf_vector[3]      0.375714 
# 
loop_
_atom_type.symbol 
C  
CL 
CO 
N  
O  
P  
# 
loop_
_atom_site.group_PDB 
_atom_site.id 
_atom_site.type_symbol 
_atom_site.label_atom_id 
_atom_site.label_alt_id 
_atom_site.label_comp_id 
_atom_site.label_asym_id 
_atom_site.label_entity_id 
_atom_site.label_seq_id 
_atom_site.pdbx_PDB_ins_code 
_atom_site.Cartn_x 
_atom_site.Cartn_y 
_atom_site.Cartn_z 
_atom_site.occupancy 
_atom_site.B_iso_or_equiv 
_atom_site.pdbx_formal_charge 
_atom_site.auth_seq_id 
_atom_site.auth_comp_id 
_atom_site.auth_asym_id 
_atom_site.auth_atom_id 
_atom_site.pdbx_PDB_model_num 
ATOM   1   O  "O5'" . DG  A 1 1  ? -1.614  -7.400  8.436   1.00 20.61  ? 1    DG  A "O5'" 1 
ATOM   2   C  "C5'" . DG  A 1 1  ? -2.857  -7.672  9.056   1.00 18.98  ? 1    DG  A "C5'" 1 
ATOM   3   C  "C4'" . DG  A 1 1  ? -3.137  -6.690  10.178  1.00 16.35  ? 1    DG  A "C4'" 1 
ATOM   4   O  "O4'" . DG  A 1 1  ? -2.122  -6.800  11.206  1.00 15.14  ? 1    DG  A "O4'" 1 
ATOM   5   C  "C3'" . DG  A 1 1  ? -3.137  -5.224  9.773   1.00 13.96  ? 1    DG  A "C3'" 1 
ATOM   6   O  "O3'" . DG  A 1 1  ? -4.415  -4.862  9.317   1.00 13.48  ? 1    DG  A "O3'" 1 
ATOM   7   C  "C2'" . DG  A 1 1  ? -2.752  -4.527  11.069  1.00 14.34  ? 1    DG  A "C2'" 1 
ATOM   8   C  "C1'" . DG  A 1 1  ? -1.771  -5.516  11.683  1.00 14.47  ? 1    DG  A "C1'" 1 
ATOM   9   N  N9    . DG  A 1 1  ? -0.366  -5.291  11.355  1.00 14.13  ? 1    DG  A N9    1 
ATOM   10  C  C8    . DG  A 1 1  ? 0.497   -6.177  10.754  1.00 14.30  ? 1    DG  A C8    1 
ATOM   11  N  N7    . DG  A 1 1  ? 1.708   -5.715  10.626  1.00 14.97  ? 1    DG  A N7    1 
ATOM   12  C  C5    . DG  A 1 1  ? 1.653   -4.445  11.184  1.00 14.05  ? 1    DG  A C5    1 
ATOM   13  C  C6    . DG  A 1 1  ? 2.666   -3.466  11.336  1.00 13.96  ? 1    DG  A C6    1 
ATOM   14  O  O6    . DG  A 1 1  ? 3.858   -3.524  11.000  1.00 14.74  ? 1    DG  A O6    1 
ATOM   15  N  N1    . DG  A 1 1  ? 2.184   -2.308  11.939  1.00 13.61  ? 1    DG  A N1    1 
ATOM   16  C  C2    . DG  A 1 1  ? 0.896   -2.137  12.371  1.00 13.44  ? 1    DG  A C2    1 
ATOM   17  N  N2    . DG  A 1 1  ? 0.622   -0.959  12.948  1.00 13.64  ? 1    DG  A N2    1 
ATOM   18  N  N3    . DG  A 1 1  ? -0.060  -3.049  12.249  1.00 12.80  ? 1    DG  A N3    1 
ATOM   19  C  C4    . DG  A 1 1  ? 0.384   -4.173  11.642  1.00 13.25  ? 1    DG  A C4    1 
ATOM   20  P  P     . DC  A 1 2  ? -4.556  -3.771  8.165   1.00 13.10  ? 2    DC  A P     1 
ATOM   21  O  OP1   . DC  A 1 2  ? -6.007  -3.630  7.921   1.00 14.69  ? 2    DC  A OP1   1 
ATOM   22  O  OP2   . DC  A 1 2  ? -3.632  -4.087  7.054   1.00 13.77  ? 2    DC  A OP2   1 
ATOM   23  O  "O5'" . DC  A 1 2  ? -3.997  -2.448  8.866   1.00 13.23  ? 2    DC  A "O5'" 1 
ATOM   24  C  "C5'" . DC  A 1 2  ? -4.765  -1.777  9.845   1.00 12.30  ? 2    DC  A "C5'" 1 
ATOM   25  C  "C4'" . DC  A 1 2  ? -4.094  -0.476  10.225  1.00 12.38  ? 2    DC  A "C4'" 1 
ATOM   26  O  "O4'" . DC  A 1 2  ? -2.860  -0.743  10.919  1.00 12.52  ? 2    DC  A "O4'" 1 
ATOM   27  C  "C3'" . DC  A 1 2  ? -3.680  0.390   9.051   1.00 12.13  ? 2    DC  A "C3'" 1 
ATOM   28  O  "O3'" . DC  A 1 2  ? -4.789  1.095   8.543   1.00 13.55  ? 2    DC  A "O3'" 1 
ATOM   29  C  "C2'" . DC  A 1 2  ? -2.656  1.286   9.715   1.00 11.97  ? 2    DC  A "C2'" 1 
ATOM   30  C  "C1'" . DC  A 1 2  ? -1.927  0.260   10.563  1.00 11.62  ? 2    DC  A "C1'" 1 
ATOM   31  N  N1    . DC  A 1 2  ? -0.777  -0.379  9.878   1.00 11.08  ? 2    DC  A N1    1 
ATOM   32  C  C2    . DC  A 1 2  ? 0.416   0.335   9.797   1.00 11.58  ? 2    DC  A C2    1 
ATOM   33  O  O2    . DC  A 1 2  ? 0.433   1.491   10.222  1.00 12.66  ? 2    DC  A O2    1 
ATOM   34  N  N3    . DC  A 1 2  ? 1.501   -0.258  9.253   1.00 12.09  ? 2    DC  A N3    1 
ATOM   35  C  C4    . DC  A 1 2  ? 1.418   -1.507  8.783   1.00 11.63  ? 2    DC  A C4    1 
ATOM   36  N  N4    . DC  A 1 2  ? 2.519   -2.054  8.257   1.00 12.95  ? 2    DC  A N4    1 
ATOM   37  C  C5    . DC  A 1 2  ? 0.203   -2.252  8.850   1.00 11.90  ? 2    DC  A C5    1 
ATOM   38  C  C6    . DC  A 1 2  ? -0.856  -1.656  9.407   1.00 11.14  ? 2    DC  A C6    1 
ATOM   39  P  P     . DG  A 1 3  ? -4.828  1.471   6.987   1.00 14.50  ? 3    DG  A P     1 
ATOM   40  O  OP1   . DG  A 1 3  ? -6.166  2.041   6.742   1.00 17.73  ? 3    DG  A OP1   1 
ATOM   41  O  OP2   . DG  A 1 3  ? -4.348  0.333   6.171   1.00 15.60  ? 3    DG  A OP2   1 
ATOM   42  O  "O5'" . DG  A 1 3  ? -3.728  2.621   6.866   1.00 14.76  ? 3    DG  A "O5'" 1 
ATOM   43  C  "C5'" . DG  A 1 3  ? -3.889  3.846   7.552   1.00 14.60  ? 3    DG  A "C5'" 1 
ATOM   44  C  "C4'" . DG  A 1 3  ? -2.601  4.643   7.485   1.00 13.94  ? 3    DG  A "C4'" 1 
ATOM   45  O  "O4'" . DG  A 1 3  ? -1.523  3.890   8.089   1.00 13.09  ? 3    DG  A "O4'" 1 
ATOM   46  C  "C3'" . DG  A 1 3  ? -2.102  4.961   6.084   1.00 13.61  ? 3    DG  A "C3'" 1 
ATOM   47  O  "O3'" . DG  A 1 3  ? -2.738  6.119   5.600   1.00 14.69  ? 3    DG  A "O3'" 1 
ATOM   48  C  "C2'" . DG  A 1 3  ? -0.614  5.180   6.317   1.00 13.00  ? 3    DG  A "C2'" 1 
ATOM   49  C  "C1'" . DG  A 1 3  ? -0.310  4.184   7.423   1.00 12.68  ? 3    DG  A "C1'" 1 
ATOM   50  N  N9    . DG  A 1 3  ? 0.264   2.935   6.941   1.00 11.85  ? 3    DG  A N9    1 
ATOM   51  C  C8    . DG  A 1 3  ? -0.361  1.733   6.708   1.00 12.66  ? 3    DG  A C8    1 
ATOM   52  N  N7    . DG  A 1 3  ? 0.462   0.799   6.308   1.00 11.93  ? 3    DG  A N7    1 
ATOM   53  C  C5    . DG  A 1 3  ? 1.701   1.427   6.278   1.00 11.77  ? 3    DG  A C5    1 
ATOM   54  C  C6    . DG  A 1 3  ? 2.988   0.937   5.958   1.00 12.51  ? 3    DG  A C6    1 
ATOM   55  O  O6    . DG  A 1 3  ? 3.302   -0.203  5.593   1.00 13.00  ? 3    DG  A O6    1 
ATOM   56  N  N1    . DG  A 1 3  ? 3.974   1.922   6.064   1.00 11.28  ? 3    DG  A N1    1 
ATOM   57  C  C2    . DG  A 1 3  ? 3.741   3.215   6.460   1.00 12.22  ? 3    DG  A C2    1 
ATOM   58  N  N2    . DG  A 1 3  ? 4.802   4.031   6.501   1.00 12.71  ? 3    DG  A N2    1 
ATOM   59  N  N3    . DG  A 1 3  ? 2.545   3.685   6.774   1.00 11.22  ? 3    DG  A N3    1 
ATOM   60  C  C4    . DG  A 1 3  ? 1.587   2.736   6.668   1.00 12.36  ? 3    DG  A C4    1 
ATOM   61  P  P     . DT  A 1 4  ? -2.771  6.466   4.042   1.00 14.85  ? 4    DT  A P     1 
ATOM   62  O  OP1   . DT  A 1 4  ? -3.708  7.603   3.912   1.00 17.19  ? 4    DT  A OP1   1 
ATOM   63  O  OP2   . DT  A 1 4  ? -2.998  5.247   3.248   1.00 15.39  ? 4    DT  A OP2   1 
ATOM   64  O  "O5'" . DT  A 1 4  ? -1.290  6.958   3.715   1.00 13.80  ? 4    DT  A "O5'" 1 
ATOM   65  C  "C5'" . DT  A 1 4  ? -0.811  8.196   4.205   1.00 14.64  ? 4    DT  A "C5'" 1 
ATOM   66  C  "C4'" . DT  A 1 4  ? 0.627   8.392   3.777   1.00 13.83  ? 4    DT  A "C4'" 1 
ATOM   67  O  "O4'" . DT  A 1 4  ? 1.457   7.377   4.381   1.00 13.20  ? 4    DT  A "O4'" 1 
ATOM   68  C  "C3'" . DT  A 1 4  ? 0.883   8.226   2.289   1.00 13.39  ? 4    DT  A "C3'" 1 
ATOM   69  O  "O3'" . DT  A 1 4  ? 0.584   9.439   1.619   1.00 13.97  ? 4    DT  A "O3'" 1 
ATOM   70  C  "C2'" . DT  A 1 4  ? 2.363   7.886   2.243   1.00 12.98  ? 4    DT  A "C2'" 1 
ATOM   71  C  "C1'" . DT  A 1 4  ? 2.512   7.045   3.495   1.00 13.16  ? 4    DT  A "C1'" 1 
ATOM   72  N  N1    . DT  A 1 4  ? 2.476   5.582   3.286   1.00 11.99  ? 4    DT  A N1    1 
ATOM   73  C  C2    . DT  A 1 4  ? 3.675   4.951   3.107   1.00 11.91  ? 4    DT  A C2    1 
ATOM   74  O  O2    . DT  A 1 4  ? 4.725   5.556   3.033   1.00 12.67  ? 4    DT  A O2    1 
ATOM   75  N  N3    . DT  A 1 4  ? 3.602   3.590   2.989   1.00 10.98  ? 4    DT  A N3    1 
ATOM   76  C  C4    . DT  A 1 4  ? 2.459   2.822   3.037   1.00 10.73  ? 4    DT  A C4    1 
ATOM   77  O  O4    . DT  A 1 4  ? 2.502   1.602   2.960   1.00 12.38  ? 4    DT  A O4    1 
ATOM   78  C  C5    . DT  A 1 4  ? 1.227   3.547   3.210   1.00 11.56  ? 4    DT  A C5    1 
ATOM   79  C  C7    . DT  A 1 4  ? -0.090  2.829   3.137   1.00 12.19  ? 4    DT  A C7    1 
ATOM   80  C  C6    . DT  A 1 4  ? 1.287   4.878   3.330   1.00 11.64  ? 4    DT  A C6    1 
HETATM 81  P  P     . A2M A 1 5  ? 0.318   9.384   0.002   1.00 15.11  ? 5    A2M A P     1 
HETATM 82  O  OP1   . A2M A 1 5  ? -0.063  10.765  -0.374  1.00 17.49  ? 5    A2M A OP1   1 
HETATM 83  O  "O5'" . A2M A 1 5  ? 1.752   9.047   -0.599  1.00 13.21  ? 5    A2M A "O5'" 1 
HETATM 84  C  "C5'" . A2M A 1 5  ? 2.798   10.005  -0.551  1.00 12.92  ? 5    A2M A "C5'" 1 
HETATM 85  C  "C4'" . A2M A 1 5  ? 4.032   9.350   -1.113  1.00 12.70  ? 5    A2M A "C4'" 1 
HETATM 86  O  "O4'" . A2M A 1 5  ? 4.367   8.239   -0.258  1.00 12.01  ? 5    A2M A "O4'" 1 
HETATM 87  C  "C3'" . A2M A 1 5  ? 3.870   8.736   -2.489  1.00 12.81  ? 5    A2M A "C3'" 1 
HETATM 88  O  "O3'" . A2M A 1 5  ? 4.106   9.727   -3.480  1.00 14.15  ? 5    A2M A "O3'" 1 
HETATM 89  C  "C2'" . A2M A 1 5  ? 4.944   7.668   -2.490  1.00 12.71  ? 5    A2M A "C2'" 1 
HETATM 90  O  "O2'" . A2M A 1 5  ? 6.193   8.233   -2.848  1.00 13.77  ? 5    A2M A "O2'" 1 
HETATM 91  C  "C1'" . A2M A 1 5  ? 4.913   7.201   -1.032  1.00 11.86  ? 5    A2M A "C1'" 1 
HETATM 92  C  "CM'" . A2M A 1 5  ? 7.146   7.228   -3.185  1.00 14.83  ? 5    A2M A "CM'" 1 
HETATM 93  N  N9    . A2M A 1 5  ? 4.087   6.020   -0.817  1.00 11.66  ? 5    A2M A N9    1 
HETATM 94  C  C8    . A2M A 1 5  ? 2.721   5.943   -0.788  1.00 12.09  ? 5    A2M A C8    1 
HETATM 95  N  N7    . A2M A 1 5  ? 2.265   4.729   -0.585  1.00 11.70  ? 5    A2M A N7    1 
HETATM 96  C  C5    . A2M A 1 5  ? 3.410   3.965   -0.494  1.00 11.24  ? 5    A2M A C5    1 
HETATM 97  C  C6    . A2M A 1 5  ? 3.616   2.589   -0.298  1.00 11.09  ? 5    A2M A C6    1 
HETATM 98  N  N6    . A2M A 1 5  ? 2.626   1.705   -0.147  1.00 11.61  ? 5    A2M A N6    1 
HETATM 99  N  N1    . A2M A 1 5  ? 4.889   2.157   -0.251  1.00 12.06  ? 5    A2M A N1    1 
HETATM 100 C  C2    . A2M A 1 5  ? 5.889   3.035   -0.386  1.00 12.33  ? 5    A2M A C2    1 
HETATM 101 N  N3    . A2M A 1 5  ? 5.819   4.345   -0.585  1.00 12.54  ? 5    A2M A N3    1 
HETATM 102 C  C4    . A2M A 1 5  ? 4.542   4.746   -0.629  1.00 11.24  ? 5    A2M A C4    1 
HETATM 103 O  OP2   . A2M A 1 5  ? -0.549  8.242   -0.359  1.00 16.81  ? 5    A2M A OP2   1 
HETATM 104 P  P     . UAR A 1 6  ? 3.114   9.832   -4.755  1.00 15.47  ? 6    UAR A P     1 
HETATM 105 O  OP1   . UAR A 1 6  ? 3.621   11.002  -5.499  1.00 17.26  ? 6    UAR A OP1   1 
HETATM 106 O  OP2   . UAR A 1 6  ? 1.710   9.779   -4.304  1.00 16.44  ? 6    UAR A OP2   1 
HETATM 107 O  "O5'" . UAR A 1 6  ? 3.401   8.515   -5.601  1.00 15.25  ? 6    UAR A "O5'" 1 
HETATM 108 C  "C5'" . UAR A 1 6  ? 4.676   8.356   -6.191  1.00 16.62  ? 6    UAR A "C5'" 1 
HETATM 109 C  "C4'" . UAR A 1 6  ? 4.694   7.052   -6.941  1.00 16.97  ? 6    UAR A "C4'" 1 
HETATM 110 O  "O4'" . UAR A 1 6  ? 4.370   6.003   -6.013  1.00 17.16  ? 6    UAR A "O4'" 1 
HETATM 111 C  "C3'" . UAR A 1 6  ? 3.654   6.962   -8.046  1.00 18.05  ? 6    UAR A "C3'" 1 
HETATM 112 O  "O3'" . UAR A 1 6  ? 4.334   6.831   -9.262  1.00 19.39  ? 6    UAR A "O3'" 1 
HETATM 113 C  "C2'" . UAR A 1 6  ? 2.803   5.730   -7.753  1.00 17.94  ? 6    UAR A "C2'" 1 
HETATM 114 O  "O2'" . UAR A 1 6  ? 1.555   6.140   -7.210  1.00 20.47  ? 6    UAR A "O2'" 1 
HETATM 115 C  "C1'" . UAR A 1 6  ? 3.647   5.018   -6.706  1.00 16.86  ? 6    UAR A "C1'" 1 
HETATM 116 N  N1    . UAR A 1 6  ? 2.893   4.278   -5.688  1.00 15.49  ? 6    UAR A N1    1 
HETATM 117 C  C2    . UAR A 1 6  ? 2.905   2.906   -5.740  1.00 14.65  ? 6    UAR A C2    1 
HETATM 118 O  O2    . UAR A 1 6  ? 3.493   2.270   -6.596  1.00 15.05  ? 6    UAR A O2    1 
HETATM 119 N  N3    . UAR A 1 6  ? 2.203   2.290   -4.746  1.00 12.49  ? 6    UAR A N3    1 
HETATM 120 C  C4    . UAR A 1 6  ? 1.501   2.901   -3.727  1.00 13.69  ? 6    UAR A C4    1 
HETATM 121 O  O4    . UAR A 1 6  ? 0.905   2.246   -2.885  1.00 12.98  ? 6    UAR A O4    1 
HETATM 122 C  C5    . UAR A 1 6  ? 1.530   4.341   -3.744  1.00 14.05  ? 6    UAR A C5    1 
HETATM 123 C  C6    . UAR A 1 6  ? 2.221   4.967   -4.699  1.00 15.31  ? 6    UAR A C6    1 
ATOM   124 P  P     . DA  A 1 7  ? 3.367   6.902   -10.791 1.00 25.91  ? 7    DA  A P     1 
ATOM   125 O  OP1   . DA  A 1 7  ? 4.247   7.469   -11.838 1.00 27.07  ? 7    DA  A OP1   1 
ATOM   126 O  OP2   . DA  A 1 7  ? 2.054   7.519   -10.494 1.00 25.94  ? 7    DA  A OP2   1 
ATOM   127 O  "O5'" . DA  A 1 7  ? 3.107   5.354   -11.080 1.00 20.98  ? 7    DA  A "O5'" 1 
ATOM   128 C  "C5'" . DA  A 1 7  ? 4.183   4.502   -11.408 1.00 19.98  ? 7    DA  A "C5'" 1 
ATOM   129 C  "C4'" . DA  A 1 7  ? 3.624   3.158   -11.818 1.00 19.15  ? 7    DA  A "C4'" 1 
ATOM   130 O  "O4'" . DA  A 1 7  ? 3.113   2.494   -10.636 1.00 18.66  ? 7    DA  A "O4'" 1 
ATOM   131 C  "C3'" . DA  A 1 7  ? 2.464   3.226   -12.807 1.00 19.48  ? 7    DA  A "C3'" 1 
ATOM   132 O  "O3'" . DA  A 1 7  ? 2.650   2.236   -13.808 1.00 21.82  ? 7    DA  A "O3'" 1 
ATOM   133 C  "C2'" . DA  A 1 7  ? 1.237   2.975   -11.932 1.00 18.10  ? 7    DA  A "C2'" 1 
ATOM   134 C  "C1'" . DA  A 1 7  ? 1.800   2.040   -10.868 1.00 16.06  ? 7    DA  A "C1'" 1 
ATOM   135 N  N9    . DA  A 1 7  ? 1.135   2.050   -9.571  1.00 14.63  ? 7    DA  A N9    1 
ATOM   136 C  C8    . DA  A 1 7  ? 0.666   3.132   -8.880  1.00 14.45  ? 7    DA  A C8    1 
ATOM   137 N  N7    . DA  A 1 7  ? 0.140   2.835   -7.715  1.00 14.32  ? 7    DA  A N7    1 
ATOM   138 C  C5    . DA  A 1 7  ? 0.294   1.465   -7.629  1.00 14.17  ? 7    DA  A C5    1 
ATOM   139 C  C6    . DA  A 1 7  ? -0.060  0.535   -6.636  1.00 13.64  ? 7    DA  A C6    1 
ATOM   140 N  N6    . DA  A 1 7  ? -0.680  0.871   -5.499  1.00 13.15  ? 7    DA  A N6    1 
ATOM   141 N  N1    . DA  A 1 7  ? 0.226   -0.759  -6.863  1.00 13.19  ? 7    DA  A N1    1 
ATOM   142 C  C2    . DA  A 1 7  ? 0.831   -1.108  -8.002  1.00 13.25  ? 7    DA  A C2    1 
ATOM   143 N  N3    . DA  A 1 7  ? 1.206   -0.320  -9.011  1.00 13.62  ? 7    DA  A N3    1 
ATOM   144 C  C4    . DA  A 1 7  ? 0.910   0.965   -8.758  1.00 13.98  ? 7    DA  A C4    1 
ATOM   145 P  P     . DC  A 1 8  ? 1.800   2.224   -15.167 1.00 22.85  ? 8    DC  A P     1 
ATOM   146 O  OP1   . DC  A 1 8  ? 2.620   1.585   -16.219 1.00 25.10  ? 8    DC  A OP1   1 
ATOM   147 O  OP2   . DC  A 1 8  ? 1.210   3.560   -15.395 1.00 24.91  ? 8    DC  A OP2   1 
ATOM   148 O  "O5'" . DC  A 1 8  ? 0.585   1.262   -14.785 1.00 21.60  ? 8    DC  A "O5'" 1 
ATOM   149 C  "C5'" . DC  A 1 8  ? 0.829   -0.115  -14.670 1.00 20.30  ? 8    DC  A "C5'" 1 
ATOM   150 C  "C4'" . DC  A 1 8  ? -0.273  -0.760  -13.871 1.00 17.44  ? 8    DC  A "C4'" 1 
ATOM   151 O  "O4'" . DC  A 1 8  ? -0.266  -0.260  -12.521 1.00 16.61  ? 8    DC  A "O4'" 1 
ATOM   152 C  "C3'" . DC  A 1 8  ? -1.701  -0.488  -14.316 1.00 15.98  ? 8    DC  A "C3'" 1 
ATOM   153 O  "O3'" . DC  A 1 8  ? -2.017  -1.298  -15.432 1.00 13.61  ? 8    DC  A "O3'" 1 
ATOM   154 C  "C2'" . DC  A 1 8  ? -2.487  -0.832  -13.055 1.00 18.28  ? 8    DC  A "C2'" 1 
ATOM   155 C  "C1'" . DC  A 1 8  ? -1.418  -0.834  -11.960 1.00 17.00  ? 8    DC  A "C1'" 1 
ATOM   156 N  N1    . DC  A 1 8  ? -1.857  -0.087  -10.774 1.00 15.28  ? 8    DC  A N1    1 
ATOM   157 C  C2    . DC  A 1 8  ? -2.114  -0.797  -9.602  1.00 13.95  ? 8    DC  A C2    1 
ATOM   158 O  O2    . DC  A 1 8  ? -1.905  -2.014  -9.582  1.00 14.71  ? 8    DC  A O2    1 
ATOM   159 N  N3    . DC  A 1 8  ? -2.575  -0.123  -8.527  1.00 13.79  ? 8    DC  A N3    1 
ATOM   160 C  C4    . DC  A 1 8  ? -2.783  1.194   -8.600  1.00 14.26  ? 8    DC  A C4    1 
ATOM   161 N  N4    . DC  A 1 8  ? -3.229  1.821   -7.509  1.00 14.17  ? 8    DC  A N4    1 
ATOM   162 C  C5    . DC  A 1 8  ? -2.531  1.931   -9.792  1.00 14.56  ? 8    DC  A C5    1 
ATOM   163 C  C6    . DC  A 1 8  ? -2.083  1.255   -10.852 1.00 15.40  ? 8    DC  A C6    1 
ATOM   164 P  P     . DG  A 1 9  ? -3.469  -1.305  -16.089 1.00 14.76  ? 9    DG  A P     1 
ATOM   165 O  OP1   . DG  A 1 9  ? -3.312  -1.966  -17.404 1.00 15.40  ? 9    DG  A OP1   1 
ATOM   166 O  OP2   . DG  A 1 9  ? -4.064  0.048   -15.997 1.00 17.31  ? 9    DG  A OP2   1 
ATOM   167 O  "O5'" . DG  A 1 9  ? -4.294  -2.243  -15.115 1.00 15.74  ? 9    DG  A "O5'" 1 
ATOM   168 C  "C5'" . DG  A 1 9  ? -3.954  -3.605  -15.023 1.00 16.06  ? 9    DG  A "C5'" 1 
ATOM   169 C  "C4'" . DG  A 1 9  ? -4.980  -4.228  -14.120 1.00 17.58  ? 9    DG  A "C4'" 1 
ATOM   170 O  "O4'" . DG  A 1 9  ? -4.780  -3.697  -12.788 1.00 18.55  ? 9    DG  A "O4'" 1 
ATOM   171 C  "C3'" . DG  A 1 9  ? -6.388  -3.835  -14.547 1.00 19.46  ? 9    DG  A "C3'" 1 
ATOM   172 O  "O3'" . DG  A 1 9  ? -7.220  -4.940  -14.596 1.00 18.84  ? 9    DG  A "O3'" 1 
ATOM   173 C  "C2'" . DG  A 1 9  ? -6.846  -2.856  -13.484 1.00 19.63  ? 9    DG  A "C2'" 1 
ATOM   174 C  "C1'" . DG  A 1 9  ? -6.030  -3.294  -12.280 1.00 17.12  ? 9    DG  A "C1'" 1 
ATOM   175 N  N9    . DG  A 1 9  ? -5.908  -2.191  -11.351 1.00 17.66  ? 9    DG  A N9    1 
ATOM   176 C  C8    . DG  A 1 9  ? -5.599  -0.892  -11.661 1.00 17.08  ? 9    DG  A C8    1 
ATOM   177 N  N7    . DG  A 1 9  ? -5.621  -0.095  -10.638 1.00 17.00  ? 9    DG  A N7    1 
ATOM   178 C  C5    . DG  A 1 9  ? -6.006  -0.920  -9.591  1.00 15.47  ? 9    DG  A C5    1 
ATOM   179 C  C6    . DG  A 1 9  ? -6.227  -0.595  -8.243  1.00 14.24  ? 9    DG  A C6    1 
ATOM   180 O  O6    . DG  A 1 9  ? -6.108  0.512   -7.714  1.00 16.29  ? 9    DG  A O6    1 
ATOM   181 N  N1    . DG  A 1 9  ? -6.612  -1.705  -7.495  1.00 13.55  ? 9    DG  A N1    1 
ATOM   182 C  C2    . DG  A 1 9  ? -6.770  -2.972  -8.006  1.00 14.54  ? 9    DG  A C2    1 
ATOM   183 N  N2    . DG  A 1 9  ? -7.143  -3.913  -7.131  1.00 15.39  ? 9    DG  A N2    1 
ATOM   184 N  N3    . DG  A 1 9  ? -6.551  -3.297  -9.277  1.00 15.44  ? 9    DG  A N3    1 
ATOM   185 C  C4    . DG  A 1 9  ? -6.192  -2.213  -10.008 1.00 15.53  ? 9    DG  A C4    1 
ATOM   186 P  P     . DC  A 1 10 ? -8.730  -4.700  -15.046 1.00 19.79  ? 10   DC  A P     1 
ATOM   187 O  OP1   . DC  A 1 10 ? -9.051  -5.871  -15.886 1.00 20.28  ? 10   DC  A OP1   1 
ATOM   188 O  OP2   . DC  A 1 10 ? -8.912  -3.329  -15.580 1.00 22.47  ? 10   DC  A OP2   1 
ATOM   189 O  "O5'" . DC  A 1 10 ? -9.521  -4.780  -13.667 1.00 18.90  ? 10   DC  A "O5'" 1 
ATOM   190 C  "C5'" . DC  A 1 10 ? -9.658  -6.022  -13.007 1.00 17.91  ? 10   DC  A "C5'" 1 
ATOM   191 C  "C4'" . DC  A 1 10 ? -10.297 -5.792  -11.656 1.00 17.15  ? 10   DC  A "C4'" 1 
ATOM   192 O  "O4'" . DC  A 1 10 ? -9.437  -4.924  -10.885 1.00 15.86  ? 10   DC  A "O4'" 1 
ATOM   193 C  "C3'" . DC  A 1 10 ? -11.630 -5.054  -11.663 1.00 17.02  ? 10   DC  A "C3'" 1 
ATOM   194 O  "O3'" . DC  A 1 10 ? -12.713 -5.922  -11.940 1.00 18.99  ? 10   DC  A "O3'" 1 
ATOM   195 C  "C2'" . DC  A 1 10 ? -11.687 -4.515  -10.245 1.00 16.44  ? 10   DC  A "C2'" 1 
ATOM   196 C  "C1'" . DC  A 1 10 ? -10.223 -4.263  -9.913  1.00 14.81  ? 10   DC  A "C1'" 1 
ATOM   197 N  N1    . DC  A 1 10 ? -9.868  -2.824  -9.909  1.00 13.98  ? 10   DC  A N1    1 
ATOM   198 C  C2    . DC  A 1 10 ? -9.958  -2.119  -8.709  1.00 13.90  ? 10   DC  A C2    1 
ATOM   199 O  O2    . DC  A 1 10 ? -10.345 -2.707  -7.691  1.00 14.25  ? 10   DC  A O2    1 
ATOM   200 N  N3    . DC  A 1 10 ? -9.624  -0.808  -8.700  1.00 13.54  ? 10   DC  A N3    1 
ATOM   201 C  C4    . DC  A 1 10 ? -9.229  -0.204  -9.822  1.00 14.36  ? 10   DC  A C4    1 
ATOM   202 N  N4    . DC  A 1 10 ? -8.915  1.093   -9.756  1.00 14.71  ? 10   DC  A N4    1 
ATOM   203 C  C5    . DC  A 1 10 ? -9.144  -0.907  -11.057 1.00 14.65  ? 10   DC  A C5    1 
ATOM   204 C  C6    . DC  A 1 10 ? -9.470  -2.203  -11.057 1.00 14.93  ? 10   DC  A C6    1 
ATOM   205 O  "O5'" . DG  B 1 1  ? -10.233 5.106   -0.519  1.00 19.98  ? 11   DG  B "O5'" 1 
ATOM   206 C  "C5'" . DG  B 1 1  ? -11.293 4.832   0.377   1.00 18.03  ? 11   DG  B "C5'" 1 
ATOM   207 C  "C4'" . DG  B 1 1  ? -12.093 3.620   -0.061  1.00 15.73  ? 11   DG  B "C4'" 1 
ATOM   208 O  "O4'" . DG  B 1 1  ? -12.657 3.842   -1.378  1.00 15.33  ? 11   DG  B "O4'" 1 
ATOM   209 C  "C3'" . DG  B 1 1  ? -11.303 2.327   -0.185  1.00 14.37  ? 11   DG  B "C3'" 1 
ATOM   210 O  "O3'" . DG  B 1 1  ? -11.230 1.700   1.072   1.00 14.10  ? 11   DG  B "O3'" 1 
ATOM   211 C  "C2'" . DG  B 1 1  ? -12.138 1.548   -1.189  1.00 14.10  ? 11   DG  B "C2'" 1 
ATOM   212 C  "C1'" . DG  B 1 1  ? -12.600 2.650   -2.133  1.00 14.53  ? 11   DG  B "C1'" 1 
ATOM   213 N  N9    . DG  B 1 1  ? -11.737 2.888   -3.285  1.00 13.93  ? 11   DG  B N9    1 
ATOM   214 C  C8    . DG  B 1 1  ? -11.128 4.068   -3.637  1.00 14.33  ? 11   DG  B C8    1 
ATOM   215 N  N7    . DG  B 1 1  ? -10.448 3.993   -4.745  1.00 14.67  ? 11   DG  B N7    1 
ATOM   216 C  C5    . DG  B 1 1  ? -10.621 2.682   -5.166  1.00 14.01  ? 11   DG  B C5    1 
ATOM   217 C  C6    . DG  B 1 1  ? -10.121 2.013   -6.309  1.00 13.84  ? 11   DG  B C6    1 
ATOM   218 O  O6    . DG  B 1 1  ? -9.404  2.467   -7.213  1.00 14.67  ? 11   DG  B O6    1 
ATOM   219 N  N1    . DG  B 1 1  ? -10.516 0.678   -6.346  1.00 13.52  ? 11   DG  B N1    1 
ATOM   220 C  C2    . DG  B 1 1  ? -11.325 0.082   -5.413  1.00 13.36  ? 11   DG  B C2    1 
ATOM   221 N  N2    . DG  B 1 1  ? -11.620 -1.206  -5.631  1.00 13.66  ? 11   DG  B N2    1 
ATOM   222 N  N3    . DG  B 1 1  ? -11.813 0.699   -4.346  1.00 13.26  ? 11   DG  B N3    1 
ATOM   223 C  C4    . DG  B 1 1  ? -11.417 1.992   -4.282  1.00 12.91  ? 11   DG  B C4    1 
ATOM   224 P  P     . DC  B 1 2  ? -9.953  0.822   1.450   1.00 13.68  ? 12   DC  B P     1 
ATOM   225 O  OP1   . DC  B 1 2  ? -10.186 0.327   2.825   1.00 14.77  ? 12   DC  B OP1   1 
ATOM   226 O  OP2   . DC  B 1 2  ? -8.713  1.560   1.118   1.00 14.27  ? 12   DC  B OP2   1 
ATOM   227 O  "O5'" . DC  B 1 2  ? -10.035 -0.390  0.417   1.00 13.68  ? 12   DC  B "O5'" 1 
ATOM   228 C  "C5'" . DC  B 1 2  ? -11.004 -1.410  0.572   1.00 12.97  ? 12   DC  B "C5'" 1 
ATOM   229 C  "C4'" . DC  B 1 2  ? -10.722 -2.529  -0.405  1.00 12.59  ? 12   DC  B "C4'" 1 
ATOM   230 O  "O4'" . DC  B 1 2  ? -10.955 -2.068  -1.752  1.00 12.59  ? 12   DC  B "O4'" 1 
ATOM   231 C  "C3'" . DC  B 1 2  ? -9.284  -3.006  -0.427  1.00 12.35  ? 12   DC  B "C3'" 1 
ATOM   232 O  "O3'" . DC  B 1 2  ? -9.042  -3.905  0.623   1.00 13.39  ? 12   DC  B "O3'" 1 
ATOM   233 C  "C2'" . DC  B 1 2  ? -9.211  -3.668  -1.788  1.00 12.52  ? 12   DC  B "C2'" 1 
ATOM   234 C  "C1'" . DC  B 1 2  ? -10.008 -2.673  -2.610  1.00 12.03  ? 12   DC  B "C1'" 1 
ATOM   235 N  N1    . DC  B 1 2  ? -9.182  -1.612  -3.235  1.00 11.71  ? 12   DC  B N1    1 
ATOM   236 C  C2    . DC  B 1 2  ? -8.463  -1.933  -4.385  1.00 11.66  ? 12   DC  B C2    1 
ATOM   237 O  O2    . DC  B 1 2  ? -8.493  -3.096  -4.793  1.00 12.62  ? 12   DC  B O2    1 
ATOM   238 N  N3    . DC  B 1 2  ? -7.758  -0.961  -5.006  1.00 11.98  ? 12   DC  B N3    1 
ATOM   239 C  C4    . DC  B 1 2  ? -7.739  0.279   -4.511  1.00 11.90  ? 12   DC  B C4    1 
ATOM   240 N  N4    . DC  B 1 2  ? -7.035  1.213   -5.160  1.00 12.89  ? 12   DC  B N4    1 
ATOM   241 C  C5    . DC  B 1 2  ? -8.456  0.619   -3.326  1.00 12.21  ? 12   DC  B C5    1 
ATOM   242 C  C6    . DC  B 1 2  ? -9.163  -0.344  -2.729  1.00 11.51  ? 12   DC  B C6    1 
ATOM   243 P  P     . DG  B 1 3  ? -7.577  -3.981  1.253   1.00 15.09  ? 13   DG  B P     1 
ATOM   244 O  OP1   . DG  B 1 3  ? -7.681  -4.850  2.442   1.00 17.10  ? 13   DG  B OP1   1 
ATOM   245 O  OP2   . DG  B 1 3  ? -7.023  -2.618  1.403   1.00 15.68  ? 13   DG  B OP2   1 
ATOM   246 O  "O5'" . DG  B 1 3  ? -6.741  -4.721  0.118   1.00 13.98  ? 13   DG  B "O5'" 1 
ATOM   247 C  "C5'" . DG  B 1 3  ? -7.057  -6.049  -0.265  1.00 14.89  ? 13   DG  B "C5'" 1 
ATOM   248 C  "C4'" . DG  B 1 3  ? -6.308  -6.402  -1.532  1.00 13.36  ? 13   DG  B "C4'" 1 
ATOM   249 O  "O4'" . DG  B 1 3  ? -6.664  -5.478  -2.589  1.00 13.15  ? 13   DG  B "O4'" 1 
ATOM   250 C  "C3'" . DG  B 1 3  ? -4.796  -6.292  -1.428  1.00 13.22  ? 13   DG  B "C3'" 1 
ATOM   251 O  "O3'" . DG  B 1 3  ? -4.272  -7.466  -0.851  1.00 13.89  ? 13   DG  B "O3'" 1 
ATOM   252 C  "C2'" . DG  B 1 3  ? -4.397  -6.122  -2.885  1.00 12.99  ? 13   DG  B "C2'" 1 
ATOM   253 C  "C1'" . DG  B 1 3  ? -5.543  -5.286  -3.432  1.00 12.50  ? 13   DG  B "C1'" 1 
ATOM   254 N  N9    . DG  B 1 3  ? -5.255  -3.859  -3.506  1.00 11.87  ? 13   DG  B N9    1 
ATOM   255 C  C8    . DG  B 1 3  ? -5.610  -2.857  -2.631  1.00 12.40  ? 13   DG  B C8    1 
ATOM   256 N  N7    . DG  B 1 3  ? -5.223  -1.673  -3.021  1.00 12.10  ? 13   DG  B N7    1 
ATOM   257 C  C5    . DG  B 1 3  ? -4.583  -1.906  -4.233  1.00 11.81  ? 13   DG  B C5    1 
ATOM   258 C  C6    . DG  B 1 3  ? -3.978  -1.017  -5.151  1.00 11.94  ? 13   DG  B C6    1 
ATOM   259 O  O6    . DG  B 1 3  ? -3.865  0.216   -5.063  1.00 12.73  ? 13   DG  B O6    1 
ATOM   260 N  N1    . DG  B 1 3  ? -3.455  -1.681  -6.260  1.00 11.73  ? 13   DG  B N1    1 
ATOM   261 C  C2    . DG  B 1 3  ? -3.524  -3.036  -6.461  1.00 11.97  ? 13   DG  B C2    1 
ATOM   262 N  N2    . DG  B 1 3  ? -2.957  -3.506  -7.580  1.00 12.20  ? 13   DG  B N2    1 
ATOM   263 N  N3    . DG  B 1 3  ? -4.098  -3.880  -5.621  1.00 11.21  ? 13   DG  B N3    1 
ATOM   264 C  C4    . DG  B 1 3  ? -4.608  -3.244  -4.542  1.00 11.64  ? 13   DG  B C4    1 
ATOM   265 P  P     . DT  B 1 4  ? -2.796  -7.499  -0.249  1.00 14.50  ? 14   DT  B P     1 
ATOM   266 O  OP1   . DT  B 1 4  ? -2.666  -8.798  0.446   1.00 16.79  ? 14   DT  B OP1   1 
ATOM   267 O  OP2   . DT  B 1 4  ? -2.530  -6.251  0.487   1.00 14.81  ? 14   DT  B OP2   1 
ATOM   268 O  "O5'" . DT  B 1 4  ? -1.847  -7.462  -1.530  1.00 13.40  ? 14   DT  B "O5'" 1 
ATOM   269 C  "C5'" . DT  B 1 4  ? -1.730  -8.597  -2.369  1.00 13.84  ? 14   DT  B "C5'" 1 
ATOM   270 C  "C4'" . DT  B 1 4  ? -0.797  -8.297  -3.521  1.00 13.38  ? 14   DT  B "C4'" 1 
ATOM   271 O  "O4'" . DT  B 1 4  ? -1.336  -7.229  -4.328  1.00 13.43  ? 14   DT  B "O4'" 1 
ATOM   272 C  "C3'" . DT  B 1 4  ? 0.570   -7.783  -3.117  1.00 13.02  ? 14   DT  B "C3'" 1 
ATOM   273 O  "O3'" . DT  B 1 4  ? 1.415   -8.868  -2.786  1.00 13.16  ? 14   DT  B "O3'" 1 
ATOM   274 C  "C2'" . DT  B 1 4  ? 1.032   -7.065  -4.373  1.00 12.69  ? 14   DT  B "C2'" 1 
ATOM   275 C  "C1'" . DT  B 1 4  ? -0.269  -6.459  -4.855  1.00 12.73  ? 14   DT  B "C1'" 1 
ATOM   276 N  N1    . DT  B 1 4  ? -0.502  -5.049  -4.471  1.00 11.73  ? 14   DT  B N1    1 
ATOM   277 C  C2    . DT  B 1 4  ? -0.090  -4.085  -5.349  1.00 12.34  ? 14   DT  B C2    1 
ATOM   278 O  O2    . DT  B 1 4  ? 0.517   -4.346  -6.369  1.00 12.69  ? 14   DT  B O2    1 
ATOM   279 N  N3    . DT  B 1 4  ? -0.391  -2.806  -4.979  1.00 11.31  ? 14   DT  B N3    1 
ATOM   280 C  C4    . DT  B 1 4  ? -1.053  -2.413  -3.833  1.00 11.49  ? 14   DT  B C4    1 
ATOM   281 O  O4    . DT  B 1 4  ? -1.308  -1.233  -3.613  1.00 12.18  ? 14   DT  B O4    1 
ATOM   282 C  C5    . DT  B 1 4  ? -1.441  -3.477  -2.939  1.00 11.54  ? 14   DT  B C5    1 
ATOM   283 C  C7    . DT  B 1 4  ? -2.011  -3.168  -1.585  1.00 12.09  ? 14   DT  B C7    1 
ATOM   284 C  C6    . DT  B 1 4  ? -1.154  -4.734  -3.297  1.00 11.21  ? 14   DT  B C6    1 
HETATM 285 P  P     . A2M B 1 5  ? 2.746   -8.597  -1.887  1.00 14.23  ? 15   A2M B P     1 
HETATM 286 O  OP1   . A2M B 1 5  ? 3.342   -9.925  -1.621  1.00 16.26  ? 15   A2M B OP1   1 
HETATM 287 O  "O5'" . A2M B 1 5  ? 3.697   -7.786  -2.867  1.00 12.20  ? 15   A2M B "O5'" 1 
HETATM 288 C  "C5'" . A2M B 1 5  ? 4.288   -8.408  -3.992  1.00 12.29  ? 15   A2M B "C5'" 1 
HETATM 289 C  "C4'" . A2M B 1 5  ? 5.040   -7.344  -4.751  1.00 12.70  ? 15   A2M B "C4'" 1 
HETATM 290 O  "O4'" . A2M B 1 5  ? 4.081   -6.368  -5.202  1.00 11.85  ? 15   A2M B "O4'" 1 
HETATM 291 C  "C3'" . A2M B 1 5  ? 6.041   -6.545  -3.939  1.00 12.18  ? 15   A2M B "C3'" 1 
HETATM 292 O  "O3'" . A2M B 1 5  ? 7.291   -7.216  -3.929  1.00 14.10  ? 15   A2M B "O3'" 1 
HETATM 293 C  "C2'" . A2M B 1 5  ? 6.118   -5.245  -4.710  1.00 12.59  ? 15   A2M B "C2'" 1 
HETATM 294 O  "O2'" . A2M B 1 5  ? 7.036   -5.381  -5.779  1.00 13.45  ? 15   A2M B "O2'" 1 
HETATM 295 C  "C1'" . A2M B 1 5  ? 4.675   -5.091  -5.191  1.00 11.85  ? 15   A2M B "C1'" 1 
HETATM 296 C  "CM'" . A2M B 1 5  ? 7.353   -4.118  -6.359  1.00 14.54  ? 15   A2M B "CM'" 1 
HETATM 297 N  N9    . A2M B 1 5  ? 3.867   -4.233  -4.335  1.00 11.54  ? 15   A2M B N9    1 
HETATM 298 C  C8    . A2M B 1 5  ? 3.327   -4.528  -3.114  1.00 12.09  ? 15   A2M B C8    1 
HETATM 299 N  N7    . A2M B 1 5  ? 2.653   -3.538  -2.581  1.00 11.30  ? 15   A2M B N7    1 
HETATM 300 C  C5    . A2M B 1 5  ? 2.781   -2.523  -3.505  1.00 10.93  ? 15   A2M B C5    1 
HETATM 301 C  C6    . A2M B 1 5  ? 2.303   -1.200  -3.524  1.00 10.80  ? 15   A2M B C6    1 
HETATM 302 N  N6    . A2M B 1 5  ? 1.584   -0.648  -2.541  1.00 11.33  ? 15   A2M B N6    1 
HETATM 303 N  N1    . A2M B 1 5  ? 2.608   -0.452  -4.599  1.00 11.83  ? 15   A2M B N1    1 
HETATM 304 C  C2    . A2M B 1 5  ? 3.334   -0.988  -5.585  1.00 12.37  ? 15   A2M B C2    1 
HETATM 305 N  N3    . A2M B 1 5  ? 3.842   -2.212  -5.674  1.00 12.43  ? 15   A2M B N3    1 
HETATM 306 C  C4    . A2M B 1 5  ? 3.526   -2.933  -4.592  1.00 11.41  ? 15   A2M B C4    1 
HETATM 307 O  OP2   . A2M B 1 5  ? 2.449   -7.677  -0.767  1.00 15.49  ? 15   A2M B OP2   1 
HETATM 308 P  P     . UAR B 1 6  ? 8.092   -7.397  -2.524  1.00 14.93  ? 16   UAR B P     1 
HETATM 309 O  OP1   . UAR B 1 6  ? 9.254   -8.228  -2.887  1.00 16.58  ? 16   UAR B OP1   1 
HETATM 310 O  OP2   . UAR B 1 6  ? 7.184   -7.803  -1.432  1.00 16.67  ? 16   UAR B OP2   1 
HETATM 311 O  "O5'" . UAR B 1 6  ? 8.559   -5.908  -2.188  1.00 14.78  ? 16   UAR B "O5'" 1 
HETATM 312 C  "C5'" . UAR B 1 6  ? 9.509   -5.290  -3.036  1.00 16.46  ? 16   UAR B "C5'" 1 
HETATM 313 C  "C4'" . UAR B 1 6  ? 9.815   -3.920  -2.490  1.00 17.15  ? 16   UAR B "C4'" 1 
HETATM 314 O  "O4'" . UAR B 1 6  ? 8.580   -3.186  -2.414  1.00 17.13  ? 16   UAR B "O4'" 1 
HETATM 315 C  "C3'" . UAR B 1 6  ? 10.369  -3.935  -1.077  1.00 18.64  ? 16   UAR B "C3'" 1 
HETATM 316 O  "O3'" . UAR B 1 6  ? 11.684  -3.456  -1.124  1.00 20.19  ? 16   UAR B "O3'" 1 
HETATM 317 C  "C2'" . UAR B 1 6  ? 9.474   -3.026  -0.240  1.00 18.77  ? 16   UAR B "C2'" 1 
HETATM 318 O  "O2'" . UAR B 1 6  ? 8.651   -3.818  0.607   1.00 21.65  ? 16   UAR B "O2'" 1 
HETATM 319 C  "C1'" . UAR B 1 6  ? 8.652   -2.319  -1.309  1.00 16.88  ? 16   UAR B "C1'" 1 
HETATM 320 N  N1    . UAR B 1 6  ? 7.267   -2.003  -0.924  1.00 15.67  ? 16   UAR B N1    1 
HETATM 321 C  C2    . UAR B 1 6  ? 6.940   -0.694  -0.671  1.00 15.28  ? 16   UAR B C2    1 
HETATM 322 O  O2    . UAR B 1 6  ? 7.739   0.221   -0.725  1.00 15.77  ? 16   UAR B O2    1 
HETATM 323 N  N3    . UAR B 1 6  ? 5.634   -0.490  -0.333  1.00 13.55  ? 16   UAR B N3    1 
HETATM 324 C  C4    . UAR B 1 6  ? 4.641   -1.445  -0.240  1.00 14.29  ? 16   UAR B C4    1 
HETATM 325 O  O4    . UAR B 1 6  ? 3.500   -1.141  0.070   1.00 13.18  ? 16   UAR B O4    1 
HETATM 326 C  C5    . UAR B 1 6  ? 5.058   -2.793  -0.516  1.00 14.65  ? 16   UAR B C5    1 
HETATM 327 C  C6    . UAR B 1 6  ? 6.330   -3.014  -0.854  1.00 15.32  ? 16   UAR B C6    1 
ATOM   328 P  P     . DA  B 1 7  ? 12.619  -3.567  0.453   1.00 26.02  ? 17   DA  B P     1 
ATOM   329 O  OP1   . DA  B 1 7  ? 14.029  -3.757  0.046   1.00 27.32  ? 17   DA  B OP1   1 
ATOM   330 O  OP2   . DA  B 1 7  ? 11.978  -4.501  1.407   1.00 26.49  ? 17   DA  B OP2   1 
ATOM   331 O  "O5'" . DA  B 1 7  ? 12.405  -2.089  1.020   1.00 21.75  ? 17   DA  B "O5'" 1 
ATOM   332 C  "C5'" . DA  B 1 7  ? 12.931  -0.978  0.321   1.00 20.15  ? 17   DA  B "C5'" 1 
ATOM   333 C  "C4'" . DA  B 1 7  ? 12.779  0.256   1.181   1.00 19.29  ? 17   DA  B "C4'" 1 
ATOM   334 O  "O4'" . DA  B 1 7  ? 11.370  0.590   1.254   1.00 18.28  ? 17   DA  B "O4'" 1 
ATOM   335 C  "C3'" . DA  B 1 7  ? 13.256  0.094   2.621   1.00 19.20  ? 17   DA  B "C3'" 1 
ATOM   336 O  "O3'" . DA  B 1 7  ? 13.951  1.264   3.026   1.00 21.73  ? 17   DA  B "O3'" 1 
ATOM   337 C  "C2'" . DA  B 1 7  ? 11.963  -0.122  3.402   1.00 18.10  ? 17   DA  B "C2'" 1 
ATOM   338 C  "C1'" . DA  B 1 7  ? 10.976  0.719   2.601   1.00 15.53  ? 17   DA  B "C1'" 1 
ATOM   339 N  N9    . DA  B 1 7  ? 9.587   0.288   2.651   1.00 14.31  ? 17   DA  B N9    1 
ATOM   340 C  C8    . DA  B 1 7  ? 9.116   -0.993  2.584   1.00 14.59  ? 17   DA  B C8    1 
ATOM   341 N  N7    . DA  B 1 7  ? 7.807   -1.078  2.618   1.00 13.93  ? 17   DA  B N7    1 
ATOM   342 C  C5    . DA  B 1 7  ? 7.397   0.241   2.705   1.00 14.37  ? 17   DA  B C5    1 
ATOM   343 C  C6    . DA  B 1 7  ? 6.125   0.838   2.782   1.00 13.15  ? 17   DA  B C6    1 
ATOM   344 N  N6    . DA  B 1 7  ? 4.983   0.143   2.796   1.00 13.30  ? 17   DA  B N6    1 
ATOM   345 N  N1    . DA  B 1 7  ? 6.067   2.181   2.861   1.00 12.83  ? 17   DA  B N1    1 
ATOM   346 C  C2    . DA  B 1 7  ? 7.200   2.891   2.854   1.00 13.14  ? 17   DA  B C2    1 
ATOM   347 N  N3    . DA  B 1 7  ? 8.453   2.438   2.799   1.00 13.52  ? 17   DA  B N3    1 
ATOM   348 C  C4    . DA  B 1 7  ? 8.479   1.097   2.712   1.00 14.10  ? 17   DA  B C4    1 
ATOM   349 P  P     . DC  B 1 8  ? 14.842  1.297   4.355   1.00 22.35  ? 18   DC  B P     1 
ATOM   350 O  OP1   . DC  B 1 8  ? 15.894  2.324   4.188   1.00 24.64  ? 18   DC  B OP1   1 
ATOM   351 O  OP2   . DC  B 1 8  ? 15.207  -0.084  4.738   1.00 23.91  ? 18   DC  B OP2   1 
ATOM   352 O  "O5'" . DC  B 1 8  ? 13.786  1.802   5.443   1.00 20.91  ? 18   DC  B "O5'" 1 
ATOM   353 C  "C5'" . DC  B 1 8  ? 13.422  3.159   5.452   1.00 20.06  ? 18   DC  B "C5'" 1 
ATOM   354 C  "C4'" . DC  B 1 8  ? 12.136  3.331   6.218   1.00 17.38  ? 18   DC  B "C4'" 1 
ATOM   355 O  "O4'" . DC  B 1 8  ? 11.071  2.628   5.551   1.00 16.91  ? 18   DC  B "O4'" 1 
ATOM   356 C  "C3'" . DC  B 1 8  ? 12.084  2.752   7.621   1.00 16.25  ? 18   DC  B "C3'" 1 
ATOM   357 O  "O3'" . DC  B 1 8  ? 12.732  3.617   8.526   1.00 13.72  ? 18   DC  B "O3'" 1 
ATOM   358 C  "C2'" . DC  B 1 8  ? 10.584  2.641   7.853   1.00 18.66  ? 18   DC  B "C2'" 1 
ATOM   359 C  "C1'" . DC  B 1 8  ? 9.996   2.749   6.447   1.00 17.49  ? 18   DC  B "C1'" 1 
ATOM   360 N  N1    . DC  B 1 8  ? 8.995   1.709   6.214   1.00 16.07  ? 18   DC  B N1    1 
ATOM   361 C  C2    . DC  B 1 8  ? 7.662   2.092   6.075   1.00 14.31  ? 18   DC  B C2    1 
ATOM   362 O  O2    . DC  B 1 8  ? 7.378   3.297   6.106   1.00 14.94  ? 18   DC  B O2    1 
ATOM   363 N  N3    . DC  B 1 8  ? 6.727   1.129   5.917   1.00 14.66  ? 18   DC  B N3    1 
ATOM   364 C  C4    . DC  B 1 8  ? 7.089   -0.155  5.897   1.00 14.38  ? 18   DC  B C4    1 
ATOM   365 N  N4    . DC  B 1 8  ? 6.133   -1.068  5.727   1.00 14.59  ? 18   DC  B N4    1 
ATOM   366 C  C5    . DC  B 1 8  ? 8.448   -0.562  6.036   1.00 14.95  ? 18   DC  B C5    1 
ATOM   367 C  C6    . DC  B 1 8  ? 9.362   0.396   6.204   1.00 16.30  ? 18   DC  B C6    1 
ATOM   368 P  P     . DG  B 1 9  ? 12.778  3.315   10.092  1.00 15.38  ? 19   DG  B P     1 
ATOM   369 O  OP1   . DG  B 1 9  ? 13.809  4.227   10.636  1.00 15.79  ? 19   DG  B OP1   1 
ATOM   370 O  OP2   . DG  B 1 9  ? 12.879  1.857   10.334  1.00 18.41  ? 19   DG  B OP2   1 
ATOM   371 O  "O5'" . DG  B 1 9  ? 11.356  3.792   10.596  1.00 15.52  ? 19   DG  B "O5'" 1 
ATOM   372 C  "C5'" . DG  B 1 9  ? 11.015  5.159   10.453  1.00 15.63  ? 19   DG  B "C5'" 1 
ATOM   373 C  "C4'" . DG  B 1 9  ? 9.676   5.349   11.102  1.00 17.74  ? 19   DG  B "C4'" 1 
ATOM   374 O  "O4'" . DG  B 1 9  ? 8.684   4.701   10.269  1.00 18.96  ? 19   DG  B "O4'" 1 
ATOM   375 C  "C3'" . DG  B 1 9  ? 9.659   4.652   12.451  1.00 19.72  ? 19   DG  B "C3'" 1 
ATOM   376 O  "O3'" . DG  B 1 9  ? 9.150   5.461   13.440  1.00 19.39  ? 19   DG  B "O3'" 1 
ATOM   377 C  "C2'" . DG  B 1 9  ? 8.776   3.438   12.248  1.00 20.05  ? 19   DG  B "C2'" 1 
ATOM   378 C  "C1'" . DG  B 1 9  ? 7.892   3.874   11.094  1.00 17.62  ? 19   DG  B "C1'" 1 
ATOM   379 N  N9    . DG  B 1 9  ? 7.432   2.689   10.409  1.00 17.88  ? 19   DG  B N9    1 
ATOM   380 C  C8    . DG  B 1 9  ? 8.200   1.618   10.033  1.00 17.49  ? 19   DG  B C8    1 
ATOM   381 N  N7    . DG  B 1 9  ? 7.517   0.650   9.506   1.00 17.47  ? 19   DG  B N7    1 
ATOM   382 C  C5    . DG  B 1 9  ? 6.209   1.105   9.569   1.00 15.53  ? 19   DG  B C5    1 
ATOM   383 C  C6    . DG  B 1 9  ? 5.024   0.463   9.170   1.00 14.50  ? 19   DG  B C6    1 
ATOM   384 O  O6    . DG  B 1 9  ? 4.913   -0.650  8.652   1.00 15.76  ? 19   DG  B O6    1 
ATOM   385 N  N1    . DG  B 1 9  ? 3.898   1.248   9.412   1.00 13.28  ? 19   DG  B N1    1 
ATOM   386 C  C2    . DG  B 1 9  ? 3.924   2.500   9.978   1.00 14.78  ? 19   DG  B C2    1 
ATOM   387 N  N2    . DG  B 1 9  ? 2.738   3.106   10.132  1.00 14.88  ? 19   DG  B N2    1 
ATOM   388 N  N3    . DG  B 1 9  ? 5.037   3.120   10.355  1.00 15.26  ? 19   DG  B N3    1 
ATOM   389 C  C4    . DG  B 1 9  ? 6.131   2.351   10.135  1.00 16.01  ? 19   DG  B C4    1 
ATOM   390 P  P     . DC  B 1 10 ? 9.081   4.827   14.901  1.00 20.54  ? 20   DC  B P     1 
ATOM   391 O  OP1   . DC  B 1 10 ? 9.400   5.953   15.802  1.00 21.13  ? 20   DC  B OP1   1 
ATOM   392 O  OP2   . DC  B 1 10 ? 9.875   3.577   14.971  1.00 24.05  ? 20   DC  B OP2   1 
ATOM   393 O  "O5'" . DC  B 1 10 ? 7.545   4.424   15.043  1.00 19.81  ? 20   DC  B "O5'" 1 
ATOM   394 C  "C5'" . DC  B 1 10 ? 6.565   5.432   15.189  1.00 18.71  ? 20   DC  B "C5'" 1 
ATOM   395 C  "C4'" . DC  B 1 10 ? 5.196   4.788   15.154  1.00 17.89  ? 20   DC  B "C4'" 1 
ATOM   396 O  "O4'" . DC  B 1 10 ? 5.047   4.086   13.899  1.00 15.96  ? 20   DC  B "O4'" 1 
ATOM   397 C  "C3'" . DC  B 1 10 ? 4.951   3.711   16.202  1.00 17.15  ? 20   DC  B "C3'" 1 
ATOM   398 O  "O3'" . DC  B 1 10 ? 4.588   4.274   17.449  1.00 19.13  ? 20   DC  B "O3'" 1 
ATOM   399 C  "C2'" . DC  B 1 10 ? 3.814   2.928   15.570  1.00 16.79  ? 20   DC  B "C2'" 1 
ATOM   400 C  "C1'" . DC  B 1 10 ? 4.096   3.055   14.081  1.00 15.52  ? 20   DC  B "C1'" 1 
ATOM   401 N  N1    . DC  B 1 10 ? 4.619   1.801   13.498  1.00 13.65  ? 20   DC  B N1    1 
ATOM   402 C  C2    . DC  B 1 10 ? 3.710   0.892   12.959  1.00 13.70  ? 20   DC  B C2    1 
ATOM   403 O  O2    . DC  B 1 10 ? 2.502   1.151   12.989  1.00 14.54  ? 20   DC  B O2    1 
ATOM   404 N  N3    . DC  B 1 10 ? 4.182   -0.250  12.412  1.00 13.33  ? 20   DC  B N3    1 
ATOM   405 C  C4    . DC  B 1 10 ? 5.490   -0.508  12.420  1.00 14.42  ? 20   DC  B C4    1 
ATOM   406 N  N4    . DC  B 1 10 ? 5.901   -1.654  11.876  1.00 14.50  ? 20   DC  B N4    1 
ATOM   407 C  C5    . DC  B 1 10 ? 6.432   0.404   12.976  1.00 14.43  ? 20   DC  B C5    1 
ATOM   408 C  C6    . DC  B 1 10 ? 5.957   1.533   13.511  1.00 14.89  ? 20   DC  B C6    1 
HETATM 409 CL CL    . CL  C 2 .  ? -0.213  0.005   0.173   1.00 13.16  ? 101  CL  A CL    1 
HETATM 410 CO CO    . NCO D 3 .  ? -8.369  -1.703  5.561   1.00 10.43  ? 2211 NCO A CO    1 
HETATM 411 N  N1    . NCO D 3 .  ? -8.091  -3.661  5.365   1.00 14.05  ? 2211 NCO A N1    1 
HETATM 412 N  N2    . NCO D 3 .  ? -8.704  -1.993  7.495   1.00 16.71  ? 2211 NCO A N2    1 
HETATM 413 N  N3    . NCO D 3 .  ? -8.622  0.261   5.737   1.00 13.47  ? 2211 NCO A N3    1 
HETATM 414 N  N4    . NCO D 3 .  ? -8.038  -1.403  3.635   1.00 17.77  ? 2211 NCO A N4    1 
HETATM 415 N  N5    . NCO D 3 .  ? -10.307 -1.891  5.195   1.00 16.98  ? 2211 NCO A N5    1 
HETATM 416 N  N6    . NCO D 3 .  ? -6.434  -1.538  5.903   1.00 16.58  ? 2211 NCO A N6    1 
HETATM 417 CO CO    . NCO E 3 .  ? 0.350   -2.501  3.490   1.00 14.17  ? 2213 NCO A CO    1 
HETATM 418 N  N1    . NCO E 3 .  ? -0.702  -0.819  3.577   1.00 17.74  ? 2213 NCO A N1    1 
HETATM 419 N  N2    . NCO E 3 .  ? 1.878   -1.469  2.761   1.00 15.68  ? 2213 NCO A N2    1 
HETATM 420 N  N3    . NCO E 3 .  ? 1.381   -4.191  3.395   1.00 18.90  ? 2213 NCO A N3    1 
HETATM 421 N  N4    . NCO E 3 .  ? -1.205  -3.511  4.198   1.00 19.37  ? 2213 NCO A N4    1 
HETATM 422 N  N5    . NCO E 3 .  ? -0.345  -2.814  1.654   1.00 17.61  ? 2213 NCO A N5    1 
HETATM 423 N  N6    . NCO E 3 .  ? 0.963   -2.195  5.343   1.00 17.41  ? 2213 NCO A N6    1 
HETATM 424 CO CO    . NCO F 3 .  ? -3.671  1.912   -1.156  1.00 14.91  ? 2212 NCO B CO    1 
HETATM 425 N  N1    . NCO F 3 .  ? -5.019  1.427   -2.520  1.00 17.50  ? 2212 NCO B N1    1 
HETATM 426 N  N2    . NCO F 3 .  ? -5.123  2.306   0.133   1.00 19.45  ? 2212 NCO B N2    1 
HETATM 427 N  N3    . NCO F 3 .  ? -2.352  2.379   0.258   1.00 16.95  ? 2212 NCO B N3    1 
HETATM 428 N  N4    . NCO F 3 .  ? -2.198  1.486   -2.410  1.00 15.34  ? 2212 NCO B N4    1 
HETATM 429 N  N5    . NCO F 3 .  ? -3.705  3.803   -1.752  1.00 19.03  ? 2212 NCO B N5    1 
HETATM 430 N  N6    . NCO F 3 .  ? -3.649  0.032   -0.528  1.00 17.38  ? 2212 NCO B N6    1 
HETATM 431 O  O     . HOH G 4 .  ? -2.564  -1.676  6.044   1.00 22.06  ? 102  HOH A O     1 
HETATM 432 O  O     . HOH G 4 .  ? 2.733   6.415   7.031   1.00 19.28  ? 103  HOH A O     1 
HETATM 433 O  O     . HOH G 4 .  ? -4.096  2.837   2.931   1.00 22.18  ? 106  HOH A O     1 
HETATM 434 O  O     . HOH G 4 .  ? -11.274 -4.890  -6.470  1.00 20.91  ? 109  HOH A O     1 
HETATM 435 O  O     . HOH G 4 .  ? 3.348   -4.057  6.012   1.00 27.08  ? 110  HOH A O     1 
HETATM 436 O  O     . HOH G 4 .  ? -10.227 -1.292  -14.379 1.00 22.78  ? 112  HOH A O     1 
HETATM 437 O  O     . HOH G 4 .  ? -6.729  -6.123  -9.716  1.00 26.40  ? 117  HOH A O     1 
HETATM 438 O  O     . HOH G 4 .  ? -12.933 -5.124  1.735   1.00 29.71  ? 119  HOH A O     1 
HETATM 439 O  O     . HOH G 4 .  ? -14.313 -4.173  -0.309  1.00 26.64  ? 122  HOH A O     1 
HETATM 440 O  O     . HOH G 4 .  ? -10.955 -4.217  3.431   1.00 28.93  ? 123  HOH A O     1 
HETATM 441 O  O     . HOH G 4 .  ? -13.200 -3.396  -15.127 1.00 25.24  ? 124  HOH A O     1 
HETATM 442 O  O     . HOH G 4 .  ? -13.188 -6.029  -14.442 1.00 31.77  ? 125  HOH A O     1 
HETATM 443 O  O     . HOH G 4 .  ? -11.328 -7.226  -16.030 1.00 32.00  ? 126  HOH A O     1 
HETATM 444 O  O     . HOH G 4 .  ? -5.633  2.613   -11.068 1.00 29.54  ? 128  HOH A O     1 
HETATM 445 O  O     . HOH G 4 .  ? -1.907  3.534   -4.824  1.00 23.98  ? 129  HOH A O     1 
HETATM 446 O  O     . HOH G 4 .  ? -0.874  5.186   -6.683  1.00 29.42  ? 131  HOH A O     1 
HETATM 447 O  O     . HOH G 4 .  ? -0.140  6.269   -9.946  1.00 40.03  ? 132  HOH A O     1 
HETATM 448 O  O     . HOH G 4 .  ? -4.717  -2.353  13.443  1.00 19.55  ? 133  HOH A O     1 
HETATM 449 O  O     . HOH G 4 .  ? -3.835  1.756   13.132  1.00 27.69  ? 134  HOH A O     1 
HETATM 450 O  O     . HOH G 4 .  ? -5.968  0.127   13.663  1.00 27.61  ? 135  HOH A O     1 
HETATM 451 O  O     . HOH G 4 .  ? -2.050  -2.585  14.051  1.00 24.02  ? 136  HOH A O     1 
HETATM 452 O  O     . HOH G 4 .  ? -0.707  3.708   11.346  1.00 19.23  ? 137  HOH A O     1 
HETATM 453 O  O     . HOH G 4 .  ? -7.570  0.914   11.766  1.00 30.74  ? 138  HOH A O     1 
HETATM 454 O  O     . HOH G 4 .  ? -1.539  0.693   14.102  1.00 20.89  ? 139  HOH A O     1 
HETATM 455 O  O     . HOH G 4 .  ? -3.638  -0.114  3.319   1.00 35.81  ? 140  HOH A O     1 
HETATM 456 O  O     . HOH G 4 .  ? -1.361  -5.320  6.729   1.00 43.24  ? 146  HOH A O     1 
HETATM 457 O  O     . HOH G 4 .  ? -8.185  2.564   -12.071 1.00 24.70  ? 154  HOH A O     1 
HETATM 458 O  O     . HOH G 4 .  ? -6.445  3.591   -7.970  1.00 39.35  ? 155  HOH A O     1 
HETATM 459 O  O     . HOH G 4 .  ? -3.492  4.757   -8.040  1.00 32.41  ? 156  HOH A O     1 
HETATM 460 O  O     . HOH G 4 .  ? -5.735  -3.018  -18.470 1.00 30.01  ? 157  HOH A O     1 
HETATM 461 O  O     . HOH G 4 .  ? -0.446  4.188   -1.003  1.00 29.80  ? 160  HOH A O     1 
HETATM 462 O  O     . HOH G 4 .  ? 0.429   7.466   -3.093  1.00 19.50  ? 161  HOH A O     1 
HETATM 463 O  O     . HOH G 4 .  ? 8.527   4.929   -0.774  1.00 31.44  ? 162  HOH A O     1 
HETATM 464 O  O     . HOH G 4 .  ? 5.856   3.454   -3.907  1.00 32.37  ? 164  HOH A O     1 
HETATM 465 O  O     . HOH G 4 .  ? 0.733   5.931   10.652  1.00 54.69  ? 166  HOH A O     1 
HETATM 466 O  O     . HOH G 4 .  ? 1.573   9.363   7.059   1.00 33.14  ? 167  HOH A O     1 
HETATM 467 O  O     . HOH G 4 .  ? -4.119  9.187   6.065   1.00 31.15  ? 171  HOH A O     1 
HETATM 468 O  O     . HOH G 4 .  ? -7.435  3.910   5.276   1.00 27.85  ? 172  HOH A O     1 
HETATM 469 O  O     . HOH G 4 .  ? 6.402   8.449   -10.991 1.00 39.16  ? 175  HOH A O     1 
HETATM 470 O  O     . HOH G 4 .  ? 1.217   -5.065  6.865   1.00 33.12  ? 182  HOH A O     1 
HETATM 471 O  O     . HOH G 4 .  ? -4.792  -3.661  4.370   1.00 34.71  ? 183  HOH A O     1 
HETATM 472 O  O     . HOH G 4 .  ? -7.927  0.429   9.039   1.00 27.52  ? 186  HOH A O     1 
HETATM 473 O  O     . HOH G 4 .  ? -7.047  3.148   9.793   1.00 50.26  ? 187  HOH A O     1 
HETATM 474 O  O     . HOH G 4 .  ? -7.790  -6.945  -6.673  1.00 49.45  ? 189  HOH A O     1 
HETATM 475 O  O     . HOH G 4 .  ? -7.007  -0.956  -19.482 1.00 50.54  ? 191  HOH A O     1 
HETATM 476 O  O     . HOH G 4 .  ? -8.227  -1.652  -17.306 1.00 35.36  ? 192  HOH A O     1 
HETATM 477 O  O     . HOH G 4 .  ? -6.236  0.549   -14.650 1.00 47.47  ? 193  HOH A O     1 
HETATM 478 O  O     . HOH G 4 .  ? -7.277  -7.419  -17.122 1.00 31.82  ? 194  HOH A O     1 
HETATM 479 O  O     . HOH G 4 .  ? 0.393   11.690  -2.940  1.00 28.52  ? 196  HOH A O     1 
HETATM 480 O  O     . HOH G 4 .  ? -3.097  7.823   -0.533  1.00 31.88  ? 197  HOH A O     1 
HETATM 481 O  O     . HOH G 4 .  ? -3.287  4.567   11.586  1.00 41.48  ? 203  HOH A O     1 
HETATM 482 O  O     . HOH G 4 .  ? -4.072  -6.094  5.300   1.00 38.41  ? 208  HOH A O     1 
HETATM 483 O  O     . HOH G 4 .  ? 8.137   5.102   -6.343  1.00 63.01  ? 214  HOH A O     1 
HETATM 484 O  O     . HOH G 4 .  ? 4.714   0.604   -8.909  1.00 34.04  ? 215  HOH A O     1 
HETATM 485 O  O     . HOH G 4 .  ? 6.778   4.132   -8.495  1.00 38.81  ? 216  HOH A O     1 
HETATM 486 O  O     . HOH G 4 .  ? -1.515  6.272   -4.458  1.00 33.59  ? 217  HOH A O     1 
HETATM 487 O  O     . HOH G 4 .  ? -4.369  5.471   0.737   1.00 33.64  ? 218  HOH A O     1 
HETATM 488 O  O     . HOH G 4 .  ? -4.003  9.454   2.012   1.00 35.14  ? 219  HOH A O     1 
HETATM 489 O  O     . HOH G 4 .  ? -6.507  10.556  5.947   1.00 40.23  ? 220  HOH A O     1 
HETATM 490 O  O     . HOH G 4 .  ? 1.902   11.947  3.355   1.00 53.23  ? 221  HOH A O     1 
HETATM 491 O  O     . HOH G 4 .  ? -9.341  1.570   -14.310 1.00 62.75  ? 224  HOH A O     1 
HETATM 492 O  O     . HOH G 4 .  ? 7.830   2.084   -4.643  1.00 62.19  ? 226  HOH A O     1 
HETATM 493 O  O     . HOH G 4 .  ? 7.546   6.473   -9.598  1.00 63.14  ? 227  HOH A O     1 
HETATM 494 O  O     . HOH H 4 .  ? -6.803  -0.237  0.116   1.00 19.79  ? 104  HOH B O     1 
HETATM 495 O  O     . HOH H 4 .  ? 0.424   2.773   13.655  1.00 21.14  ? 105  HOH B O     1 
HETATM 496 O  O     . HOH H 4 .  ? -9.281  -5.651  -4.669  1.00 19.87  ? 107  HOH B O     1 
HETATM 497 O  O     . HOH H 4 .  ? -3.493  -6.467  -6.397  1.00 18.87  ? 108  HOH B O     1 
HETATM 498 O  O     . HOH H 4 .  ? -3.249  -4.279  2.181   1.00 23.72  ? 111  HOH B O     1 
HETATM 499 O  O     . HOH H 4 .  ? -12.918 -3.565  -4.515  1.00 23.55  ? 113  HOH B O     1 
HETATM 500 O  O     . HOH H 4 .  ? -14.070 -0.629  -3.469  1.00 23.50  ? 114  HOH B O     1 
HETATM 501 O  O     . HOH H 4 .  ? -14.313 -1.483  -0.868  1.00 20.69  ? 115  HOH B O     1 
HETATM 502 O  O     . HOH H 4 .  ? -12.536 -5.030  -2.253  1.00 27.24  ? 116  HOH B O     1 
HETATM 503 O  O     . HOH H 4 .  ? -15.406 -2.556  -4.480  1.00 31.12  ? 118  HOH B O     1 
HETATM 504 O  O     . HOH H 4 .  ? -10.001 -7.412  -2.550  1.00 39.49  ? 120  HOH B O     1 
HETATM 505 O  O     . HOH H 4 .  ? -7.392  6.169   -7.398  1.00 14.90  ? 121  HOH B O     1 
HETATM 506 O  O     . HOH H 4 .  ? -3.204  -9.434  -6.049  1.00 31.98  ? 127  HOH B O     1 
HETATM 507 O  O     . HOH H 4 .  ? -5.129  3.792   -4.857  1.00 29.42  ? 130  HOH B O     1 
HETATM 508 O  O     . HOH H 4 .  ? 7.642   -5.142  12.154  1.00 27.76  ? 141  HOH B O     1 
HETATM 509 O  O     . HOH H 4 .  ? 8.608   -2.468  11.848  1.00 24.80  ? 142  HOH B O     1 
HETATM 510 O  O     . HOH H 4 .  ? 8.874   -1.680  9.263   1.00 29.78  ? 143  HOH B O     1 
HETATM 511 O  O     . HOH H 4 .  ? 8.871   1.089   15.337  1.00 22.71  ? 144  HOH B O     1 
HETATM 512 O  O     . HOH H 4 .  ? 11.058  0.334   11.486  1.00 74.63  ? 145  HOH B O     1 
HETATM 513 O  O     . HOH H 4 .  ? 7.999   2.254   18.707  1.00 25.58  ? 147  HOH B O     1 
HETATM 514 O  O     . HOH H 4 .  ? 4.736   -2.791  3.115   1.00 22.58  ? 148  HOH B O     1 
HETATM 515 O  O     . HOH H 4 .  ? 7.266   -3.814  5.605   1.00 33.04  ? 149  HOH B O     1 
HETATM 516 O  O     . HOH H 4 .  ? 4.991   -6.223  -0.368  1.00 18.62  ? 150  HOH B O     1 
HETATM 517 O  O     . HOH H 4 .  ? -4.279  -10.839 -0.492  1.00 32.27  ? 151  HOH B O     1 
HETATM 518 O  O     . HOH H 4 .  ? -10.385 -6.959  5.013   1.00 30.22  ? 152  HOH B O     1 
HETATM 519 O  O     . HOH H 4 .  ? 2.767   -12.064 -3.305  1.00 28.85  ? 153  HOH B O     1 
HETATM 520 O  O     . HOH H 4 .  ? -7.800  3.162   -0.758  1.00 38.40  ? 158  HOH B O     1 
HETATM 521 O  O     . HOH H 4 .  ? -7.040  3.970   -3.011  1.00 28.29  ? 159  HOH B O     1 
HETATM 522 O  O     . HOH H 4 .  ? 6.467   -0.898  -4.105  1.00 39.57  ? 163  HOH B O     1 
HETATM 523 O  O     . HOH H 4 .  ? 4.607   5.774   11.236  1.00 27.40  ? 165  HOH B O     1 
HETATM 524 O  O     . HOH H 4 .  ? 6.733   4.615   18.958  1.00 30.52  ? 168  HOH B O     1 
HETATM 525 O  O     . HOH H 4 .  ? 1.318   -5.059  -0.581  0.50 28.94  ? 169  HOH B O     1 
HETATM 526 O  O     . HOH H 4 .  ? -6.629  1.166   3.155   1.00 36.57  ? 170  HOH B O     1 
HETATM 527 O  O     . HOH H 4 .  ? 11.303  -7.065  1.026   1.00 39.92  ? 173  HOH B O     1 
HETATM 528 O  O     . HOH H 4 .  ? 1.999   -3.276  0.226   0.50 31.75  ? 174  HOH B O     1 
HETATM 529 O  O     . HOH H 4 .  ? 9.772   2.315   -0.602  1.00 33.58  ? 176  HOH B O     1 
HETATM 530 O  O     . HOH H 4 .  ? 7.118   -3.767  2.722   1.00 28.43  ? 177  HOH B O     1 
HETATM 531 O  O     . HOH H 4 .  ? 14.894  -4.543  -2.402  1.00 109.72 ? 178  HOH B O     1 
HETATM 532 O  O     . HOH H 4 .  ? 8.334   -7.234  0.963   1.00 56.47  ? 179  HOH B O     1 
HETATM 533 O  O     . HOH H 4 .  ? 6.077   -10.263 -1.219  1.00 27.22  ? 180  HOH B O     1 
HETATM 534 O  O     . HOH H 4 .  ? 1.616   -8.065  1.654   1.00 31.20  ? 181  HOH B O     1 
HETATM 535 O  O     . HOH H 4 .  ? -9.749  -6.586  2.397   1.00 48.62  ? 184  HOH B O     1 
HETATM 536 O  O     . HOH H 4 .  ? -12.510 -8.028  5.377   1.00 27.39  ? 185  HOH B O     1 
HETATM 537 O  O     . HOH H 4 .  ? -7.060  -9.877  0.089   1.00 41.50  ? 188  HOH B O     1 
HETATM 538 O  O     . HOH H 4 .  ? -6.740  -9.012  2.659   1.00 32.99  ? 190  HOH B O     1 
HETATM 539 O  O     . HOH H 4 .  ? -9.264  4.981   -8.251  1.00 53.91  ? 195  HOH B O     1 
HETATM 540 O  O     . HOH H 4 .  ? 10.580  -3.834  3.518   1.00 48.64  ? 198  HOH B O     1 
HETATM 541 O  O     . HOH H 4 .  ? 8.304   6.684   18.091  1.00 32.03  ? 199  HOH B O     1 
HETATM 542 O  O     . HOH H 4 .  ? 9.707   -1.499  14.106  1.00 59.84  ? 200  HOH B O     1 
HETATM 543 O  O     . HOH H 4 .  ? 11.638  2.098   13.638  1.00 137.42 ? 201  HOH B O     1 
HETATM 544 O  O     . HOH H 4 .  ? 6.990   9.073   17.392  1.00 45.40  ? 202  HOH B O     1 
HETATM 545 O  O     . HOH H 4 .  ? -9.308  7.095   -2.261  1.00 35.13  ? 204  HOH B O     1 
HETATM 546 O  O     . HOH H 4 .  ? -4.515  -1.912  1.802   1.00 35.15  ? 205  HOH B O     1 
HETATM 547 O  O     . HOH H 4 .  ? -0.504  -10.223 1.150   1.00 35.03  ? 206  HOH B O     1 
HETATM 548 O  O     . HOH H 4 .  ? -4.207  -8.716  2.749   1.00 37.78  ? 207  HOH B O     1 
HETATM 549 O  O     . HOH H 4 .  ? 6.502   -2.871  8.620   1.00 67.19  ? 209  HOH B O     1 
HETATM 550 O  O     . HOH H 4 .  ? 12.776  -2.074  -4.013  1.00 49.37  ? 210  HOH B O     1 
HETATM 551 O  O     . HOH H 4 .  ? 11.099  -3.455  -5.689  1.00 35.00  ? 211  HOH B O     1 
HETATM 552 O  O     . HOH H 4 .  ? 10.746  -3.987  -8.982  1.00 54.91  ? 212  HOH B O     1 
HETATM 553 O  O     . HOH H 4 .  ? 11.055  -0.186  -3.081  1.00 48.05  ? 213  HOH B O     1 
HETATM 554 O  O     . HOH H 4 .  ? 0.523   4.707   15.400  1.00 46.21  ? 222  HOH B O     1 
HETATM 555 O  O     . HOH H 4 .  ? 2.158   3.757   18.549  1.00 43.03  ? 223  HOH B O     1 
HETATM 556 O  O     . HOH H 4 .  ? 7.782   -0.091  -6.093  1.00 48.82  ? 225  HOH B O     1 
HETATM 557 O  O     . HOH H 4 .  ? -0.182  -6.015  1.466   1.00 58.77  ? 228  HOH B O     1 
HETATM 558 O  O     . HOH H 4 .  ? 5.160   -5.303  2.133   1.00 32.55  ? 229  HOH B O     1 
# 
loop_
_atom_site_anisotrop.id 
_atom_site_anisotrop.type_symbol 
_atom_site_anisotrop.pdbx_label_atom_id 
_atom_site_anisotrop.pdbx_label_alt_id 
_atom_site_anisotrop.pdbx_label_comp_id 
_atom_site_anisotrop.pdbx_label_asym_id 
_atom_site_anisotrop.pdbx_label_seq_id 
_atom_site_anisotrop.pdbx_PDB_ins_code 
_atom_site_anisotrop.U[1][1] 
_atom_site_anisotrop.U[2][2] 
_atom_site_anisotrop.U[3][3] 
_atom_site_anisotrop.U[1][2] 
_atom_site_anisotrop.U[1][3] 
_atom_site_anisotrop.U[2][3] 
_atom_site_anisotrop.pdbx_auth_seq_id 
_atom_site_anisotrop.pdbx_auth_comp_id 
_atom_site_anisotrop.pdbx_auth_asym_id 
_atom_site_anisotrop.pdbx_auth_atom_id 
1   O  "O5'" . DG  A 1  ? 0.2766 0.2478 0.2586 0.0189  -0.0118 -0.0240 1    DG  A "O5'" 
2   C  "C5'" . DG  A 1  ? 0.2622 0.2247 0.2341 0.0093  -0.0185 0.0014  1    DG  A "C5'" 
3   C  "C4'" . DG  A 1  ? 0.2325 0.1885 0.2002 0.0077  -0.0163 0.0110  1    DG  A "C4'" 
4   O  "O4'" . DG  A 1  ? 0.2220 0.1694 0.1837 0.0124  -0.0302 0.0145  1    DG  A "O4'" 
5   C  "C3'" . DG  A 1  ? 0.1923 0.1643 0.1735 0.0064  -0.0080 0.0203  1    DG  A "C3'" 
6   O  "O3'" . DG  A 1  ? 0.1766 0.1529 0.1825 0.0009  -0.0103 0.0372  1    DG  A "O3'" 
7   C  "C2'" . DG  A 1  ? 0.1911 0.1748 0.1790 0.0092  -0.0143 0.0148  1    DG  A "C2'" 
8   C  "C1'" . DG  A 1  ? 0.2124 0.1872 0.1500 0.0186  -0.0192 0.0120  1    DG  A "C1'" 
9   N  N9    . DG  A 1  ? 0.2063 0.1795 0.1510 0.0246  -0.0238 0.0147  1    DG  A N9    
10  C  C8    . DG  A 1  ? 0.2138 0.1775 0.1519 0.0257  -0.0160 0.0104  1    DG  A C8    
11  N  N7    . DG  A 1  ? 0.2184 0.1866 0.1636 0.0240  -0.0140 0.0079  1    DG  A N7    
12  C  C5    . DG  A 1  ? 0.2035 0.1872 0.1428 0.0245  -0.0239 0.0111  1    DG  A C5    
13  C  C6    . DG  A 1  ? 0.2086 0.1915 0.1302 0.0169  -0.0162 0.0150  1    DG  A C6    
14  O  O6    . DG  A 1  ? 0.2056 0.2011 0.1531 0.0311  -0.0210 0.0073  1    DG  A O6    
15  N  N1    . DG  A 1  ? 0.2011 0.1802 0.1357 0.0185  -0.0216 0.0183  1    DG  A N1    
16  C  C2    . DG  A 1  ? 0.1993 0.1746 0.1364 0.0248  -0.0206 0.0198  1    DG  A C2    
17  N  N2    . DG  A 1  ? 0.2049 0.1796 0.1337 0.0245  -0.0205 0.0113  1    DG  A N2    
18  N  N3    . DG  A 1  ? 0.1917 0.1758 0.1186 0.0225  -0.0299 0.0048  1    DG  A N3    
19  C  C4    . DG  A 1  ? 0.1949 0.1738 0.1345 0.0217  -0.0283 0.0190  1    DG  A C4    
20  P  P     . DC  A 2  ? 0.1628 0.1468 0.1881 -0.0089 -0.0186 0.0376  2    DC  A P     
21  O  OP1   . DC  A 2  ? 0.1678 0.1629 0.2273 -0.0158 -0.0248 0.0426  2    DC  A OP1   
22  O  OP2   . DC  A 2  ? 0.1811 0.1640 0.1780 -0.0018 0.0051  0.0341  2    DC  A OP2   
23  O  "O5'" . DC  A 2  ? 0.1555 0.1593 0.1876 -0.0049 -0.0091 0.0199  2    DC  A "O5'" 
24  C  "C5'" . DC  A 2  ? 0.1527 0.1475 0.1668 -0.0081 -0.0040 0.0133  2    DC  A "C5'" 
25  C  "C4'" . DC  A 2  ? 0.1459 0.1499 0.1744 -0.0027 0.0034  0.0227  2    DC  A "C4'" 
26  O  "O4'" . DC  A 2  ? 0.1569 0.1485 0.1701 -0.0020 0.0000  0.0254  2    DC  A "O4'" 
27  C  "C3'" . DC  A 2  ? 0.1414 0.1493 0.1697 -0.0012 -0.0005 0.0172  2    DC  A "C3'" 
28  O  "O3'" . DC  A 2  ? 0.1354 0.1752 0.2040 -0.0007 0.0012  0.0307  2    DC  A "O3'" 
29  C  "C2'" . DC  A 2  ? 0.1446 0.1448 0.1652 0.0085  -0.0084 0.0092  2    DC  A "C2'" 
30  C  "C1'" . DC  A 2  ? 0.1525 0.1465 0.1421 -0.0027 -0.0098 0.0059  2    DC  A "C1'" 
31  N  N1    . DC  A 2  ? 0.1353 0.1474 0.1381 0.0071  -0.0131 0.0124  2    DC  A N1    
32  C  C2    . DC  A 2  ? 0.1501 0.1538 0.1360 0.0054  -0.0185 0.0202  2    DC  A C2    
33  O  O2    . DC  A 2  ? 0.1558 0.1663 0.1589 0.0069  -0.0157 -0.0070 2    DC  A O2    
34  N  N3    . DC  A 2  ? 0.1579 0.1671 0.1342 0.0129  -0.0055 0.0119  2    DC  A N3    
35  C  C4    . DC  A 2  ? 0.1569 0.1627 0.1219 0.0078  -0.0130 0.0127  2    DC  A C4    
36  N  N4    . DC  A 2  ? 0.1748 0.1848 0.1321 0.0221  -0.0070 0.0046  2    DC  A N4    
37  C  C5    . DC  A 2  ? 0.1644 0.1633 0.1243 0.0047  -0.0038 0.0127  2    DC  A C5    
38  C  C6    . DC  A 2  ? 0.1460 0.1451 0.1319 -0.0041 -0.0202 0.0212  2    DC  A C6    
39  P  P     . DG  A 3  ? 0.1420 0.1930 0.2157 -0.0027 -0.0174 0.0587  3    DG  A P     
40  O  OP1   . DG  A 3  ? 0.1731 0.2288 0.2717 0.0065  -0.0082 0.0423  3    DG  A OP1   
41  O  OP2   . DG  A 3  ? 0.1897 0.1884 0.2147 -0.0030 -0.0134 0.0354  3    DG  A OP2   
42  O  "O5'" . DG  A 3  ? 0.1620 0.1909 0.2079 -0.0151 0.0164  0.0386  3    DG  A "O5'" 
43  C  "C5'" . DG  A 3  ? 0.1568 0.2055 0.1922 -0.0005 0.0234  0.0159  3    DG  A "C5'" 
44  C  "C4'" . DG  A 3  ? 0.1659 0.1746 0.1890 -0.0004 0.0123  0.0067  3    DG  A "C4'" 
45  O  "O4'" . DG  A 3  ? 0.1540 0.1682 0.1751 -0.0148 0.0220  0.0146  3    DG  A "O4'" 
46  C  "C3'" . DG  A 3  ? 0.1672 0.1587 0.1909 -0.0004 0.0077  0.0062  3    DG  A "C3'" 
47  O  "O3'" . DG  A 3  ? 0.1692 0.1702 0.2186 0.0102  0.0140  0.0129  3    DG  A "O3'" 
48  C  "C2'" . DG  A 3  ? 0.1682 0.1569 0.1688 -0.0005 0.0177  -0.0042 3    DG  A "C2'" 
49  C  "C1'" . DG  A 3  ? 0.1561 0.1648 0.1607 -0.0063 0.0111  0.0110  3    DG  A "C1'" 
50  N  N9    . DG  A 3  ? 0.1519 0.1563 0.1418 -0.0124 0.0083  0.0069  3    DG  A N9    
51  C  C8    . DG  A 3  ? 0.1636 0.1636 0.1537 -0.0076 0.0062  0.0162  3    DG  A C8    
52  N  N7    . DG  A 3  ? 0.1568 0.1506 0.1457 -0.0105 0.0033  0.0152  3    DG  A N7    
53  C  C5    . DG  A 3  ? 0.1627 0.1576 0.1267 -0.0105 0.0029  0.0201  3    DG  A C5    
54  C  C6    . DG  A 3  ? 0.1726 0.1724 0.1300 -0.0032 0.0028  0.0203  3    DG  A C6    
55  O  O6    . DG  A 3  ? 0.1762 0.1614 0.1562 0.0036  0.0113  0.0214  3    DG  A O6    
56  N  N1    . DG  A 3  ? 0.1572 0.1536 0.1178 -0.0023 0.0049  0.0149  3    DG  A N1    
57  C  C2    . DG  A 3  ? 0.1512 0.1719 0.1411 -0.0098 0.0066  0.0079  3    DG  A C2    
58  N  N2    . DG  A 3  ? 0.1654 0.1702 0.1471 -0.0124 0.0023  0.0106  3    DG  A N2    
59  N  N3    . DG  A 3  ? 0.1549 0.1410 0.1304 -0.0112 0.0123  0.0200  3    DG  A N3    
60  C  C4    . DG  A 3  ? 0.1694 0.1626 0.1377 -0.0058 0.0035  0.0145  3    DG  A C4    
61  P  P     . DT  A 4  ? 0.1688 0.1692 0.2261 0.0236  0.0074  0.0143  4    DT  A P     
62  O  OP1   . DT  A 4  ? 0.1900 0.2061 0.2569 0.0330  -0.0029 0.0170  4    DT  A OP1   
63  O  OP2   . DT  A 4  ? 0.1746 0.1692 0.2407 0.0108  -0.0105 0.0029  4    DT  A OP2   
64  O  "O5'" . DT  A 4  ? 0.1733 0.1424 0.2084 0.0019  0.0156  0.0090  4    DT  A "O5'" 
65  C  "C5'" . DT  A 4  ? 0.1979 0.1638 0.1943 -0.0003 0.0046  0.0033  4    DT  A "C5'" 
66  C  "C4'" . DT  A 4  ? 0.1921 0.1474 0.1858 0.0006  0.0023  -0.0016 4    DT  A "C4'" 
67  O  "O4'" . DT  A 4  ? 0.1828 0.1535 0.1649 -0.0004 0.0002  0.0063  4    DT  A "O4'" 
68  C  "C3'" . DT  A 4  ? 0.1799 0.1419 0.1869 -0.0035 0.0009  0.0090  4    DT  A "C3'" 
69  O  "O3'" . DT  A 4  ? 0.1954 0.1367 0.1986 -0.0018 0.0184  0.0116  4    DT  A "O3'" 
70  C  "C2'" . DT  A 4  ? 0.1767 0.1402 0.1761 -0.0110 0.0041  0.0163  4    DT  A "C2'" 
71  C  "C1'" . DT  A 4  ? 0.1682 0.1560 0.1755 -0.0103 -0.0091 0.0101  4    DT  A "C1'" 
72  N  N1    . DT  A 4  ? 0.1565 0.1421 0.1568 -0.0094 -0.0092 0.0174  4    DT  A N1    
73  C  C2    . DT  A 4  ? 0.1470 0.1556 0.1497 -0.0040 -0.0183 0.0237  4    DT  A C2    
74  O  O2    . DT  A 4  ? 0.1385 0.1747 0.1681 -0.0258 -0.0121 0.0208  4    DT  A O2    
75  N  N3    . DT  A 4  ? 0.1448 0.1437 0.1287 -0.0003 -0.0103 0.0111  4    DT  A N3    
76  C  C4    . DT  A 4  ? 0.1391 0.1517 0.1169 -0.0077 -0.0129 0.0111  4    DT  A C4    
77  O  O4    . DT  A 4  ? 0.1635 0.1627 0.1441 -0.0033 -0.0133 0.0114  4    DT  A O4    
78  C  C5    . DT  A 4  ? 0.1530 0.1438 0.1423 -0.0069 -0.0081 0.0070  4    DT  A C5    
79  C  C7    . DT  A 4  ? 0.1564 0.1524 0.1541 -0.0040 -0.0057 0.0054  4    DT  A C7    
80  C  C6    . DT  A 4  ? 0.1408 0.1509 0.1502 -0.0040 -0.0188 0.0121  4    DT  A C6    
81  P  P     . A2M A 5  ? 0.1877 0.1672 0.2192 -0.0046 -0.0238 0.0436  5    A2M A P     
82  O  OP1   . A2M A 5  ? 0.2340 0.1970 0.2332 0.0080  -0.0112 0.0723  5    A2M A OP1   
83  O  "O5'" . A2M A 5  ? 0.1543 0.1481 0.1992 -0.0203 -0.0152 0.0262  5    A2M A "O5'" 
84  C  "C5'" . A2M A 5  ? 0.1781 0.1355 0.1772 -0.0238 -0.0073 0.0346  5    A2M A "C5'" 
85  C  "C4'" . A2M A 5  ? 0.1717 0.1421 0.1684 -0.0324 -0.0049 0.0257  5    A2M A "C4'" 
86  O  "O4'" . A2M A 5  ? 0.1537 0.1399 0.1624 -0.0221 -0.0097 0.0246  5    A2M A "O4'" 
87  C  "C3'" . A2M A 5  ? 0.1673 0.1499 0.1693 -0.0311 0.0001  0.0291  5    A2M A "C3'" 
88  O  "O3'" . A2M A 5  ? 0.2103 0.1409 0.1864 -0.0344 -0.0066 0.0428  5    A2M A "O3'" 
89  C  "C2'" . A2M A 5  ? 0.1650 0.1478 0.1700 -0.0306 -0.0002 0.0198  5    A2M A "C2'" 
90  O  "O2'" . A2M A 5  ? 0.1724 0.1718 0.1787 -0.0516 -0.0043 0.0250  5    A2M A "O2'" 
91  C  "C1'" . A2M A 5  ? 0.1575 0.1338 0.1593 -0.0266 0.0020  0.0259  5    A2M A "C1'" 
92  C  "CM'" . A2M A 5  ? 0.1848 0.1861 0.1925 -0.0256 0.0085  0.0186  5    A2M A "CM'" 
93  N  N9    . A2M A 5  ? 0.1405 0.1404 0.1621 -0.0327 -0.0015 0.0166  5    A2M A N9    
94  C  C8    . A2M A 5  ? 0.1482 0.1451 0.1660 -0.0238 0.0074  0.0077  5    A2M A C8    
95  N  N7    . A2M A 5  ? 0.1408 0.1432 0.1604 -0.0354 0.0111  0.0105  5    A2M A N7    
96  C  C5    . A2M A 5  ? 0.1509 0.1326 0.1433 -0.0349 -0.0015 0.0093  5    A2M A C5    
97  C  C6    . A2M A 5  ? 0.1559 0.1321 0.1334 -0.0295 0.0000  0.0075  5    A2M A C6    
98  N  N6    . A2M A 5  ? 0.1577 0.1477 0.1355 -0.0450 0.0059  0.0079  5    A2M A N6    
99  N  N1    . A2M A 5  ? 0.1559 0.1498 0.1525 -0.0249 -0.0001 0.0151  5    A2M A N1    
100 C  C2    . A2M A 5  ? 0.1538 0.1488 0.1659 -0.0144 -0.0006 0.0115  5    A2M A C2    
101 N  N3    . A2M A 5  ? 0.1525 0.1609 0.1630 -0.0248 -0.0012 0.0216  5    A2M A N3    
102 C  C4    . A2M A 5  ? 0.1384 0.1348 0.1537 -0.0247 0.0083  0.0079  5    A2M A C4    
103 O  OP2   . A2M A 5  ? 0.1819 0.2171 0.2397 -0.0341 -0.0307 0.0389  5    A2M A OP2   
104 P  P     . UAR A 6  ? 0.2440 0.1590 0.1846 -0.0311 -0.0153 0.0337  6    UAR A P     
105 O  OP1   . UAR A 6  ? 0.2798 0.1651 0.2108 -0.0217 -0.0237 0.0394  6    UAR A OP1   
106 O  OP2   . UAR A 6  ? 0.2307 0.1884 0.2054 0.0114  -0.0075 0.0504  6    UAR A OP2   
107 O  "O5'" . UAR A 6  ? 0.2136 0.1811 0.1846 -0.0239 0.0050  0.0239  6    UAR A "O5'" 
108 C  "C5'" . UAR A 6  ? 0.2273 0.2020 0.2021 -0.0156 0.0089  0.0093  6    UAR A "C5'" 
109 C  "C4'" . UAR A 6  ? 0.2348 0.1971 0.2128 -0.0209 0.0107  0.0119  6    UAR A "C4'" 
110 O  "O4'" . UAR A 6  ? 0.2350 0.2082 0.2084 -0.0297 0.0032  0.0133  6    UAR A "O4'" 
111 C  "C3'" . UAR A 6  ? 0.2479 0.2099 0.2281 -0.0186 0.0080  -0.0020 6    UAR A "C3'" 
112 O  "O3'" . UAR A 6  ? 0.2976 0.2281 0.2111 -0.0442 0.0165  0.0002  6    UAR A "O3'" 
113 C  "C2'" . UAR A 6  ? 0.2367 0.2269 0.2178 -0.0156 0.0030  -0.0004 6    UAR A "C2'" 
114 O  "O2'" . UAR A 6  ? 0.2603 0.2811 0.2363 -0.0068 -0.0145 0.0058  6    UAR A "O2'" 
115 C  "C1'" . UAR A 6  ? 0.2312 0.1986 0.2106 -0.0090 -0.0006 -0.0064 6    UAR A "C1'" 
116 N  N1    . UAR A 6  ? 0.2091 0.1875 0.1918 -0.0074 0.0019  -0.0058 6    UAR A N1    
117 C  C2    . UAR A 6  ? 0.1938 0.1678 0.1951 0.0037  0.0019  -0.0127 6    UAR A C2    
118 O  O2    . UAR A 6  ? 0.1953 0.1716 0.2049 -0.0076 0.0236  -0.0141 6    UAR A O2    
119 N  N3    . UAR A 6  ? 0.1609 0.1517 0.1620 0.0046  0.0158  -0.0164 6    UAR A N3    
120 C  C4    . UAR A 6  ? 0.1606 0.1695 0.1900 0.0100  -0.0072 -0.0209 6    UAR A C4    
121 O  O4    . UAR A 6  ? 0.1709 0.1641 0.1579 0.0198  0.0077  -0.0255 6    UAR A O4    
122 C  C5    . UAR A 6  ? 0.1913 0.1764 0.1663 0.0023  0.0070  -0.0139 6    UAR A C5    
123 C  C6    . UAR A 6  ? 0.2047 0.1786 0.1985 0.0041  -0.0022 -0.0063 6    UAR A C6    
124 P  P     . DA  A 7  ? 0.4150 0.3011 0.2682 -0.0431 -0.0340 -0.0122 7    DA  A P     
125 O  OP1   . DA  A 7  ? 0.4211 0.3138 0.2933 -0.0575 -0.0164 0.0035  7    DA  A OP1   
126 O  OP2   . DA  A 7  ? 0.4056 0.2953 0.2844 -0.0199 -0.0233 -0.0217 7    DA  A OP2   
127 O  "O5'" . DA  A 7  ? 0.3359 0.2347 0.2265 -0.0345 -0.0211 -0.0055 7    DA  A "O5'" 
128 C  "C5'" . DA  A 7  ? 0.2714 0.2596 0.2279 -0.0175 0.0016  0.0029  7    DA  A "C5'" 
129 C  "C4'" . DA  A 7  ? 0.2510 0.2511 0.2255 -0.0090 0.0110  0.0052  7    DA  A "C4'" 
130 O  "O4'" . DA  A 7  ? 0.2340 0.2592 0.2155 -0.0083 0.0060  0.0187  7    DA  A "O4'" 
131 C  "C3'" . DA  A 7  ? 0.2546 0.2468 0.2385 -0.0091 0.0089  -0.0022 7    DA  A "C3'" 
132 O  "O3'" . DA  A 7  ? 0.3003 0.2791 0.2495 -0.0172 0.0048  -0.0176 7    DA  A "O3'" 
133 C  "C2'" . DA  A 7  ? 0.2324 0.2385 0.2169 -0.0059 0.0043  0.0027  7    DA  A "C2'" 
134 C  "C1'" . DA  A 7  ? 0.2017 0.2095 0.1989 0.0027  0.0004  0.0031  7    DA  A "C1'" 
135 N  N9    . DA  A 7  ? 0.1790 0.1930 0.1838 0.0034  0.0001  0.0050  7    DA  A N9    
136 C  C8    . DA  A 7  ? 0.1833 0.1805 0.1852 -0.0001 -0.0011 -0.0002 7    DA  A C8    
137 N  N7    . DA  A 7  ? 0.1887 0.1606 0.1946 0.0039  -0.0026 -0.0079 7    DA  A N7    
138 C  C5    . DA  A 7  ? 0.1740 0.1711 0.1932 0.0056  -0.0150 0.0016  7    DA  A C5    
139 C  C6    . DA  A 7  ? 0.1565 0.1860 0.1756 -0.0006 -0.0084 -0.0017 7    DA  A C6    
140 N  N6    . DA  A 7  ? 0.1486 0.1839 0.1670 0.0037  -0.0035 -0.0105 7    DA  A N6    
141 N  N1    . DA  A 7  ? 0.1472 0.1814 0.1724 0.0102  -0.0056 0.0052  7    DA  A N1    
142 C  C2    . DA  A 7  ? 0.1646 0.1677 0.1711 0.0014  -0.0036 -0.0044 7    DA  A C2    
143 N  N3    . DA  A 7  ? 0.1664 0.1701 0.1809 -0.0013 0.0013  0.0091  7    DA  A N3    
144 C  C4    . DA  A 7  ? 0.1741 0.1737 0.1833 -0.0103 -0.0137 0.0019  7    DA  A C4    
145 P  P     . DC  A 8  ? 0.3499 0.2920 0.2262 -0.0259 0.0223  -0.0205 8    DC  A P     
146 O  OP1   . DC  A 8  ? 0.3690 0.3273 0.2571 -0.0165 0.0202  -0.0270 8    DC  A OP1   
147 O  OP2   . DC  A 8  ? 0.3686 0.2895 0.2883 -0.0193 -0.0062 -0.0102 8    DC  A OP2   
148 O  "O5'" . DC  A 8  ? 0.3081 0.2791 0.2332 -0.0139 0.0050  -0.0026 8    DC  A "O5'" 
149 C  "C5'" . DC  A 8  ? 0.2699 0.2646 0.2367 -0.0009 -0.0009 -0.0100 8    DC  A "C5'" 
150 C  "C4'" . DC  A 8  ? 0.2288 0.2304 0.2032 0.0104  -0.0031 -0.0104 8    DC  A "C4'" 
151 O  "O4'" . DC  A 8  ? 0.2103 0.2332 0.1875 -0.0031 -0.0114 -0.0148 8    DC  A "O4'" 
152 C  "C3'" . DC  A 8  ? 0.2057 0.2166 0.1846 0.0168  0.0004  -0.0104 8    DC  A "C3'" 
153 O  "O3'" . DC  A 8  ? 0.1690 0.2045 0.1436 0.0497  -0.0067 -0.0204 8    DC  A "O3'" 
154 C  "C2'" . DC  A 8  ? 0.2309 0.2491 0.2145 0.0055  -0.0017 -0.0102 8    DC  A "C2'" 
155 C  "C1'" . DC  A 8  ? 0.2218 0.2213 0.2026 -0.0014 -0.0071 0.0014  8    DC  A "C1'" 
156 N  N1    . DC  A 8  ? 0.1981 0.2040 0.1785 -0.0013 -0.0127 0.0001  8    DC  A N1    
157 C  C2    . DC  A 8  ? 0.1666 0.2003 0.1629 -0.0183 -0.0188 0.0090  8    DC  A C2    
158 O  O2    . DC  A 8  ? 0.1898 0.2083 0.1609 -0.0122 -0.0012 -0.0003 8    DC  A O2    
159 N  N3    . DC  A 8  ? 0.1586 0.2105 0.1548 -0.0098 -0.0240 -0.0027 8    DC  A N3    
160 C  C4    . DC  A 8  ? 0.1669 0.1936 0.1811 -0.0103 -0.0330 0.0134  8    DC  A C4    
161 N  N4    . DC  A 8  ? 0.1682 0.1950 0.1750 0.0122  -0.0202 0.0071  8    DC  A N4    
162 C  C5    . DC  A 8  ? 0.1768 0.2003 0.1760 -0.0023 -0.0158 0.0098  8    DC  A C5    
163 C  C6    . DC  A 8  ? 0.1979 0.1986 0.1885 -0.0053 -0.0099 0.0175  8    DC  A C6    
164 P  P     . DG  A 9  ? 0.1760 0.2039 0.1810 0.0651  -0.0081 -0.0259 9    DG  A P     
165 O  OP1   . DG  A 9  ? 0.2100 0.2065 0.1687 0.0561  -0.0197 -0.0154 9    DG  A OP1   
166 O  OP2   . DG  A 9  ? 0.2121 0.2212 0.2242 0.0781  -0.0177 -0.0297 9    DG  A OP2   
167 O  "O5'" . DG  A 9  ? 0.1595 0.2475 0.1909 0.0392  0.0064  -0.0318 9    DG  A "O5'" 
168 C  "C5'" . DG  A 9  ? 0.1763 0.2325 0.2013 0.0185  0.0155  -0.0079 9    DG  A "C5'" 
169 C  "C4'" . DG  A 9  ? 0.1944 0.2590 0.2143 0.0124  0.0141  -0.0053 9    DG  A "C4'" 
170 O  "O4'" . DG  A 9  ? 0.2047 0.2981 0.2018 0.0100  0.0329  -0.0070 9    DG  A "O4'" 
171 C  "C3'" . DG  A 9  ? 0.2215 0.2760 0.2420 0.0135  0.0090  -0.0094 9    DG  A "C3'" 
172 O  "O3'" . DG  A 9  ? 0.2122 0.2696 0.2339 0.0189  0.0235  -0.0197 9    DG  A "O3'" 
173 C  "C2'" . DG  A 9  ? 0.2310 0.2756 0.2392 0.0074  0.0107  -0.0021 9    DG  A "C2'" 
174 C  "C1'" . DG  A 9  ? 0.1828 0.2592 0.2083 0.0072  0.0127  -0.0017 9    DG  A "C1'" 
175 N  N9    . DG  A 9  ? 0.1880 0.2678 0.2150 0.0117  0.0215  -0.0024 9    DG  A N9    
176 C  C8    . DG  A 9  ? 0.1788 0.2581 0.2119 0.0097  0.0157  0.0061  9    DG  A C8    
177 N  N7    . DG  A 9  ? 0.1732 0.2670 0.2058 0.0092  0.0242  0.0118  9    DG  A N7    
178 C  C5    . DG  A 9  ? 0.1419 0.2533 0.1925 0.0023  0.0118  0.0117  9    DG  A C5    
179 C  C6    . DG  A 9  ? 0.1125 0.2497 0.1787 0.0084  0.0108  0.0063  9    DG  A C6    
180 O  O6    . DG  A 9  ? 0.1643 0.2507 0.2037 0.0115  0.0143  0.0102  9    DG  A O6    
181 N  N1    . DG  A 9  ? 0.1200 0.2189 0.1757 0.0213  -0.0066 0.0039  9    DG  A N1    
182 C  C2    . DG  A 9  ? 0.1315 0.2399 0.1807 0.0166  0.0071  -0.0090 9    DG  A C2    
183 N  N2    . DG  A 9  ? 0.1532 0.2348 0.1967 0.0212  0.0109  -0.0073 9    DG  A N2    
184 N  N3    . DG  A 9  ? 0.1446 0.2558 0.1861 0.0247  0.0172  -0.0089 9    DG  A N3    
185 C  C4    . DG  A 9  ? 0.1351 0.2711 0.1838 0.0211  0.0402  -0.0055 9    DG  A C4    
186 P  P     . DC  A 10 ? 0.2150 0.2812 0.2557 0.0557  0.0372  -0.0394 10   DC  A P     
187 O  OP1   . DC  A 10 ? 0.2280 0.2711 0.2711 0.0482  0.0438  -0.0800 10   DC  A OP1   
188 O  OP2   . DC  A 10 ? 0.2717 0.3112 0.2708 0.0425  0.0378  -0.0341 10   DC  A OP2   
189 O  "O5'" . DC  A 10 ? 0.2111 0.2649 0.2422 0.0341  0.0355  -0.0256 10   DC  A "O5'" 
190 C  "C5'" . DC  A 10 ? 0.2141 0.2301 0.2360 0.0184  0.0132  -0.0163 10   DC  A "C5'" 
191 C  "C4'" . DC  A 10 ? 0.1915 0.2197 0.2403 0.0215  0.0173  -0.0137 10   DC  A "C4'" 
192 O  "O4'" . DC  A 10 ? 0.1535 0.2223 0.2268 0.0472  0.0254  -0.0210 10   DC  A "O4'" 
193 C  "C3'" . DC  A 10 ? 0.1885 0.2240 0.2340 0.0144  0.0127  -0.0083 10   DC  A "C3'" 
194 O  "O3'" . DC  A 10 ? 0.1989 0.2438 0.2786 0.0010  0.0218  -0.0232 10   DC  A "O3'" 
195 C  "C2'" . DC  A 10 ? 0.1824 0.2144 0.2278 0.0110  0.0077  -0.0055 10   DC  A "C2'" 
196 C  "C1'" . DC  A 10 ? 0.1422 0.2054 0.2151 0.0288  0.0128  -0.0062 10   DC  A "C1'" 
197 N  N1    . DC  A 10 ? 0.1123 0.2064 0.2124 0.0348  0.0027  -0.0045 10   DC  A N1    
198 C  C2    . DC  A 10 ? 0.1201 0.2081 0.1995 0.0435  -0.0080 0.0009  10   DC  A C2    
199 O  O2    . DC  A 10 ? 0.1466 0.1926 0.2019 0.0339  -0.0105 0.0170  10   DC  A O2    
200 N  N3    . DC  A 10 ? 0.1149 0.1948 0.2048 0.0260  -0.0174 0.0099  10   DC  A N3    
201 C  C4    . DC  A 10 ? 0.1273 0.2044 0.2138 0.0240  0.0020  0.0022  10   DC  A C4    
202 N  N4    . DC  A 10 ? 0.1287 0.2101 0.2200 0.0156  0.0070  0.0053  10   DC  A N4    
203 C  C5    . DC  A 10 ? 0.1430 0.2130 0.2005 0.0163  0.0100  0.0090  10   DC  A C5    
204 C  C6    . DC  A 10 ? 0.1393 0.2113 0.2166 0.0339  0.0041  0.0009  10   DC  A C6    
205 O  "O5'" . DG  B 1  ? 0.2677 0.2445 0.2467 -0.0076 -0.0216 -0.0007 11   DG  B "O5'" 
206 C  "C5'" . DG  B 1  ? 0.2321 0.2274 0.2252 0.0097  -0.0200 -0.0018 11   DG  B "C5'" 
207 C  "C4'" . DG  B 1  ? 0.1997 0.1941 0.2039 0.0277  -0.0226 -0.0040 11   DG  B "C4'" 
208 O  "O4'" . DG  B 1  ? 0.1956 0.1850 0.2016 0.0408  -0.0412 -0.0005 11   DG  B "O4'" 
209 C  "C3'" . DG  B 1  ? 0.1797 0.1785 0.1878 0.0287  -0.0066 0.0004  11   DG  B "C3'" 
210 O  "O3'" . DG  B 1  ? 0.1710 0.1863 0.1784 0.0610  0.0075  -0.0004 11   DG  B "O3'" 
211 C  "C2'" . DG  B 1  ? 0.1780 0.1799 0.1777 0.0264  -0.0159 0.0030  11   DG  B "C2'" 
212 C  "C1'" . DG  B 1  ? 0.1743 0.1865 0.1910 0.0134  -0.0356 0.0044  11   DG  B "C1'" 
213 N  N9    . DG  B 1  ? 0.1705 0.1763 0.1822 0.0256  -0.0426 0.0122  11   DG  B N9    
214 C  C8    . DG  B 1  ? 0.1727 0.1756 0.1961 0.0199  -0.0395 0.0138  11   DG  B C8    
215 N  N7    . DG  B 1  ? 0.1771 0.1791 0.2010 0.0195  -0.0430 0.0116  11   DG  B N7    
216 C  C5    . DG  B 1  ? 0.1675 0.1812 0.1835 0.0259  -0.0424 0.0061  11   DG  B C5    
217 C  C6    . DG  B 1  ? 0.1501 0.1858 0.1898 0.0186  -0.0406 0.0099  11   DG  B C6    
218 O  O6    . DG  B 1  ? 0.1730 0.1944 0.1898 0.0130  -0.0409 0.0228  11   DG  B O6    
219 N  N1    . DG  B 1  ? 0.1549 0.1821 0.1766 0.0168  -0.0425 0.0079  11   DG  B N1    
220 C  C2    . DG  B 1  ? 0.1482 0.1777 0.1815 0.0254  -0.0437 0.0154  11   DG  B C2    
221 N  N2    . DG  B 1  ? 0.1493 0.1841 0.1855 0.0156  -0.0464 0.0092  11   DG  B N2    
222 N  N3    . DG  B 1  ? 0.1579 0.1747 0.1711 0.0099  -0.0503 0.0076  11   DG  B N3    
223 C  C4    . DG  B 1  ? 0.1641 0.1588 0.1674 0.0263  -0.0444 0.0105  11   DG  B C4    
224 P  P     . DC  B 2  ? 0.1809 0.1866 0.1520 0.0779  0.0088  -0.0060 12   DC  B P     
225 O  OP1   . DC  B 2  ? 0.2136 0.1974 0.1500 0.0839  0.0101  -0.0097 12   DC  B OP1   
226 O  OP2   . DC  B 2  ? 0.1789 0.1951 0.1680 0.0723  0.0111  -0.0010 12   DC  B OP2   
227 O  "O5'" . DC  B 2  ? 0.1788 0.1801 0.1607 0.0578  0.0147  -0.0061 12   DC  B "O5'" 
228 C  "C5'" . DC  B 2  ? 0.1637 0.1752 0.1538 0.0336  0.0109  -0.0050 12   DC  B "C5'" 
229 C  "C4'" . DC  B 2  ? 0.1552 0.1657 0.1573 0.0289  0.0153  0.0069  12   DC  B "C4'" 
230 O  "O4'" . DC  B 2  ? 0.1464 0.1644 0.1672 0.0386  0.0134  -0.0009 12   DC  B "O4'" 
231 C  "C3'" . DC  B 2  ? 0.1552 0.1669 0.1468 0.0284  0.0172  0.0029  12   DC  B "C3'" 
232 O  "O3'" . DC  B 2  ? 0.1704 0.1884 0.1500 0.0479  0.0305  0.0255  12   DC  B "O3'" 
233 C  "C2'" . DC  B 2  ? 0.1614 0.1599 0.1540 0.0242  0.0029  0.0076  12   DC  B "C2'" 
234 C  "C1'" . DC  B 2  ? 0.1473 0.1582 0.1513 0.0247  -0.0066 -0.0078 12   DC  B "C1'" 
235 N  N1    . DC  B 2  ? 0.1459 0.1590 0.1397 0.0249  -0.0080 -0.0019 12   DC  B N1    
236 C  C2    . DC  B 2  ? 0.1483 0.1653 0.1293 0.0328  -0.0176 -0.0070 12   DC  B C2    
237 O  O2    . DC  B 2  ? 0.1730 0.1649 0.1417 0.0120  -0.0096 -0.0004 12   DC  B O2    
238 N  N3    . DC  B 2  ? 0.1397 0.1657 0.1496 0.0146  -0.0231 -0.0006 12   DC  B N3    
239 C  C4    . DC  B 2  ? 0.1334 0.1639 0.1546 0.0254  -0.0294 0.0017  12   DC  B C4    
240 N  N4    . DC  B 2  ? 0.1417 0.1738 0.1742 0.0141  -0.0228 0.0050  12   DC  B N4    
241 C  C5    . DC  B 2  ? 0.1396 0.1702 0.1541 0.0170  -0.0184 0.0012  12   DC  B C5    
242 C  C6    . DC  B 2  ? 0.1314 0.1633 0.1425 0.0296  -0.0154 -0.0092 12   DC  B C6    
243 P  P     . DG  B 3  ? 0.1891 0.2344 0.1496 0.0815  0.0183  0.0297  13   DG  B P     
244 O  OP1   . DG  B 3  ? 0.2294 0.2476 0.1724 0.0719  0.0333  0.0315  13   DG  B OP1   
245 O  OP2   . DG  B 3  ? 0.1949 0.2296 0.1714 0.0756  0.0076  0.0118  13   DG  B OP2   
246 O  "O5'" . DG  B 3  ? 0.1632 0.1991 0.1687 0.0480  0.0384  0.0053  13   DG  B "O5'" 
247 C  "C5'" . DG  B 3  ? 0.1777 0.2045 0.1834 0.0191  0.0265  0.0096  13   DG  B "C5'" 
248 C  "C4'" . DG  B 3  ? 0.1641 0.1768 0.1666 0.0163  0.0249  -0.0057 13   DG  B "C4'" 
249 O  "O4'" . DG  B 3  ? 0.1477 0.1833 0.1684 0.0169  0.0347  -0.0083 13   DG  B "O4'" 
250 C  "C3'" . DG  B 3  ? 0.1735 0.1583 0.1705 0.0179  0.0156  -0.0078 13   DG  B "C3'" 
251 O  "O3'" . DG  B 3  ? 0.1759 0.1640 0.1879 0.0240  0.0233  0.0139  13   DG  B "O3'" 
252 C  "C2'" . DG  B 3  ? 0.1586 0.1626 0.1722 0.0127  0.0126  -0.0106 13   DG  B "C2'" 
253 C  "C1'" . DG  B 3  ? 0.1454 0.1742 0.1552 0.0158  0.0154  -0.0030 13   DG  B "C1'" 
254 N  N9    . DG  B 3  ? 0.1285 0.1664 0.1558 0.0096  0.0024  -0.0081 13   DG  B N9    
255 C  C8    . DG  B 3  ? 0.1321 0.1781 0.1609 0.0175  0.0055  -0.0032 13   DG  B C8    
256 N  N7    . DG  B 3  ? 0.1311 0.1641 0.1645 0.0275  0.0032  -0.0100 13   DG  B N7    
257 C  C5    . DG  B 3  ? 0.1157 0.1692 0.1637 0.0188  0.0000  -0.0069 13   DG  B C5    
258 C  C6    . DG  B 3  ? 0.1141 0.1676 0.1718 0.0291  -0.0130 0.0028  13   DG  B C6    
259 O  O6    . DG  B 3  ? 0.1382 0.1690 0.1762 0.0171  0.0028  0.0036  13   DG  B O6    
260 N  N1    . DG  B 3  ? 0.1175 0.1688 0.1591 0.0116  -0.0047 -0.0002 13   DG  B N1    
261 C  C2    . DG  B 3  ? 0.1243 0.1820 0.1484 0.0086  0.0002  -0.0032 13   DG  B C2    
262 N  N2    . DG  B 3  ? 0.1256 0.1834 0.1545 0.0169  0.0024  -0.0094 13   DG  B N2    
263 N  N3    . DG  B 3  ? 0.1186 0.1556 0.1514 0.0217  0.0078  -0.0111 13   DG  B N3    
264 C  C4    . DG  B 3  ? 0.1144 0.1672 0.1606 0.0243  -0.0014 -0.0081 13   DG  B C4    
265 P  P     . DT  B 4  ? 0.1946 0.1715 0.1847 0.0307  0.0186  0.0089  14   DT  B P     
266 O  OP1   . DT  B 4  ? 0.2347 0.1944 0.2087 0.0355  0.0116  0.0257  14   DT  B OP1   
267 O  OP2   . DT  B 4  ? 0.2190 0.1716 0.1720 0.0232  0.0066  -0.0059 14   DT  B OP2   
268 O  "O5'" . DT  B 4  ? 0.1752 0.1485 0.1856 0.0358  0.0218  -0.0150 14   DT  B "O5'" 
269 C  "C5'" . DT  B 4  ? 0.1711 0.1644 0.1902 0.0230  0.0093  -0.0182 14   DT  B "C5'" 
270 C  "C4'" . DT  B 4  ? 0.1767 0.1488 0.1828 0.0153  0.0055  -0.0140 14   DT  B "C4'" 
271 O  "O4'" . DT  B 4  ? 0.1675 0.1654 0.1774 0.0260  -0.0051 -0.0139 14   DT  B "O4'" 
272 C  "C3'" . DT  B 4  ? 0.1721 0.1500 0.1725 0.0221  0.0056  -0.0111 14   DT  B "C3'" 
273 O  "O3'" . DT  B 4  ? 0.1574 0.1416 0.2010 0.0247  0.0163  -0.0045 14   DT  B "O3'" 
274 C  "C2'" . DT  B 4  ? 0.1622 0.1534 0.1666 0.0292  0.0004  -0.0099 14   DT  B "C2'" 
275 C  "C1'" . DT  B 4  ? 0.1706 0.1582 0.1546 0.0273  0.0006  -0.0075 14   DT  B "C1'" 
276 N  N1    . DT  B 4  ? 0.1441 0.1544 0.1471 0.0327  -0.0014 -0.0059 14   DT  B N1    
277 C  C2    . DT  B 4  ? 0.1424 0.1709 0.1553 0.0222  -0.0106 0.0029  14   DT  B C2    
278 O  O2    . DT  B 4  ? 0.1492 0.1943 0.1384 0.0307  0.0060  -0.0089 14   DT  B O2    
279 N  N3    . DT  B 4  ? 0.1369 0.1496 0.1431 0.0142  -0.0164 -0.0010 14   DT  B N3    
280 C  C4    . DT  B 4  ? 0.1249 0.1656 0.1457 0.0105  -0.0146 -0.0059 14   DT  B C4    
281 O  O4    . DT  B 4  ? 0.1403 0.1666 0.1558 0.0148  -0.0137 0.0000  14   DT  B O4    
282 C  C5    . DT  B 4  ? 0.1381 0.1487 0.1513 0.0196  -0.0066 -0.0062 14   DT  B C5    
283 C  C7    . DT  B 4  ? 0.1457 0.1624 0.1512 0.0139  -0.0011 -0.0053 14   DT  B C7    
284 C  C6    . DT  B 4  ? 0.1462 0.1568 0.1226 0.0249  -0.0021 -0.0029 14   DT  B C6    
285 P  P     . A2M B 5  ? 0.1813 0.1799 0.1793 0.0526  -0.0002 -0.0024 15   A2M B P     
286 O  OP1   . A2M B 5  ? 0.1840 0.2030 0.2309 0.0738  -0.0162 0.0080  15   A2M B OP1   
287 O  "O5'" . A2M B 5  ? 0.1651 0.1524 0.1461 0.0521  0.0086  -0.0141 15   A2M B "O5'" 
288 C  "C5'" . A2M B 5  ? 0.1474 0.1565 0.1631 0.0422  -0.0016 -0.0168 15   A2M B "C5'" 
289 C  "C4'" . A2M B 5  ? 0.1512 0.1714 0.1599 0.0327  0.0135  -0.0217 15   A2M B "C4'" 
290 O  "O4'" . A2M B 5  ? 0.1447 0.1708 0.1346 0.0398  0.0043  -0.0148 15   A2M B "O4'" 
291 C  "C3'" . A2M B 5  ? 0.1276 0.1791 0.1558 0.0426  0.0217  -0.0196 15   A2M B "C3'" 
292 O  "O3'" . A2M B 5  ? 0.1495 0.1935 0.1924 0.0546  0.0128  -0.0368 15   A2M B "O3'" 
293 C  "C2'" . A2M B 5  ? 0.1346 0.1830 0.1607 0.0310  0.0196  -0.0236 15   A2M B "C2'" 
294 O  "O2'" . A2M B 5  ? 0.1464 0.2081 0.1566 0.0409  0.0235  -0.0334 15   A2M B "O2'" 
295 C  "C1'" . A2M B 5  ? 0.1284 0.1690 0.1530 0.0326  0.0187  -0.0140 15   A2M B "C1'" 
296 C  "CM'" . A2M B 5  ? 0.1576 0.2093 0.1853 0.0210  0.0171  -0.0111 15   A2M B "CM'" 
297 N  N9    . A2M B 5  ? 0.1346 0.1679 0.1359 0.0293  0.0247  -0.0156 15   A2M B N9    
298 C  C8    . A2M B 5  ? 0.1530 0.1595 0.1467 0.0212  0.0187  -0.0149 15   A2M B C8    
299 N  N7    . A2M B 5  ? 0.1286 0.1636 0.1368 0.0212  0.0207  -0.0246 15   A2M B N7    
300 C  C5    . A2M B 5  ? 0.1250 0.1556 0.1346 0.0263  0.0137  -0.0268 15   A2M B C5    
301 C  C6    . A2M B 5  ? 0.1087 0.1576 0.1439 0.0210  0.0106  -0.0289 15   A2M B C6    
302 N  N6    . A2M B 5  ? 0.1271 0.1608 0.1426 0.0189  0.0186  -0.0360 15   A2M B N6    
303 N  N1    . A2M B 5  ? 0.1306 0.1741 0.1444 0.0297  0.0117  -0.0134 15   A2M B N1    
304 C  C2    . A2M B 5  ? 0.1453 0.1709 0.1538 0.0239  0.0127  -0.0068 15   A2M B C2    
305 N  N3    . A2M B 5  ? 0.1458 0.1775 0.1489 0.0324  0.0174  -0.0045 15   A2M B N3    
306 C  C4    . A2M B 5  ? 0.1355 0.1567 0.1412 0.0195  0.0182  -0.0072 15   A2M B C4    
307 O  OP2   . A2M B 5  ? 0.2132 0.2187 0.1565 0.0593  0.0124  -0.0152 15   A2M B OP2   
308 P  P     . UAR B 6  ? 0.1560 0.1924 0.2188 0.0617  -0.0071 -0.0399 16   UAR B P     
309 O  OP1   . UAR B 6  ? 0.1821 0.2039 0.2438 0.0696  -0.0190 -0.0378 16   UAR B OP1   
310 O  OP2   . UAR B 6  ? 0.1722 0.2243 0.2366 0.0523  -0.0083 0.0063  16   UAR B OP2   
311 O  "O5'" . UAR B 6  ? 0.1635 0.1930 0.2049 0.0273  -0.0023 -0.0234 16   UAR B "O5'" 
312 C  "C5'" . UAR B 6  ? 0.1923 0.2121 0.2208 0.0086  -0.0012 -0.0215 16   UAR B "C5'" 
313 C  "C4'" . UAR B 6  ? 0.2025 0.2152 0.2336 0.0121  0.0041  -0.0202 16   UAR B "C4'" 
314 O  "O4'" . UAR B 6  ? 0.2084 0.2225 0.2197 0.0123  -0.0003 -0.0293 16   UAR B "O4'" 
315 C  "C3'" . UAR B 6  ? 0.2263 0.2323 0.2494 0.0072  0.0010  -0.0247 16   UAR B "C3'" 
316 O  "O3'" . UAR B 6  ? 0.2264 0.2589 0.2818 0.0200  -0.0065 -0.0508 16   UAR B "O3'" 
317 C  "C2'" . UAR B 6  ? 0.2298 0.2433 0.2398 -0.0042 -0.0031 -0.0183 16   UAR B "C2'" 
318 O  "O2'" . UAR B 6  ? 0.2693 0.3004 0.2528 -0.0151 -0.0273 -0.0016 16   UAR B "O2'" 
319 C  "C1'" . UAR B 6  ? 0.2168 0.2036 0.2207 -0.0057 -0.0042 -0.0180 16   UAR B "C1'" 
320 N  N1    . UAR B 6  ? 0.2039 0.1833 0.2080 -0.0050 0.0032  -0.0235 16   UAR B N1    
321 C  C2    . UAR B 6  ? 0.2155 0.1685 0.1963 -0.0069 0.0050  -0.0128 16   UAR B C2    
322 O  O2    . UAR B 6  ? 0.2082 0.1840 0.2070 -0.0182 0.0195  -0.0260 16   UAR B O2    
323 N  N3    . UAR B 6  ? 0.1800 0.1563 0.1784 -0.0157 0.0037  -0.0053 16   UAR B N3    
324 C  C4    . UAR B 6  ? 0.2049 0.1625 0.1755 -0.0115 -0.0055 -0.0027 16   UAR B C4    
325 O  O4    . UAR B 6  ? 0.1824 0.1435 0.1748 -0.0292 -0.0090 0.0018  16   UAR B O4    
326 C  C5    . UAR B 6  ? 0.1938 0.1696 0.1928 -0.0158 -0.0034 -0.0095 16   UAR B C5    
327 C  C6    . UAR B 6  ? 0.2123 0.1686 0.2009 -0.0046 0.0036  -0.0114 16   UAR B C6    
328 P  P     . DA  B 7  ? 0.3291 0.3210 0.3386 0.0373  -0.0446 -0.0896 17   DA  B P     
329 O  OP1   . DA  B 7  ? 0.3009 0.3470 0.3900 0.0445  -0.0162 -0.0679 17   DA  B OP1   
330 O  OP2   . DA  B 7  ? 0.3568 0.3035 0.3461 0.0160  -0.0490 -0.0709 17   DA  B OP2   
331 O  "O5'" . DA  B 7  ? 0.2730 0.2624 0.2909 0.0335  -0.0260 -0.0676 17   DA  B "O5'" 
332 C  "C5'" . DA  B 7  ? 0.2369 0.2699 0.2587 0.0119  -0.0049 -0.0235 17   DA  B "C5'" 
333 C  "C4'" . DA  B 7  ? 0.2197 0.2557 0.2575 0.0075  -0.0008 -0.0125 17   DA  B "C4'" 
334 O  "O4'" . DA  B 7  ? 0.1953 0.2617 0.2374 0.0156  -0.0019 -0.0022 17   DA  B "O4'" 
335 C  "C3'" . DA  B 7  ? 0.2270 0.2441 0.2585 0.0022  -0.0034 -0.0180 17   DA  B "C3'" 
336 O  "O3'" . DA  B 7  ? 0.2532 0.2777 0.2947 -0.0143 -0.0171 -0.0368 17   DA  B "O3'" 
337 C  "C2'" . DA  B 7  ? 0.2160 0.2365 0.2351 0.0049  -0.0069 -0.0066 17   DA  B "C2'" 
338 C  "C1'" . DA  B 7  ? 0.1883 0.1978 0.2039 0.0066  -0.0052 -0.0032 17   DA  B "C1'" 
339 N  N9    . DA  B 7  ? 0.1717 0.1896 0.1823 0.0077  0.0031  -0.0054 17   DA  B N9    
340 C  C8    . DA  B 7  ? 0.1928 0.1794 0.1822 0.0038  -0.0031 -0.0070 17   DA  B C8    
341 N  N7    . DA  B 7  ? 0.1852 0.1608 0.1833 0.0124  0.0015  -0.0162 17   DA  B N7    
342 C  C5    . DA  B 7  ? 0.1942 0.1752 0.1766 0.0129  0.0000  -0.0003 17   DA  B C5    
343 C  C6    . DA  B 7  ? 0.1693 0.1667 0.1634 0.0077  -0.0002 -0.0001 17   DA  B C6    
344 N  N6    . DA  B 7  ? 0.1702 0.1789 0.1559 -0.0099 -0.0038 -0.0032 17   DA  B N6    
345 N  N1    . DA  B 7  ? 0.1654 0.1643 0.1578 0.0031  -0.0061 0.0053  17   DA  B N1    
346 C  C2    . DA  B 7  ? 0.1727 0.1623 0.1639 0.0050  -0.0016 -0.0067 17   DA  B C2    
347 N  N3    . DA  B 7  ? 0.1699 0.1662 0.1776 0.0139  -0.0011 0.0000  17   DA  B N3    
348 C  C4    . DA  B 7  ? 0.1837 0.1766 0.1752 0.0144  -0.0027 -0.0157 17   DA  B C4    
349 P  P     . DC  B 8  ? 0.2317 0.2822 0.3353 -0.0205 -0.0396 -0.0606 18   DC  B P     
350 O  OP1   . DC  B 8  ? 0.2612 0.3226 0.3524 -0.0347 -0.0363 -0.0504 18   DC  B OP1   
351 O  OP2   . DC  B 8  ? 0.2845 0.2828 0.3411 0.0042  -0.0336 -0.0505 18   DC  B OP2   
352 O  "O5'" . DC  B 8  ? 0.2343 0.2643 0.2958 0.0006  -0.0232 -0.0255 18   DC  B "O5'" 
353 C  "C5'" . DC  B 8  ? 0.2489 0.2528 0.2605 -0.0052 -0.0163 -0.0084 18   DC  B "C5'" 
354 C  "C4'" . DC  B 8  ? 0.2129 0.2207 0.2266 -0.0107 -0.0142 0.0015  18   DC  B "C4'" 
355 O  "O4'" . DC  B 8  ? 0.2107 0.2331 0.1982 0.0013  -0.0220 -0.0069 18   DC  B "O4'" 
356 C  "C3'" . DC  B 8  ? 0.1967 0.2066 0.2138 -0.0100 -0.0148 0.0021  18   DC  B "C3'" 
357 O  "O3'" . DC  B 8  ? 0.1738 0.1706 0.1765 -0.0174 -0.0232 0.0234  18   DC  B "O3'" 
358 C  "C2'" . DC  B 8  ? 0.2295 0.2504 0.2290 -0.0072 -0.0069 -0.0061 18   DC  B "C2'" 
359 C  "C1'" . DC  B 8  ? 0.2107 0.2327 0.2212 0.0066  -0.0148 -0.0113 18   DC  B "C1'" 
360 N  N1    . DC  B 8  ? 0.1866 0.2234 0.2004 0.0048  -0.0209 -0.0154 18   DC  B N1    
361 C  C2    . DC  B 8  ? 0.1640 0.2168 0.1628 0.0228  -0.0155 -0.0197 18   DC  B C2    
362 O  O2    . DC  B 8  ? 0.1614 0.2106 0.1957 -0.0011 -0.0224 -0.0255 18   DC  B O2    
363 N  N3    . DC  B 8  ? 0.1863 0.2150 0.1553 0.0024  -0.0244 -0.0087 18   DC  B N3    
364 C  C4    . DC  B 8  ? 0.1815 0.2063 0.1585 0.0260  -0.0153 -0.0108 18   DC  B C4    
365 N  N4    . DC  B 8  ? 0.1862 0.2052 0.1627 0.0159  -0.0207 0.0038  18   DC  B N4    
366 C  C5    . DC  B 8  ? 0.1795 0.2068 0.1817 0.0111  -0.0118 -0.0068 18   DC  B C5    
367 C  C6    . DC  B 8  ? 0.1910 0.2280 0.2003 0.0163  -0.0094 -0.0081 18   DC  B C6    
368 P  P     . DG  B 9  ? 0.2193 0.1709 0.1940 -0.0188 -0.0263 0.0286  19   DG  B P     
369 O  OP1   . DG  B 9  ? 0.1940 0.1802 0.2254 -0.0031 -0.0426 0.0039  19   DG  B OP1   
370 O  OP2   . DG  B 9  ? 0.2728 0.1902 0.2362 0.0046  -0.0465 0.0189  19   DG  B OP2   
371 O  "O5'" . DG  B 9  ? 0.2011 0.1997 0.1888 -0.0534 0.0092  0.0306  19   DG  B "O5'" 
372 C  "C5'" . DG  B 9  ? 0.1912 0.2092 0.1936 -0.0263 0.0115  0.0208  19   DG  B "C5'" 
373 C  "C4'" . DG  B 9  ? 0.2111 0.2445 0.2182 -0.0191 0.0066  0.0163  19   DG  B "C4'" 
374 O  "O4'" . DG  B 9  ? 0.1926 0.2819 0.2457 -0.0416 0.0141  0.0202  19   DG  B "O4'" 
375 C  "C3'" . DG  B 9  ? 0.2422 0.2645 0.2422 -0.0221 0.0084  0.0158  19   DG  B "C3'" 
376 O  "O3'" . DG  B 9  ? 0.2316 0.2558 0.2492 -0.0277 0.0182  0.0189  19   DG  B "O3'" 
377 C  "C2'" . DG  B 9  ? 0.2478 0.2697 0.2441 -0.0164 0.0104  0.0151  19   DG  B "C2'" 
378 C  "C1'" . DG  B 9  ? 0.2045 0.2531 0.2117 -0.0189 0.0104  0.0189  19   DG  B "C1'" 
379 N  N9    . DG  B 9  ? 0.2002 0.2522 0.2269 -0.0295 0.0179  0.0204  19   DG  B N9    
380 C  C8    . DG  B 9  ? 0.1946 0.2539 0.2158 -0.0174 0.0115  0.0220  19   DG  B C8    
381 N  N7    . DG  B 9  ? 0.1937 0.2534 0.2168 -0.0210 0.0190  0.0294  19   DG  B N7    
382 C  C5    . DG  B 9  ? 0.1737 0.2389 0.1774 -0.0090 0.0178  0.0282  19   DG  B C5    
383 C  C6    . DG  B 9  ? 0.1657 0.2302 0.1551 -0.0275 0.0169  0.0348  19   DG  B C6    
384 O  O6    . DG  B 9  ? 0.1812 0.2364 0.1812 -0.0135 0.0194  0.0310  19   DG  B O6    
385 N  N1    . DG  B 9  ? 0.1695 0.2035 0.1312 -0.0165 0.0073  0.0336  19   DG  B N1    
386 C  C2    . DG  B 9  ? 0.1813 0.2265 0.1535 -0.0247 0.0136  0.0260  19   DG  B C2    
387 N  N2    . DG  B 9  ? 0.1858 0.2096 0.1698 -0.0201 0.0088  0.0349  19   DG  B N2    
388 N  N3    . DG  B 9  ? 0.1744 0.2179 0.1876 -0.0350 0.0156  0.0259  19   DG  B N3    
389 C  C4    . DG  B 9  ? 0.1660 0.2410 0.2014 -0.0478 0.0302  0.0382  19   DG  B C4    
390 P  P     . DC  B 10 ? 0.2654 0.2387 0.2761 -0.0429 0.0172  0.0342  20   DC  B P     
391 O  OP1   . DC  B 10 ? 0.2885 0.2226 0.2915 -0.0836 0.0173  -0.0051 20   DC  B OP1   
392 O  OP2   . DC  B 10 ? 0.2997 0.2632 0.3506 -0.0441 0.0066  0.0204  20   DC  B OP2   
393 O  "O5'" . DC  B 10 ? 0.2399 0.2416 0.2710 -0.0319 0.0176  0.0191  20   DC  B "O5'" 
394 C  "C5'" . DC  B 10 ? 0.2413 0.2218 0.2474 -0.0110 0.0134  0.0072  20   DC  B "C5'" 
395 C  "C4'" . DC  B 10 ? 0.2396 0.2072 0.2328 -0.0147 0.0208  0.0143  20   DC  B "C4'" 
396 O  "O4'" . DC  B 10 ? 0.2115 0.1820 0.2127 -0.0355 0.0300  0.0418  20   DC  B "O4'" 
397 C  "C3'" . DC  B 10 ? 0.2218 0.2153 0.2143 -0.0105 0.0230  0.0150  20   DC  B "C3'" 
398 O  "O3'" . DC  B 10 ? 0.2621 0.2465 0.2181 -0.0152 0.0381  0.0070  20   DC  B "O3'" 
399 C  "C2'" . DC  B 10 ? 0.2254 0.2062 0.2063 -0.0025 0.0182  0.0109  20   DC  B "C2'" 
400 C  "C1'" . DC  B 10 ? 0.2075 0.1905 0.1917 -0.0128 0.0196  0.0330  20   DC  B "C1'" 
401 N  N1    . DC  B 10 ? 0.1977 0.1765 0.1443 -0.0155 0.0251  0.0470  20   DC  B N1    
402 C  C2    . DC  B 10 ? 0.1987 0.1820 0.1398 -0.0126 0.0146  0.0597  20   DC  B C2    
403 O  O2    . DC  B 10 ? 0.2001 0.1931 0.1591 0.0027  0.0066  0.0396  20   DC  B O2    
404 N  N3    . DC  B 10 ? 0.1920 0.1817 0.1326 0.0035  0.0171  0.0412  20   DC  B N3    
405 C  C4    . DC  B 10 ? 0.2017 0.1941 0.1520 -0.0106 0.0195  0.0472  20   DC  B C4    
406 N  N4    . DC  B 10 ? 0.1997 0.2010 0.1501 -0.0058 0.0323  0.0361  20   DC  B N4    
407 C  C5    . DC  B 10 ? 0.1814 0.1962 0.1705 -0.0076 0.0199  0.0329  20   DC  B C5    
408 C  C6    . DC  B 10 ? 0.2001 0.1861 0.1795 -0.0188 0.0185  0.0351  20   DC  B C6    
409 CL CL    . CL  C .  ? 0.1228 0.2136 0.1633 0.0176  0.0280  0.0376  101  CL  A CL    
410 CO CO    . NCO D .  ? 0.1300 0.1335 0.1327 0.0194  -0.0027 0.0053  2211 NCO A CO    
411 N  N1    . NCO D .  ? 0.1881 0.1520 0.1936 0.0402  0.0107  -0.0055 2211 NCO A N1    
412 N  N2    . NCO D .  ? 0.2499 0.2173 0.1678 0.0203  -0.0033 0.0105  2211 NCO A N2    
413 N  N3    . NCO D .  ? 0.1893 0.1211 0.2010 0.0193  0.0099  0.0020  2211 NCO A N3    
414 N  N4    . NCO D .  ? 0.2424 0.2289 0.2036 0.0352  -0.0017 0.0063  2211 NCO A N4    
415 N  N5    . NCO D .  ? 0.1952 0.2151 0.2348 0.0152  -0.0132 -0.0092 2211 NCO A N5    
416 N  N6    . NCO D .  ? 0.2075 0.2107 0.2114 0.0045  -0.0135 0.0068  2211 NCO A N6    
417 CO CO    . NCO E .  ? 0.2390 0.1520 0.1471 -0.0147 -0.0042 0.0162  2213 NCO A CO    
418 N  N1    . NCO E .  ? 0.2626 0.1904 0.2210 -0.0178 -0.0104 0.0162  2213 NCO A N1    
419 N  N2    . NCO E .  ? 0.2414 0.1586 0.1956 -0.0367 -0.0101 0.0171  2213 NCO A N2    
420 N  N3    . NCO E .  ? 0.2787 0.2196 0.2198 -0.0038 -0.0284 0.0033  2213 NCO A N3    
421 N  N4    . NCO E .  ? 0.2974 0.2261 0.2122 -0.0205 -0.0026 0.0027  2213 NCO A N4    
422 N  N5    . NCO E .  ? 0.2686 0.2065 0.1940 -0.0215 -0.0246 0.0183  2213 NCO A N5    
423 N  N6    . NCO E .  ? 0.2673 0.2052 0.1889 -0.0119 -0.0110 0.0141  2213 NCO A N6    
424 CO CO    . NCO F .  ? 0.1483 0.1944 0.2235 0.0534  -0.0347 -0.0496 2212 NCO B CO    
425 N  N1    . NCO F .  ? 0.1859 0.2339 0.2449 0.0499  -0.0606 -0.0458 2212 NCO B N1    
426 N  N2    . NCO F .  ? 0.2202 0.2483 0.2702 0.0382  -0.0337 -0.0410 2212 NCO B N2    
427 N  N3    . NCO F .  ? 0.1899 0.2339 0.2201 0.0526  -0.0394 -0.0366 2212 NCO B N3    
428 N  N4    . NCO F .  ? 0.1831 0.1969 0.2028 0.0463  -0.0080 -0.0392 2212 NCO B N4    
429 N  N5    . NCO F .  ? 0.2220 0.2419 0.2591 0.0418  -0.0291 -0.0374 2212 NCO B N5    
430 N  N6    . NCO F .  ? 0.2095 0.2197 0.2311 0.0357  -0.0133 -0.0214 2212 NCO B N6    
431 O  O     . HOH G .  ? 0.2272 0.2973 0.3136 -0.0088 0.0952  0.1023  102  HOH A O     
432 O  O     . HOH G .  ? 0.2045 0.2071 0.3208 -0.0117 0.0052  0.0101  103  HOH A O     
433 O  O     . HOH G .  ? 0.3510 0.2630 0.2288 -0.0360 0.0697  -0.0047 106  HOH A O     
434 O  O     . HOH G .  ? 0.2950 0.2432 0.2562 -0.0271 -0.0046 -0.0117 109  HOH A O     
435 O  O     . HOH G .  ? 0.4836 0.2817 0.2634 0.1452  -0.1131 -0.0739 110  HOH A O     
436 O  O     . HOH G .  ? 0.2595 0.2984 0.3076 0.0664  0.0354  -0.0327 112  HOH A O     
437 O  O     . HOH G .  ? 0.3202 0.3451 0.3377 0.0795  0.0168  -0.0188 117  HOH A O     
438 O  O     . HOH G .  ? 0.3538 0.4040 0.3711 0.0349  -0.0102 0.0439  119  HOH A O     
439 O  O     . HOH G .  ? 0.2959 0.3067 0.4096 0.0003  0.0560  0.0147  122  HOH A O     
440 O  O     . HOH G .  ? 0.4290 0.3271 0.3428 -0.0868 -0.0532 0.0311  123  HOH A O     
441 O  O     . HOH G .  ? 0.2668 0.3823 0.3099 -0.0037 0.0085  -0.1450 124  HOH A O     
442 O  O     . HOH G .  ? 0.3249 0.3001 0.5819 -0.0146 0.0019  -0.0888 125  HOH A O     
443 O  O     . HOH G .  ? 0.2684 0.4499 0.4971 0.0415  -0.0823 -0.1078 126  HOH A O     
444 O  O     . HOH G .  ? 0.2175 0.4236 0.4809 -0.0328 -0.0615 0.1384  128  HOH A O     
445 O  O     . HOH G .  ? 0.3003 0.2578 0.3528 0.0266  -0.0846 -0.0482 129  HOH A O     
446 O  O     . HOH G .  ? 0.3799 0.2300 0.5078 0.0213  0.0027  -0.0269 131  HOH A O     
447 O  O     . HOH G .  ? 0.6711 0.4239 0.4261 0.1669  0.0534  0.1627  132  HOH A O     
448 O  O     . HOH G .  ? 0.2662 0.2111 0.2655 -0.0071 0.0621  0.0412  133  HOH A O     
449 O  O     . HOH G .  ? 0.3170 0.3436 0.3914 0.0834  0.0679  0.0083  134  HOH A O     
450 O  O     . HOH G .  ? 0.3292 0.3152 0.4043 0.0236  0.0400  0.0580  135  HOH A O     
451 O  O     . HOH G .  ? 0.3343 0.2296 0.3486 0.0039  0.1270  0.0042  136  HOH A O     
452 O  O     . HOH G .  ? 0.2466 0.2427 0.2413 0.0090  -0.0048 -0.0403 137  HOH A O     
453 O  O     . HOH G .  ? 0.3821 0.3983 0.3876 -0.0103 0.0084  -0.0229 138  HOH A O     
454 O  O     . HOH G .  ? 0.2457 0.2936 0.2544 0.0564  0.0208  -0.0022 139  HOH A O     
455 O  O     . HOH G .  ? 0.3688 0.6482 0.3435 0.1295  0.1643  0.1166  140  HOH A O     
456 O  O     . HOH G .  ? 0.6624 0.7637 0.2167 0.4154  0.1027  0.0785  146  HOH A O     
457 O  O     . HOH G .  ? 0.2703 0.3272 0.3406 0.0602  0.0051  0.0445  154  HOH A O     
458 O  O     . HOH G .  ? 0.3762 0.5832 0.5356 -0.1769 -0.1870 0.2349  155  HOH A O     
459 O  O     . HOH G .  ? 0.5817 0.2775 0.3722 0.0520  0.0567  -0.0169 156  HOH A O     
460 O  O     . HOH G .  ? 0.3706 0.3569 0.4123 0.0459  -0.0434 -0.1301 157  HOH A O     
461 O  O     . HOH G .  ? 0.1854 0.5552 0.3916 -0.0450 0.0106  0.0894  160  HOH A O     
462 O  O     . HOH G .  ? 0.2576 0.2008 0.2825 -0.0013 -0.0350 0.0088  161  HOH A O     
463 O  O     . HOH G .  ? 0.2611 0.3753 0.5579 -0.1101 -0.0320 0.0689  162  HOH A O     
464 O  O     . HOH G .  ? 0.3889 0.4225 0.4182 -0.1387 -0.1437 0.0307  164  HOH A O     
465 O  O     . HOH G .  ? 1.0007 0.5021 0.5751 -0.2863 0.3028  -0.1680 166  HOH A O     
466 O  O     . HOH G .  ? 0.5299 0.4311 0.2982 -0.0088 -0.0241 -0.1075 167  HOH A O     
467 O  O     . HOH G .  ? 0.3363 0.3801 0.4670 0.0703  0.0133  -0.1111 171  HOH A O     
468 O  O     . HOH G .  ? 0.3560 0.2545 0.4474 0.0725  -0.0830 -0.0365 172  HOH A O     
469 O  O     . HOH G .  ? 0.5416 0.6023 0.3436 -0.1804 0.0325  -0.1659 175  HOH A O     
470 O  O     . HOH G .  ? 0.7344 0.2062 0.3176 0.0420  0.0890  0.0593  182  HOH A O     
471 O  O     . HOH G .  ? 0.2984 0.6850 0.3353 0.1096  0.0488  0.0067  183  HOH A O     
472 O  O     . HOH G .  ? 0.3016 0.3539 0.3901 0.0434  -0.0434 -0.0915 186  HOH A O     
473 O  O     . HOH G .  ? 0.3382 0.6101 0.9612 0.0687  0.2040  0.0656  187  HOH A O     
474 O  O     . HOH G .  ? 0.5714 0.3796 0.9278 -0.1441 0.2026  -0.2670 189  HOH A O     
475 O  O     . HOH G .  ? 0.3955 0.7078 0.8166 0.3101  -0.0633 -0.3450 191  HOH A O     
476 O  O     . HOH G .  ? 0.4431 0.4858 0.4145 0.1033  0.0872  -0.0248 192  HOH A O     
477 O  O     . HOH G .  ? 0.7968 0.6544 0.3522 0.4524  0.2817  0.1402  193  HOH A O     
478 O  O     . HOH G .  ? 0.3755 0.2676 0.5657 0.0113  0.1716  -0.1300 194  HOH A O     
479 O  O     . HOH G .  ? 0.3870 0.3735 0.3231 0.1050  0.0320  0.1001  196  HOH A O     
480 O  O     . HOH G .  ? 0.3018 0.4576 0.4518 -0.0270 -0.0650 -0.0732 197  HOH A O     
481 O  O     . HOH G .  ? 0.3638 0.6964 0.5158 0.0988  0.0432  -0.1594 203  HOH A O     
482 O  O     . HOH G .  ? 0.6975 0.2863 0.4755 0.0332  0.1365  -0.0443 208  HOH A O     
483 O  O     . HOH G .  ? 0.9690 0.8218 0.6031 0.1578  0.4400  0.1153  214  HOH A O     
484 O  O     . HOH G .  ? 0.3789 0.5052 0.4090 -0.0906 0.1052  0.0163  215  HOH A O     
485 O  O     . HOH G .  ? 0.5551 0.5830 0.3360 0.1131  0.1306  -0.0873 216  HOH A O     
486 O  O     . HOH G .  ? 0.3048 0.4395 0.5320 0.0297  -0.0863 -0.1984 217  HOH A O     
487 O  O     . HOH G .  ? 0.6824 0.2739 0.3218 0.1743  -0.0306 -0.0826 218  HOH A O     
488 O  O     . HOH G .  ? 0.5587 0.3097 0.4668 0.0977  -0.1020 0.0852  219  HOH A O     
489 O  O     . HOH G .  ? 0.4235 0.3575 0.7476 -0.0613 0.1403  -0.1089 220  HOH A O     
490 O  O     . HOH G .  ? 0.5647 0.6979 0.7598 0.2453  0.1757  -0.2408 221  HOH A O     
491 O  O     . HOH G .  ? 1.1106 0.5754 0.6980 -0.3624 0.3328  -0.0595 224  HOH A O     
492 O  O     . HOH G .  ? 0.3820 1.5176 0.4632 0.1071  0.0439  0.0979  226  HOH A O     
493 O  O     . HOH G .  ? 0.8729 0.3907 1.1353 0.1078  0.1324  -0.1892 227  HOH A O     
494 O  O     . HOH H .  ? 0.1672 0.2861 0.2984 0.0818  0.0493  0.0093  104  HOH B O     
495 O  O     . HOH H .  ? 0.2713 0.2572 0.2745 0.0286  0.0189  -0.0453 105  HOH B O     
496 O  O     . HOH H .  ? 0.2574 0.2558 0.2418 -0.0328 -0.0073 -0.0252 107  HOH B O     
497 O  O     . HOH H .  ? 0.2653 0.2150 0.2363 0.0443  0.0666  -0.0140 108  HOH B O     
498 O  O     . HOH H .  ? 0.2120 0.2818 0.4072 0.0584  -0.0190 -0.0864 111  HOH B O     
499 O  O     . HOH H .  ? 0.2466 0.3358 0.3125 -0.0245 -0.0313 0.0798  113  HOH B O     
500 O  O     . HOH H .  ? 0.2271 0.2740 0.3916 0.0409  0.0771  0.0084  114  HOH B O     
501 O  O     . HOH H .  ? 0.2111 0.2584 0.3162 0.0494  0.0299  0.0150  115  HOH B O     
502 O  O     . HOH H .  ? 0.3288 0.3226 0.3834 0.0217  0.0514  0.0820  116  HOH B O     
503 O  O     . HOH H .  ? 0.4005 0.4317 0.3503 0.1663  -0.0043 0.0876  118  HOH B O     
504 O  O     . HOH H .  ? 0.5611 0.5577 0.3817 -0.1813 0.0370  0.0467  120  HOH B O     
505 O  O     . HOH H .  ? 0.1426 0.1693 0.2540 0.0232  0.0096  0.0274  121  HOH B O     
506 O  O     . HOH H .  ? 0.3057 0.4678 0.4416 -0.0402 -0.0929 -0.1333 127  HOH B O     
507 O  O     . HOH H .  ? 0.4169 0.2080 0.4929 0.0084  -0.1765 -0.0171 130  HOH B O     
508 O  O     . HOH H .  ? 0.2296 0.4879 0.3373 0.0047  0.0670  -0.0627 141  HOH B O     
509 O  O     . HOH H .  ? 0.2789 0.3241 0.3393 0.0392  0.0221  0.0238  142  HOH B O     
510 O  O     . HOH H .  ? 0.3275 0.5553 0.2485 0.1535  0.0563  0.0974  143  HOH B O     
511 O  O     . HOH H .  ? 0.2896 0.2514 0.3218 -0.0688 0.0404  0.0225  144  HOH B O     
512 O  O     . HOH H .  ? 0.6127 0.4807 1.7420 -0.1378 -0.1762 0.0908  145  HOH B O     
513 O  O     . HOH H .  ? 0.3498 0.3467 0.2753 -0.1138 -0.0310 -0.0493 147  HOH B O     
514 O  O     . HOH H .  ? 0.4156 0.2208 0.2213 0.0294  -0.0511 -0.0188 148  HOH B O     
515 O  O     . HOH H .  ? 0.3866 0.2358 0.6328 0.0366  -0.0886 -0.0620 149  HOH B O     
516 O  O     . HOH H .  ? 0.2806 0.2066 0.2201 0.0509  -0.0071 0.0032  150  HOH B O     
517 O  O     . HOH H .  ? 0.4779 0.3096 0.4384 -0.0988 -0.0334 -0.0008 151  HOH B O     
518 O  O     . HOH H .  ? 0.3671 0.5009 0.2800 -0.1090 -0.0605 0.0282  152  HOH B O     
519 O  O     . HOH H .  ? 0.4560 0.2307 0.4094 0.0029  -0.0761 -0.0006 153  HOH B O     
520 O  O     . HOH H .  ? 0.3771 0.5317 0.5501 -0.0958 -0.2155 0.1232  158  HOH B O     
521 O  O     . HOH H .  ? 0.2265 0.2274 0.6210 0.0607  -0.0140 -0.0203 159  HOH B O     
522 O  O     . HOH H .  ? 0.5105 0.6044 0.3885 0.1745  -0.0379 -0.1008 163  HOH B O     
523 O  O     . HOH H .  ? 0.3900 0.2867 0.3643 -0.0496 -0.0131 0.0665  165  HOH B O     
524 O  O     . HOH H .  ? 0.5307 0.3763 0.2525 -0.1087 0.0572  0.0157  168  HOH B O     
525 O  O     . HOH H .  ? 0.3744 0.3455 0.3794 0.1177  0.1189  0.0187  169  HOH B O     
526 O  O     . HOH H .  ? 0.3017 0.6347 0.4529 -0.0225 -0.0035 0.2114  170  HOH B O     
527 O  O     . HOH H .  ? 0.8276 0.3879 0.3011 0.1576  -0.0867 0.0044  173  HOH B O     
528 O  O     . HOH H .  ? 0.3716 0.5960 0.2388 -0.0029 0.0655  0.0060  174  HOH B O     
529 O  O     . HOH H .  ? 0.3574 0.4839 0.4344 0.0473  -0.0368 0.0038  176  HOH B O     
530 O  O     . HOH H .  ? 0.4397 0.2441 0.3963 0.0500  0.0454  -0.0471 177  HOH B O     
531 O  O     . HOH H .  ? 0.9592 1.7889 1.4205 -0.3104 -0.4519 -0.0065 178  HOH B O     
532 O  O     . HOH H .  ? 0.8116 0.9714 0.3624 -0.2875 -0.0911 -0.0057 179  HOH B O     
533 O  O     . HOH H .  ? 0.2716 0.3483 0.4141 0.0600  -0.0275 0.1303  180  HOH B O     
534 O  O     . HOH H .  ? 0.4794 0.4115 0.2944 0.0298  0.0919  0.0195  181  HOH B O     
535 O  O     . HOH H .  ? 0.6067 0.7099 0.5306 -0.2063 0.2851  -0.0708 184  HOH B O     
536 O  O     . HOH H .  ? 0.4780 0.2202 0.3424 -0.0224 0.0375  0.0156  185  HOH B O     
537 O  O     . HOH H .  ? 0.6881 0.5337 0.3549 -0.1593 0.2134  -0.0218 188  HOH B O     
538 O  O     . HOH H .  ? 0.5126 0.2789 0.4618 -0.0404 0.2306  0.0517  190  HOH B O     
539 O  O     . HOH H .  ? 0.3517 0.7751 0.9215 -0.0619 -0.2222 0.1936  195  HOH B O     
540 O  O     . HOH H .  ? 0.4628 0.3194 1.0659 0.0277  -0.1070 0.2425  198  HOH B O     
541 O  O     . HOH H .  ? 0.5933 0.2903 0.3331 -0.0456 0.0268  -0.0205 199  HOH B O     
542 O  O     . HOH H .  ? 0.4943 0.9110 0.8684 0.1685  0.0295  -0.1903 200  HOH B O     
543 O  O     . HOH H .  ? 1.4152 1.1290 2.6769 0.8240  1.1600  1.5435  201  HOH B O     
544 O  O     . HOH H .  ? 0.6931 0.4461 0.5856 0.1238  0.2769  -0.0299 202  HOH B O     
545 O  O     . HOH H .  ? 0.3951 0.4711 0.4684 -0.0035 0.0217  0.0263  204  HOH B O     
546 O  O     . HOH H .  ? 0.3086 0.5794 0.4473 0.1323  -0.0649 -0.0093 205  HOH B O     
547 O  O     . HOH H .  ? 0.4430 0.3725 0.5153 0.1387  -0.0601 0.1236  206  HOH B O     
548 O  O     . HOH H .  ? 0.5579 0.5448 0.3326 -0.1199 0.1112  -0.0930 207  HOH B O     
549 O  O     . HOH H .  ? 0.6188 1.7307 0.2033 0.7093  0.0515  0.3283  209  HOH B O     
550 O  O     . HOH H .  ? 0.8188 0.4279 0.6290 -0.1420 -0.0303 -0.0663 210  HOH B O     
551 O  O     . HOH H .  ? 0.5131 0.3568 0.4600 -0.0591 0.0443  0.0898  211  HOH B O     
552 O  O     . HOH H .  ? 0.3320 0.8023 0.9517 -0.1549 -0.0235 0.4054  212  HOH B O     
553 O  O     . HOH H .  ? 0.3960 0.6923 0.7371 0.0035  -0.1358 0.0323  213  HOH B O     
554 O  O     . HOH H .  ? 0.6505 0.5261 0.5791 0.1151  -0.0845 -0.2671 222  HOH B O     
555 O  O     . HOH H .  ? 0.4287 0.7110 0.4952 0.0842  0.1517  -0.0543 223  HOH B O     
556 O  O     . HOH H .  ? 0.5398 0.7672 0.5476 -0.0083 0.1426  0.0982  225  HOH B O     
557 O  O     . HOH H .  ? 0.6743 0.5476 1.0111 -0.2124 -0.4706 -0.3862 228  HOH B O     
558 O  O     . HOH H .  ? 0.6496 0.3031 0.2840 -0.1027 0.0421  -0.1221 229  HOH B O     
# 
_database_PDB_caveat.id     1 
_database_PDB_caveat.text   
;chirality error at C2' center of UAR
;
# 
loop_
_pdbx_poly_seq_scheme.asym_id 
_pdbx_poly_seq_scheme.entity_id 
_pdbx_poly_seq_scheme.seq_id 
_pdbx_poly_seq_scheme.mon_id 
_pdbx_poly_seq_scheme.ndb_seq_num 
_pdbx_poly_seq_scheme.pdb_seq_num 
_pdbx_poly_seq_scheme.auth_seq_num 
_pdbx_poly_seq_scheme.pdb_mon_id 
_pdbx_poly_seq_scheme.auth_mon_id 
_pdbx_poly_seq_scheme.pdb_strand_id 
_pdbx_poly_seq_scheme.pdb_ins_code 
_pdbx_poly_seq_scheme.hetero 
A 1 1  DG  1  1  1  DG  G   A . n 
A 1 2  DC  2  2  2  DC  C   A . n 
A 1 3  DG  3  3  3  DG  G   A . n 
A 1 4  DT  4  4  4  DT  T   A . n 
A 1 5  A2M 5  5  5  A2M A2M A . n 
A 1 6  UAR 6  6  6  UAR UAR A . n 
A 1 7  DA  7  7  7  DA  A   A . n 
A 1 8  DC  8  8  8  DC  C   A . n 
A 1 9  DG  9  9  9  DG  G   A . n 
A 1 10 DC  10 10 10 DC  C   A . n 
B 1 1  DG  1  11 11 DG  G   B . n 
B 1 2  DC  2  12 12 DC  C   B . n 
B 1 3  DG  3  13 13 DG  G   B . n 
B 1 4  DT  4  14 14 DT  T   B . n 
B 1 5  A2M 5  15 15 A2M A2M B . n 
B 1 6  UAR 6  16 16 UAR UAR B . n 
B 1 7  DA  7  17 17 DA  A   B . n 
B 1 8  DC  8  18 18 DC  C   B . n 
B 1 9  DG  9  19 19 DG  G   B . n 
B 1 10 DC  10 20 20 DC  C   B . n 
# 
loop_
_pdbx_nonpoly_scheme.asym_id 
_pdbx_nonpoly_scheme.entity_id 
_pdbx_nonpoly_scheme.mon_id 
_pdbx_nonpoly_scheme.ndb_seq_num 
_pdbx_nonpoly_scheme.pdb_seq_num 
_pdbx_nonpoly_scheme.auth_seq_num 
_pdbx_nonpoly_scheme.pdb_mon_id 
_pdbx_nonpoly_scheme.auth_mon_id 
_pdbx_nonpoly_scheme.pdb_strand_id 
_pdbx_nonpoly_scheme.pdb_ins_code 
C 2 CL  1  101  101  CL  CL  A . 
D 3 NCO 1  2211 2211 NCO NCO A . 
E 3 NCO 1  2213 2213 NCO NCO A . 
F 3 NCO 1  2212 2212 NCO NCO B . 
G 4 HOH 1  102  102  HOH HOH A . 
G 4 HOH 2  103  103  HOH HOH A . 
G 4 HOH 3  106  106  HOH HOH A . 
G 4 HOH 4  109  109  HOH HOH A . 
G 4 HOH 5  110  110  HOH HOH A . 
G 4 HOH 6  112  112  HOH HOH A . 
G 4 HOH 7  117  117  HOH HOH A . 
G 4 HOH 8  119  119  HOH HOH A . 
G 4 HOH 9  122  122  HOH HOH A . 
G 4 HOH 10 123  123  HOH HOH A . 
G 4 HOH 11 124  124  HOH HOH A . 
G 4 HOH 12 125  125  HOH HOH A . 
G 4 HOH 13 126  126  HOH HOH A . 
G 4 HOH 14 128  128  HOH HOH A . 
G 4 HOH 15 129  129  HOH HOH A . 
G 4 HOH 16 131  131  HOH HOH A . 
G 4 HOH 17 132  132  HOH HOH A . 
G 4 HOH 18 133  133  HOH HOH A . 
G 4 HOH 19 134  134  HOH HOH A . 
G 4 HOH 20 135  135  HOH HOH A . 
G 4 HOH 21 136  136  HOH HOH A . 
G 4 HOH 22 137  137  HOH HOH A . 
G 4 HOH 23 138  138  HOH HOH A . 
G 4 HOH 24 139  139  HOH HOH A . 
G 4 HOH 25 140  140  HOH HOH A . 
G 4 HOH 26 146  146  HOH HOH A . 
G 4 HOH 27 154  154  HOH HOH A . 
G 4 HOH 28 155  155  HOH HOH A . 
G 4 HOH 29 156  156  HOH HOH A . 
G 4 HOH 30 157  157  HOH HOH A . 
G 4 HOH 31 160  160  HOH HOH A . 
G 4 HOH 32 161  161  HOH HOH A . 
G 4 HOH 33 162  162  HOH HOH A . 
G 4 HOH 34 164  164  HOH HOH A . 
G 4 HOH 35 166  166  HOH HOH A . 
G 4 HOH 36 167  167  HOH HOH A . 
G 4 HOH 37 171  171  HOH HOH A . 
G 4 HOH 38 172  172  HOH HOH A . 
G 4 HOH 39 175  175  HOH HOH A . 
G 4 HOH 40 182  182  HOH HOH A . 
G 4 HOH 41 183  183  HOH HOH A . 
G 4 HOH 42 186  186  HOH HOH A . 
G 4 HOH 43 187  187  HOH HOH A . 
G 4 HOH 44 189  189  HOH HOH A . 
G 4 HOH 45 191  191  HOH HOH A . 
G 4 HOH 46 192  192  HOH HOH A . 
G 4 HOH 47 193  193  HOH HOH A . 
G 4 HOH 48 194  194  HOH HOH A . 
G 4 HOH 49 196  196  HOH HOH A . 
G 4 HOH 50 197  197  HOH HOH A . 
G 4 HOH 51 203  203  HOH HOH A . 
G 4 HOH 52 208  208  HOH HOH A . 
G 4 HOH 53 214  214  HOH HOH A . 
G 4 HOH 54 215  215  HOH HOH A . 
G 4 HOH 55 216  216  HOH HOH A . 
G 4 HOH 56 217  217  HOH HOH A . 
G 4 HOH 57 218  218  HOH HOH A . 
G 4 HOH 58 219  219  HOH HOH A . 
G 4 HOH 59 220  220  HOH HOH A . 
G 4 HOH 60 221  221  HOH HOH A . 
G 4 HOH 61 224  224  HOH HOH A . 
G 4 HOH 62 226  226  HOH HOH A . 
G 4 HOH 63 227  227  HOH HOH A . 
H 4 HOH 1  104  104  HOH HOH B . 
H 4 HOH 2  105  105  HOH HOH B . 
H 4 HOH 3  107  107  HOH HOH B . 
H 4 HOH 4  108  108  HOH HOH B . 
H 4 HOH 5  111  111  HOH HOH B . 
H 4 HOH 6  113  113  HOH HOH B . 
H 4 HOH 7  114  114  HOH HOH B . 
H 4 HOH 8  115  115  HOH HOH B . 
H 4 HOH 9  116  116  HOH HOH B . 
H 4 HOH 10 118  118  HOH HOH B . 
H 4 HOH 11 120  120  HOH HOH B . 
H 4 HOH 12 121  121  HOH HOH B . 
H 4 HOH 13 127  127  HOH HOH B . 
H 4 HOH 14 130  130  HOH HOH B . 
H 4 HOH 15 141  141  HOH HOH B . 
H 4 HOH 16 142  142  HOH HOH B . 
H 4 HOH 17 143  143  HOH HOH B . 
H 4 HOH 18 144  144  HOH HOH B . 
H 4 HOH 19 145  145  HOH HOH B . 
H 4 HOH 20 147  147  HOH HOH B . 
H 4 HOH 21 148  148  HOH HOH B . 
H 4 HOH 22 149  149  HOH HOH B . 
H 4 HOH 23 150  150  HOH HOH B . 
H 4 HOH 24 151  151  HOH HOH B . 
H 4 HOH 25 152  152  HOH HOH B . 
H 4 HOH 26 153  153  HOH HOH B . 
H 4 HOH 27 158  158  HOH HOH B . 
H 4 HOH 28 159  159  HOH HOH B . 
H 4 HOH 29 163  163  HOH HOH B . 
H 4 HOH 30 165  165  HOH HOH B . 
H 4 HOH 31 168  168  HOH HOH B . 
H 4 HOH 32 169  169  HOH HOH B . 
H 4 HOH 33 170  170  HOH HOH B . 
H 4 HOH 34 173  173  HOH HOH B . 
H 4 HOH 35 174  174  HOH HOH B . 
H 4 HOH 36 176  176  HOH HOH B . 
H 4 HOH 37 177  177  HOH HOH B . 
H 4 HOH 38 178  178  HOH HOH B . 
H 4 HOH 39 179  179  HOH HOH B . 
H 4 HOH 40 180  180  HOH HOH B . 
H 4 HOH 41 181  181  HOH HOH B . 
H 4 HOH 42 184  184  HOH HOH B . 
H 4 HOH 43 185  185  HOH HOH B . 
H 4 HOH 44 188  188  HOH HOH B . 
H 4 HOH 45 190  190  HOH HOH B . 
H 4 HOH 46 195  195  HOH HOH B . 
H 4 HOH 47 198  198  HOH HOH B . 
H 4 HOH 48 199  199  HOH HOH B . 
H 4 HOH 49 200  200  HOH HOH B . 
H 4 HOH 50 201  201  HOH HOH B . 
H 4 HOH 51 202  202  HOH HOH B . 
H 4 HOH 52 204  204  HOH HOH B . 
H 4 HOH 53 205  205  HOH HOH B . 
H 4 HOH 54 206  206  HOH HOH B . 
H 4 HOH 55 207  207  HOH HOH B . 
H 4 HOH 56 209  209  HOH HOH B . 
H 4 HOH 57 210  210  HOH HOH B . 
H 4 HOH 58 211  211  HOH HOH B . 
H 4 HOH 59 212  212  HOH HOH B . 
H 4 HOH 60 213  213  HOH HOH B . 
H 4 HOH 61 222  222  HOH HOH B . 
H 4 HOH 62 223  223  HOH HOH B . 
H 4 HOH 63 225  225  HOH HOH B . 
H 4 HOH 64 228  228  HOH HOH B . 
H 4 HOH 65 229  229  HOH HOH B . 
# 
loop_
_pdbx_struct_mod_residue.id 
_pdbx_struct_mod_residue.label_asym_id 
_pdbx_struct_mod_residue.label_comp_id 
_pdbx_struct_mod_residue.label_seq_id 
_pdbx_struct_mod_residue.auth_asym_id 
_pdbx_struct_mod_residue.auth_comp_id 
_pdbx_struct_mod_residue.auth_seq_id 
_pdbx_struct_mod_residue.PDB_ins_code 
_pdbx_struct_mod_residue.parent_comp_id 
_pdbx_struct_mod_residue.details 
1 A A2M 5 A A2M 5  ? A ?                               
2 A UAR 6 A UAR 6  ? U 
;URACIL ARABINOSE-5'-PHOSPHATE
;
3 B A2M 5 B A2M 15 ? A ?                               
4 B UAR 6 B UAR 16 ? U 
;URACIL ARABINOSE-5'-PHOSPHATE
;
# 
_pdbx_struct_assembly.id                   1 
_pdbx_struct_assembly.details              author_defined_assembly 
_pdbx_struct_assembly.method_details       ? 
_pdbx_struct_assembly.oligomeric_details   dimeric 
_pdbx_struct_assembly.oligomeric_count     2 
# 
_pdbx_struct_assembly_gen.assembly_id       1 
_pdbx_struct_assembly_gen.oper_expression   1 
_pdbx_struct_assembly_gen.asym_id_list      A,B,C,D,E,F,G,H 
# 
_pdbx_struct_oper_list.id                   1 
_pdbx_struct_oper_list.type                 'identity operation' 
_pdbx_struct_oper_list.name                 1_555 
_pdbx_struct_oper_list.symmetry_operation   x,y,z 
_pdbx_struct_oper_list.matrix[1][1]         1.0000000000 
_pdbx_struct_oper_list.matrix[1][2]         0.0000000000 
_pdbx_struct_oper_list.matrix[1][3]         0.0000000000 
_pdbx_struct_oper_list.vector[1]            0.0000000000 
_pdbx_struct_oper_list.matrix[2][1]         0.0000000000 
_pdbx_struct_oper_list.matrix[2][2]         1.0000000000 
_pdbx_struct_oper_list.matrix[2][3]         0.0000000000 
_pdbx_struct_oper_list.vector[2]            0.0000000000 
_pdbx_struct_oper_list.matrix[3][1]         0.0000000000 
_pdbx_struct_oper_list.matrix[3][2]         0.0000000000 
_pdbx_struct_oper_list.matrix[3][3]         1.0000000000 
_pdbx_struct_oper_list.vector[3]            0.0000000000 
# 
loop_
_pdbx_audit_revision_history.ordinal 
_pdbx_audit_revision_history.data_content_type 
_pdbx_audit_revision_history.major_revision 
_pdbx_audit_revision_history.minor_revision 
_pdbx_audit_revision_history.revision_date 
1 'Structure model' 1 0 2006-05-23 
2 'Structure model' 1 1 2008-05-01 
3 'Structure model' 1 2 2011-07-13 
4 'Structure model' 1 3 2011-12-28 
5 'Structure model' 1 4 2017-10-18 
6 'Structure model' 1 5 2023-08-30 
# 
_pdbx_audit_revision_details.ordinal             1 
_pdbx_audit_revision_details.revision_ordinal    1 
_pdbx_audit_revision_details.data_content_type   'Structure model' 
_pdbx_audit_revision_details.provider            repository 
_pdbx_audit_revision_details.type                'Initial release' 
_pdbx_audit_revision_details.description         ? 
_pdbx_audit_revision_details.details             ? 
# 
loop_
_pdbx_audit_revision_group.ordinal 
_pdbx_audit_revision_group.revision_ordinal 
_pdbx_audit_revision_group.data_content_type 
_pdbx_audit_revision_group.group 
1 2 'Structure model' 'Version format compliance' 
2 3 'Structure model' 'Non-polymer description'   
3 3 'Structure model' 'Version format compliance' 
4 4 'Structure model' Advisory                    
5 5 'Structure model' 'Refinement description'    
6 6 'Structure model' 'Data collection'           
7 6 'Structure model' 'Database references'       
8 6 'Structure model' 'Derived calculations'      
9 6 'Structure model' 'Refinement description'    
# 
loop_
_pdbx_audit_revision_category.ordinal 
_pdbx_audit_revision_category.revision_ordinal 
_pdbx_audit_revision_category.data_content_type 
_pdbx_audit_revision_category.category 
1 5 'Structure model' software                      
2 6 'Structure model' chem_comp_atom                
3 6 'Structure model' chem_comp_bond                
4 6 'Structure model' database_2                    
5 6 'Structure model' pdbx_initial_refinement_model 
6 6 'Structure model' struct_conn                   
7 6 'Structure model' struct_site                   
# 
loop_
_pdbx_audit_revision_item.ordinal 
_pdbx_audit_revision_item.revision_ordinal 
_pdbx_audit_revision_item.data_content_type 
_pdbx_audit_revision_item.item 
1 5 'Structure model' '_software.classification'            
2 5 'Structure model' '_software.name'                      
3 6 'Structure model' '_database_2.pdbx_DOI'                
4 6 'Structure model' '_database_2.pdbx_database_accession' 
5 6 'Structure model' '_struct_conn.pdbx_leaving_atom_flag' 
6 6 'Structure model' '_struct_site.pdbx_auth_asym_id'      
7 6 'Structure model' '_struct_site.pdbx_auth_comp_id'      
8 6 'Structure model' '_struct_site.pdbx_auth_seq_id'       
# 
_pdbx_refine_tls.id               1 
_pdbx_refine_tls.details          ? 
_pdbx_refine_tls.method           refined 
_pdbx_refine_tls.origin_x         24.9209 
_pdbx_refine_tls.origin_y         -34.5612 
_pdbx_refine_tls.origin_z         20.6715 
_pdbx_refine_tls.T[1][1]          0.0000 
_pdbx_refine_tls.T[2][2]          0.0000 
_pdbx_refine_tls.T[3][3]          0.0000 
_pdbx_refine_tls.T[1][2]          0.0000 
_pdbx_refine_tls.T[1][3]          0.0000 
_pdbx_refine_tls.T[2][3]          0.0000 
_pdbx_refine_tls.L[1][1]          0.0000 
_pdbx_refine_tls.L[2][2]          0.0000 
_pdbx_refine_tls.L[3][3]          0.0000 
_pdbx_refine_tls.L[1][2]          0.0000 
_pdbx_refine_tls.L[1][3]          0.0000 
_pdbx_refine_tls.L[2][3]          0.0000 
_pdbx_refine_tls.S[1][1]          0.0000 
_pdbx_refine_tls.S[1][2]          0.0000 
_pdbx_refine_tls.S[1][3]          0.0000 
_pdbx_refine_tls.S[2][1]          0.0000 
_pdbx_refine_tls.S[2][2]          0.0000 
_pdbx_refine_tls.S[2][3]          0.0000 
_pdbx_refine_tls.S[3][1]          0.0000 
_pdbx_refine_tls.S[3][2]          0.0000 
_pdbx_refine_tls.S[3][3]          0.0000 
_pdbx_refine_tls.pdbx_refine_id   'X-RAY DIFFRACTION' 
# 
loop_
_pdbx_refine_tls_group.id 
_pdbx_refine_tls_group.refine_tls_id 
_pdbx_refine_tls_group.beg_auth_asym_id 
_pdbx_refine_tls_group.beg_auth_seq_id 
_pdbx_refine_tls_group.beg_label_asym_id 
_pdbx_refine_tls_group.beg_label_seq_id 
_pdbx_refine_tls_group.end_auth_asym_id 
_pdbx_refine_tls_group.end_auth_seq_id 
_pdbx_refine_tls_group.end_label_asym_id 
_pdbx_refine_tls_group.end_label_seq_id 
_pdbx_refine_tls_group.selection 
_pdbx_refine_tls_group.pdbx_refine_id 
_pdbx_refine_tls_group.selection_details 
1 1 A 1  A 1 A 10 A 10 ? 'X-RAY DIFFRACTION' ? 
2 1 B 11 B 1 B 20 B 10 ? 'X-RAY DIFFRACTION' ? 
# 
loop_
_software.name 
_software.classification 
_software.version 
_software.citation_id 
_software.pdbx_ordinal 
REFMAC refinement        5.2.0005 ? 1 
MAR345 'data collection' .        ? 2 
XDS    'data scaling'    .        ? 3 
EPMR   phasing           .        ? 4 
# 
loop_
_pdbx_validate_rmsd_bond.id 
_pdbx_validate_rmsd_bond.PDB_model_num 
_pdbx_validate_rmsd_bond.auth_atom_id_1 
_pdbx_validate_rmsd_bond.auth_asym_id_1 
_pdbx_validate_rmsd_bond.auth_comp_id_1 
_pdbx_validate_rmsd_bond.auth_seq_id_1 
_pdbx_validate_rmsd_bond.PDB_ins_code_1 
_pdbx_validate_rmsd_bond.label_alt_id_1 
_pdbx_validate_rmsd_bond.auth_atom_id_2 
_pdbx_validate_rmsd_bond.auth_asym_id_2 
_pdbx_validate_rmsd_bond.auth_comp_id_2 
_pdbx_validate_rmsd_bond.auth_seq_id_2 
_pdbx_validate_rmsd_bond.PDB_ins_code_2 
_pdbx_validate_rmsd_bond.label_alt_id_2 
_pdbx_validate_rmsd_bond.bond_value 
_pdbx_validate_rmsd_bond.bond_target_value 
_pdbx_validate_rmsd_bond.bond_deviation 
_pdbx_validate_rmsd_bond.bond_standard_deviation 
_pdbx_validate_rmsd_bond.linker_flag 
1 1 "O3'" A UAR 6  ? ? P     A DA 7  ? ? 1.810 1.607 0.203  0.012 Y 
2 1 "O3'" B UAR 16 ? ? P     B DA 17 ? ? 1.836 1.607 0.229  0.012 Y 
3 1 "O3'" B DG  19 ? ? "C3'" B DG 19 ? ? 1.375 1.419 -0.044 0.006 N 
# 
loop_
_pdbx_validate_rmsd_angle.id 
_pdbx_validate_rmsd_angle.PDB_model_num 
_pdbx_validate_rmsd_angle.auth_atom_id_1 
_pdbx_validate_rmsd_angle.auth_asym_id_1 
_pdbx_validate_rmsd_angle.auth_comp_id_1 
_pdbx_validate_rmsd_angle.auth_seq_id_1 
_pdbx_validate_rmsd_angle.PDB_ins_code_1 
_pdbx_validate_rmsd_angle.label_alt_id_1 
_pdbx_validate_rmsd_angle.auth_atom_id_2 
_pdbx_validate_rmsd_angle.auth_asym_id_2 
_pdbx_validate_rmsd_angle.auth_comp_id_2 
_pdbx_validate_rmsd_angle.auth_seq_id_2 
_pdbx_validate_rmsd_angle.PDB_ins_code_2 
_pdbx_validate_rmsd_angle.label_alt_id_2 
_pdbx_validate_rmsd_angle.auth_atom_id_3 
_pdbx_validate_rmsd_angle.auth_asym_id_3 
_pdbx_validate_rmsd_angle.auth_comp_id_3 
_pdbx_validate_rmsd_angle.auth_seq_id_3 
_pdbx_validate_rmsd_angle.PDB_ins_code_3 
_pdbx_validate_rmsd_angle.label_alt_id_3 
_pdbx_validate_rmsd_angle.angle_value 
_pdbx_validate_rmsd_angle.angle_target_value 
_pdbx_validate_rmsd_angle.angle_deviation 
_pdbx_validate_rmsd_angle.angle_standard_deviation 
_pdbx_validate_rmsd_angle.linker_flag 
1 1 "C1'" A DC 8  ? ? "O4'" A DC 8  ? ? "C4'" A DC 8  ? ? 103.19 110.10 -6.91 1.00 N 
2 1 "O4'" A DC 8  ? ? "C1'" A DC 8  ? ? N1    A DC 8  ? ? 111.06 108.30 2.76  0.30 N 
3 1 "O4'" A DG 9  ? ? "C1'" A DG 9  ? ? N9    A DG 9  ? ? 112.01 108.30 3.71  0.30 N 
4 1 "C1'" B DC 18 ? ? "O4'" B DC 18 ? ? "C4'" B DC 18 ? ? 103.21 110.10 -6.89 1.00 N 
5 1 "O4'" B DC 18 ? ? "C1'" B DC 18 ? ? N1    B DC 18 ? ? 111.16 108.30 2.86  0.30 N 
6 1 "O4'" B DG 19 ? ? "C1'" B DG 19 ? ? N9    B DG 19 ? ? 112.46 108.30 4.16  0.30 N 
# 
loop_
_pdbx_validate_polymer_linkage.id 
_pdbx_validate_polymer_linkage.PDB_model_num 
_pdbx_validate_polymer_linkage.auth_atom_id_1 
_pdbx_validate_polymer_linkage.auth_asym_id_1 
_pdbx_validate_polymer_linkage.auth_comp_id_1 
_pdbx_validate_polymer_linkage.auth_seq_id_1 
_pdbx_validate_polymer_linkage.PDB_ins_code_1 
_pdbx_validate_polymer_linkage.label_alt_id_1 
_pdbx_validate_polymer_linkage.auth_atom_id_2 
_pdbx_validate_polymer_linkage.auth_asym_id_2 
_pdbx_validate_polymer_linkage.auth_comp_id_2 
_pdbx_validate_polymer_linkage.auth_seq_id_2 
_pdbx_validate_polymer_linkage.PDB_ins_code_2 
_pdbx_validate_polymer_linkage.label_alt_id_2 
_pdbx_validate_polymer_linkage.dist 
1 1 "O3'" A UAR 6  ? ? P A DA 7  ? ? 1.81 
2 1 "O3'" B UAR 16 ? ? P B DA 17 ? ? 1.84 
# 
loop_
_chem_comp_atom.comp_id 
_chem_comp_atom.atom_id 
_chem_comp_atom.type_symbol 
_chem_comp_atom.pdbx_aromatic_flag 
_chem_comp_atom.pdbx_stereo_config 
_chem_comp_atom.pdbx_ordinal 
A2M P      P  N N 1   
A2M OP1    O  N N 2   
A2M OP3    O  N N 3   
A2M "O5'"  O  N N 4   
A2M "C5'"  C  N N 5   
A2M "C4'"  C  N R 6   
A2M "O4'"  O  N N 7   
A2M "C3'"  C  N R 8   
A2M "O3'"  O  N N 9   
A2M "C2'"  C  N R 10  
A2M "O2'"  O  N N 11  
A2M "C1'"  C  N R 12  
A2M "CM'"  C  N N 13  
A2M N9     N  Y N 14  
A2M C8     C  Y N 15  
A2M N7     N  Y N 16  
A2M C5     C  Y N 17  
A2M C6     C  Y N 18  
A2M N6     N  N N 19  
A2M N1     N  Y N 20  
A2M C2     C  Y N 21  
A2M N3     N  Y N 22  
A2M C4     C  Y N 23  
A2M HOP3   H  N N 24  
A2M "H5'"  H  N N 25  
A2M "H5''" H  N N 26  
A2M "H4'"  H  N N 27  
A2M "H3'"  H  N N 28  
A2M "HO3'" H  N N 29  
A2M "H2'"  H  N N 30  
A2M "H1'"  H  N N 31  
A2M "HM'1" H  N N 32  
A2M "HM'2" H  N N 33  
A2M "HM'3" H  N N 34  
A2M H8     H  N N 35  
A2M H61    H  N N 36  
A2M H62    H  N N 37  
A2M H2     H  N N 38  
A2M OP2    O  N N 39  
A2M HOP2   H  N N 40  
CL  CL     CL N N 41  
DA  OP3    O  N N 42  
DA  P      P  N N 43  
DA  OP1    O  N N 44  
DA  OP2    O  N N 45  
DA  "O5'"  O  N N 46  
DA  "C5'"  C  N N 47  
DA  "C4'"  C  N R 48  
DA  "O4'"  O  N N 49  
DA  "C3'"  C  N S 50  
DA  "O3'"  O  N N 51  
DA  "C2'"  C  N N 52  
DA  "C1'"  C  N R 53  
DA  N9     N  Y N 54  
DA  C8     C  Y N 55  
DA  N7     N  Y N 56  
DA  C5     C  Y N 57  
DA  C6     C  Y N 58  
DA  N6     N  N N 59  
DA  N1     N  Y N 60  
DA  C2     C  Y N 61  
DA  N3     N  Y N 62  
DA  C4     C  Y N 63  
DA  HOP3   H  N N 64  
DA  HOP2   H  N N 65  
DA  "H5'"  H  N N 66  
DA  "H5''" H  N N 67  
DA  "H4'"  H  N N 68  
DA  "H3'"  H  N N 69  
DA  "HO3'" H  N N 70  
DA  "H2'"  H  N N 71  
DA  "H2''" H  N N 72  
DA  "H1'"  H  N N 73  
DA  H8     H  N N 74  
DA  H61    H  N N 75  
DA  H62    H  N N 76  
DA  H2     H  N N 77  
DC  OP3    O  N N 78  
DC  P      P  N N 79  
DC  OP1    O  N N 80  
DC  OP2    O  N N 81  
DC  "O5'"  O  N N 82  
DC  "C5'"  C  N N 83  
DC  "C4'"  C  N R 84  
DC  "O4'"  O  N N 85  
DC  "C3'"  C  N S 86  
DC  "O3'"  O  N N 87  
DC  "C2'"  C  N N 88  
DC  "C1'"  C  N R 89  
DC  N1     N  N N 90  
DC  C2     C  N N 91  
DC  O2     O  N N 92  
DC  N3     N  N N 93  
DC  C4     C  N N 94  
DC  N4     N  N N 95  
DC  C5     C  N N 96  
DC  C6     C  N N 97  
DC  HOP3   H  N N 98  
DC  HOP2   H  N N 99  
DC  "H5'"  H  N N 100 
DC  "H5''" H  N N 101 
DC  "H4'"  H  N N 102 
DC  "H3'"  H  N N 103 
DC  "HO3'" H  N N 104 
DC  "H2'"  H  N N 105 
DC  "H2''" H  N N 106 
DC  "H1'"  H  N N 107 
DC  H41    H  N N 108 
DC  H42    H  N N 109 
DC  H5     H  N N 110 
DC  H6     H  N N 111 
DG  OP3    O  N N 112 
DG  P      P  N N 113 
DG  OP1    O  N N 114 
DG  OP2    O  N N 115 
DG  "O5'"  O  N N 116 
DG  "C5'"  C  N N 117 
DG  "C4'"  C  N R 118 
DG  "O4'"  O  N N 119 
DG  "C3'"  C  N S 120 
DG  "O3'"  O  N N 121 
DG  "C2'"  C  N N 122 
DG  "C1'"  C  N R 123 
DG  N9     N  Y N 124 
DG  C8     C  Y N 125 
DG  N7     N  Y N 126 
DG  C5     C  Y N 127 
DG  C6     C  N N 128 
DG  O6     O  N N 129 
DG  N1     N  N N 130 
DG  C2     C  N N 131 
DG  N2     N  N N 132 
DG  N3     N  N N 133 
DG  C4     C  Y N 134 
DG  HOP3   H  N N 135 
DG  HOP2   H  N N 136 
DG  "H5'"  H  N N 137 
DG  "H5''" H  N N 138 
DG  "H4'"  H  N N 139 
DG  "H3'"  H  N N 140 
DG  "HO3'" H  N N 141 
DG  "H2'"  H  N N 142 
DG  "H2''" H  N N 143 
DG  "H1'"  H  N N 144 
DG  H8     H  N N 145 
DG  H1     H  N N 146 
DG  H21    H  N N 147 
DG  H22    H  N N 148 
DT  OP3    O  N N 149 
DT  P      P  N N 150 
DT  OP1    O  N N 151 
DT  OP2    O  N N 152 
DT  "O5'"  O  N N 153 
DT  "C5'"  C  N N 154 
DT  "C4'"  C  N R 155 
DT  "O4'"  O  N N 156 
DT  "C3'"  C  N S 157 
DT  "O3'"  O  N N 158 
DT  "C2'"  C  N N 159 
DT  "C1'"  C  N R 160 
DT  N1     N  N N 161 
DT  C2     C  N N 162 
DT  O2     O  N N 163 
DT  N3     N  N N 164 
DT  C4     C  N N 165 
DT  O4     O  N N 166 
DT  C5     C  N N 167 
DT  C7     C  N N 168 
DT  C6     C  N N 169 
DT  HOP3   H  N N 170 
DT  HOP2   H  N N 171 
DT  "H5'"  H  N N 172 
DT  "H5''" H  N N 173 
DT  "H4'"  H  N N 174 
DT  "H3'"  H  N N 175 
DT  "HO3'" H  N N 176 
DT  "H2'"  H  N N 177 
DT  "H2''" H  N N 178 
DT  "H1'"  H  N N 179 
DT  H3     H  N N 180 
DT  H71    H  N N 181 
DT  H72    H  N N 182 
DT  H73    H  N N 183 
DT  H6     H  N N 184 
HOH O      O  N N 185 
HOH H1     H  N N 186 
HOH H2     H  N N 187 
NCO CO     CO N N 188 
NCO N1     N  N N 189 
NCO N2     N  N N 190 
NCO N3     N  N N 191 
NCO N4     N  N N 192 
NCO N5     N  N N 193 
NCO N6     N  N N 194 
NCO HN11   H  N N 195 
NCO HN12   H  N N 196 
NCO HN13   H  N N 197 
NCO HN21   H  N N 198 
NCO HN22   H  N N 199 
NCO HN23   H  N N 200 
NCO HN31   H  N N 201 
NCO HN32   H  N N 202 
NCO HN33   H  N N 203 
NCO HN41   H  N N 204 
NCO HN42   H  N N 205 
NCO HN43   H  N N 206 
NCO HN51   H  N N 207 
NCO HN52   H  N N 208 
NCO HN53   H  N N 209 
NCO HN61   H  N N 210 
NCO HN62   H  N N 211 
NCO HN63   H  N N 212 
UAR OP3    O  N N 213 
UAR P      P  N N 214 
UAR OP1    O  N N 215 
UAR OP2    O  N N 216 
UAR "O5'"  O  N N 217 
UAR "C5'"  C  N N 218 
UAR "C4'"  C  N R 219 
UAR "O4'"  O  N N 220 
UAR "C3'"  C  N S 221 
UAR "O3'"  O  N N 222 
UAR "C2'"  C  N S 223 
UAR "O2'"  O  N N 224 
UAR "C1'"  C  N R 225 
UAR N1     N  N N 226 
UAR C2     C  N N 227 
UAR O2     O  N N 228 
UAR N3     N  N N 229 
UAR C4     C  N N 230 
UAR O4     O  N N 231 
UAR C5     C  N N 232 
UAR C6     C  N N 233 
UAR HOP3   H  N N 234 
UAR HOP2   H  N N 235 
UAR "H5'"  H  N N 236 
UAR "H5''" H  N N 237 
UAR "H4'"  H  N N 238 
UAR "H3'"  H  N N 239 
UAR "HO3'" H  N N 240 
UAR "H2'"  H  N N 241 
UAR "HO2'" H  N N 242 
UAR "H1'"  H  N N 243 
UAR H3     H  N N 244 
UAR H5     H  N N 245 
UAR H6     H  N N 246 
# 
loop_
_chem_comp_bond.comp_id 
_chem_comp_bond.atom_id_1 
_chem_comp_bond.atom_id_2 
_chem_comp_bond.value_order 
_chem_comp_bond.pdbx_aromatic_flag 
_chem_comp_bond.pdbx_stereo_config 
_chem_comp_bond.pdbx_ordinal 
A2M P     OP1    doub N N 1   
A2M P     OP3    sing N N 2   
A2M P     "O5'"  sing N N 3   
A2M OP3   HOP3   sing N N 4   
A2M "O5'" "C5'"  sing N N 5   
A2M "C5'" "C4'"  sing N N 6   
A2M "C5'" "H5'"  sing N N 7   
A2M "C5'" "H5''" sing N N 8   
A2M "C4'" "O4'"  sing N N 9   
A2M "C4'" "C3'"  sing N N 10  
A2M "C4'" "H4'"  sing N N 11  
A2M "O4'" "C1'"  sing N N 12  
A2M "C3'" "O3'"  sing N N 13  
A2M "C3'" "C2'"  sing N N 14  
A2M "C3'" "H3'"  sing N N 15  
A2M "O3'" "HO3'" sing N N 16  
A2M "C2'" "O2'"  sing N N 17  
A2M "C2'" "C1'"  sing N N 18  
A2M "C2'" "H2'"  sing N N 19  
A2M "O2'" "CM'"  sing N N 20  
A2M "C1'" N9     sing N N 21  
A2M "C1'" "H1'"  sing N N 22  
A2M "CM'" "HM'1" sing N N 23  
A2M "CM'" "HM'2" sing N N 24  
A2M "CM'" "HM'3" sing N N 25  
A2M N9    C8     sing Y N 26  
A2M N9    C4     sing Y N 27  
A2M C8    N7     doub Y N 28  
A2M C8    H8     sing N N 29  
A2M N7    C5     sing Y N 30  
A2M C5    C6     sing Y N 31  
A2M C5    C4     doub Y N 32  
A2M C6    N6     sing N N 33  
A2M C6    N1     doub Y N 34  
A2M N6    H61    sing N N 35  
A2M N6    H62    sing N N 36  
A2M N1    C2     sing Y N 37  
A2M C2    N3     doub Y N 38  
A2M C2    H2     sing N N 39  
A2M N3    C4     sing Y N 40  
A2M P     OP2    sing N N 41  
A2M OP2   HOP2   sing N N 42  
DA  OP3   P      sing N N 43  
DA  OP3   HOP3   sing N N 44  
DA  P     OP1    doub N N 45  
DA  P     OP2    sing N N 46  
DA  P     "O5'"  sing N N 47  
DA  OP2   HOP2   sing N N 48  
DA  "O5'" "C5'"  sing N N 49  
DA  "C5'" "C4'"  sing N N 50  
DA  "C5'" "H5'"  sing N N 51  
DA  "C5'" "H5''" sing N N 52  
DA  "C4'" "O4'"  sing N N 53  
DA  "C4'" "C3'"  sing N N 54  
DA  "C4'" "H4'"  sing N N 55  
DA  "O4'" "C1'"  sing N N 56  
DA  "C3'" "O3'"  sing N N 57  
DA  "C3'" "C2'"  sing N N 58  
DA  "C3'" "H3'"  sing N N 59  
DA  "O3'" "HO3'" sing N N 60  
DA  "C2'" "C1'"  sing N N 61  
DA  "C2'" "H2'"  sing N N 62  
DA  "C2'" "H2''" sing N N 63  
DA  "C1'" N9     sing N N 64  
DA  "C1'" "H1'"  sing N N 65  
DA  N9    C8     sing Y N 66  
DA  N9    C4     sing Y N 67  
DA  C8    N7     doub Y N 68  
DA  C8    H8     sing N N 69  
DA  N7    C5     sing Y N 70  
DA  C5    C6     sing Y N 71  
DA  C5    C4     doub Y N 72  
DA  C6    N6     sing N N 73  
DA  C6    N1     doub Y N 74  
DA  N6    H61    sing N N 75  
DA  N6    H62    sing N N 76  
DA  N1    C2     sing Y N 77  
DA  C2    N3     doub Y N 78  
DA  C2    H2     sing N N 79  
DA  N3    C4     sing Y N 80  
DC  OP3   P      sing N N 81  
DC  OP3   HOP3   sing N N 82  
DC  P     OP1    doub N N 83  
DC  P     OP2    sing N N 84  
DC  P     "O5'"  sing N N 85  
DC  OP2   HOP2   sing N N 86  
DC  "O5'" "C5'"  sing N N 87  
DC  "C5'" "C4'"  sing N N 88  
DC  "C5'" "H5'"  sing N N 89  
DC  "C5'" "H5''" sing N N 90  
DC  "C4'" "O4'"  sing N N 91  
DC  "C4'" "C3'"  sing N N 92  
DC  "C4'" "H4'"  sing N N 93  
DC  "O4'" "C1'"  sing N N 94  
DC  "C3'" "O3'"  sing N N 95  
DC  "C3'" "C2'"  sing N N 96  
DC  "C3'" "H3'"  sing N N 97  
DC  "O3'" "HO3'" sing N N 98  
DC  "C2'" "C1'"  sing N N 99  
DC  "C2'" "H2'"  sing N N 100 
DC  "C2'" "H2''" sing N N 101 
DC  "C1'" N1     sing N N 102 
DC  "C1'" "H1'"  sing N N 103 
DC  N1    C2     sing N N 104 
DC  N1    C6     sing N N 105 
DC  C2    O2     doub N N 106 
DC  C2    N3     sing N N 107 
DC  N3    C4     doub N N 108 
DC  C4    N4     sing N N 109 
DC  C4    C5     sing N N 110 
DC  N4    H41    sing N N 111 
DC  N4    H42    sing N N 112 
DC  C5    C6     doub N N 113 
DC  C5    H5     sing N N 114 
DC  C6    H6     sing N N 115 
DG  OP3   P      sing N N 116 
DG  OP3   HOP3   sing N N 117 
DG  P     OP1    doub N N 118 
DG  P     OP2    sing N N 119 
DG  P     "O5'"  sing N N 120 
DG  OP2   HOP2   sing N N 121 
DG  "O5'" "C5'"  sing N N 122 
DG  "C5'" "C4'"  sing N N 123 
DG  "C5'" "H5'"  sing N N 124 
DG  "C5'" "H5''" sing N N 125 
DG  "C4'" "O4'"  sing N N 126 
DG  "C4'" "C3'"  sing N N 127 
DG  "C4'" "H4'"  sing N N 128 
DG  "O4'" "C1'"  sing N N 129 
DG  "C3'" "O3'"  sing N N 130 
DG  "C3'" "C2'"  sing N N 131 
DG  "C3'" "H3'"  sing N N 132 
DG  "O3'" "HO3'" sing N N 133 
DG  "C2'" "C1'"  sing N N 134 
DG  "C2'" "H2'"  sing N N 135 
DG  "C2'" "H2''" sing N N 136 
DG  "C1'" N9     sing N N 137 
DG  "C1'" "H1'"  sing N N 138 
DG  N9    C8     sing Y N 139 
DG  N9    C4     sing Y N 140 
DG  C8    N7     doub Y N 141 
DG  C8    H8     sing N N 142 
DG  N7    C5     sing Y N 143 
DG  C5    C6     sing N N 144 
DG  C5    C4     doub Y N 145 
DG  C6    O6     doub N N 146 
DG  C6    N1     sing N N 147 
DG  N1    C2     sing N N 148 
DG  N1    H1     sing N N 149 
DG  C2    N2     sing N N 150 
DG  C2    N3     doub N N 151 
DG  N2    H21    sing N N 152 
DG  N2    H22    sing N N 153 
DG  N3    C4     sing N N 154 
DT  OP3   P      sing N N 155 
DT  OP3   HOP3   sing N N 156 
DT  P     OP1    doub N N 157 
DT  P     OP2    sing N N 158 
DT  P     "O5'"  sing N N 159 
DT  OP2   HOP2   sing N N 160 
DT  "O5'" "C5'"  sing N N 161 
DT  "C5'" "C4'"  sing N N 162 
DT  "C5'" "H5'"  sing N N 163 
DT  "C5'" "H5''" sing N N 164 
DT  "C4'" "O4'"  sing N N 165 
DT  "C4'" "C3'"  sing N N 166 
DT  "C4'" "H4'"  sing N N 167 
DT  "O4'" "C1'"  sing N N 168 
DT  "C3'" "O3'"  sing N N 169 
DT  "C3'" "C2'"  sing N N 170 
DT  "C3'" "H3'"  sing N N 171 
DT  "O3'" "HO3'" sing N N 172 
DT  "C2'" "C1'"  sing N N 173 
DT  "C2'" "H2'"  sing N N 174 
DT  "C2'" "H2''" sing N N 175 
DT  "C1'" N1     sing N N 176 
DT  "C1'" "H1'"  sing N N 177 
DT  N1    C2     sing N N 178 
DT  N1    C6     sing N N 179 
DT  C2    O2     doub N N 180 
DT  C2    N3     sing N N 181 
DT  N3    C4     sing N N 182 
DT  N3    H3     sing N N 183 
DT  C4    O4     doub N N 184 
DT  C4    C5     sing N N 185 
DT  C5    C7     sing N N 186 
DT  C5    C6     doub N N 187 
DT  C7    H71    sing N N 188 
DT  C7    H72    sing N N 189 
DT  C7    H73    sing N N 190 
DT  C6    H6     sing N N 191 
HOH O     H1     sing N N 192 
HOH O     H2     sing N N 193 
NCO CO    N1     sing N N 194 
NCO CO    N2     sing N N 195 
NCO CO    N3     sing N N 196 
NCO CO    N4     sing N N 197 
NCO CO    N5     sing N N 198 
NCO CO    N6     sing N N 199 
NCO N1    HN11   sing N N 200 
NCO N1    HN12   sing N N 201 
NCO N1    HN13   sing N N 202 
NCO N2    HN21   sing N N 203 
NCO N2    HN22   sing N N 204 
NCO N2    HN23   sing N N 205 
NCO N3    HN31   sing N N 206 
NCO N3    HN32   sing N N 207 
NCO N3    HN33   sing N N 208 
NCO N4    HN41   sing N N 209 
NCO N4    HN42   sing N N 210 
NCO N4    HN43   sing N N 211 
NCO N5    HN51   sing N N 212 
NCO N5    HN52   sing N N 213 
NCO N5    HN53   sing N N 214 
NCO N6    HN61   sing N N 215 
NCO N6    HN62   sing N N 216 
NCO N6    HN63   sing N N 217 
UAR OP3   P      sing N N 218 
UAR OP3   HOP3   sing N N 219 
UAR P     OP1    doub N N 220 
UAR P     OP2    sing N N 221 
UAR P     "O5'"  sing N N 222 
UAR OP2   HOP2   sing N N 223 
UAR "O5'" "C5'"  sing N N 224 
UAR "C5'" "C4'"  sing N N 225 
UAR "C5'" "H5'"  sing N N 226 
UAR "C5'" "H5''" sing N N 227 
UAR "C4'" "O4'"  sing N N 228 
UAR "C4'" "C3'"  sing N N 229 
UAR "C4'" "H4'"  sing N N 230 
UAR "O4'" "C1'"  sing N N 231 
UAR "C3'" "O3'"  sing N N 232 
UAR "C3'" "C2'"  sing N N 233 
UAR "C3'" "H3'"  sing N N 234 
UAR "O3'" "HO3'" sing N N 235 
UAR "C2'" "O2'"  sing N N 236 
UAR "C2'" "C1'"  sing N N 237 
UAR "C2'" "H2'"  sing N N 238 
UAR "O2'" "HO2'" sing N N 239 
UAR "C1'" N1     sing N N 240 
UAR "C1'" "H1'"  sing N N 241 
UAR N1    C2     sing N N 242 
UAR N1    C6     sing N N 243 
UAR C2    O2     doub N N 244 
UAR C2    N3     sing N N 245 
UAR N3    C4     sing N N 246 
UAR N3    H3     sing N N 247 
UAR C4    O4     doub N N 248 
UAR C4    C5     sing N N 249 
UAR C5    C6     doub N N 250 
UAR C5    H5     sing N N 251 
UAR C6    H6     sing N N 252 
# 
loop_
_ndb_struct_conf_na.entry_id 
_ndb_struct_conf_na.feature 
2FIJ 'double helix'        
2FIJ 'a-form double helix' 
# 
loop_
_ndb_struct_na_base_pair.model_number 
_ndb_struct_na_base_pair.i_label_asym_id 
_ndb_struct_na_base_pair.i_label_comp_id 
_ndb_struct_na_base_pair.i_label_seq_id 
_ndb_struct_na_base_pair.i_symmetry 
_ndb_struct_na_base_pair.j_label_asym_id 
_ndb_struct_na_base_pair.j_label_comp_id 
_ndb_struct_na_base_pair.j_label_seq_id 
_ndb_struct_na_base_pair.j_symmetry 
_ndb_struct_na_base_pair.shear 
_ndb_struct_na_base_pair.stretch 
_ndb_struct_na_base_pair.stagger 
_ndb_struct_na_base_pair.buckle 
_ndb_struct_na_base_pair.propeller 
_ndb_struct_na_base_pair.opening 
_ndb_struct_na_base_pair.pair_number 
_ndb_struct_na_base_pair.pair_name 
_ndb_struct_na_base_pair.i_auth_asym_id 
_ndb_struct_na_base_pair.i_auth_seq_id 
_ndb_struct_na_base_pair.i_PDB_ins_code 
_ndb_struct_na_base_pair.j_auth_asym_id 
_ndb_struct_na_base_pair.j_auth_seq_id 
_ndb_struct_na_base_pair.j_PDB_ins_code 
_ndb_struct_na_base_pair.hbond_type_28 
_ndb_struct_na_base_pair.hbond_type_12 
1 A DG  1  1_555 B DC  10 1_555 -0.295 -0.123 -0.368 -13.605 -13.881 0.451  1  A_DG1:DC20_B   A 1  ? B 20 ? 19 1 
1 A DC  2  1_555 B DG  9  1_555 0.285  -0.201 0.118  -20.684 -3.906  -1.672 2  A_DC2:DG19_B   A 2  ? B 19 ? 19 1 
1 A DG  3  1_555 B DC  8  1_555 -0.153 -0.091 -0.130 -17.243 -10.312 1.804  3  A_DG3:DC18_B   A 3  ? B 18 ? 19 1 
1 A DT  4  1_555 B DA  7  1_555 -0.085 -0.138 0.184  -4.155  0.530   -1.921 4  A_DT4:DA17_B   A 4  ? B 17 ? 20 1 
1 A A2M 5  1_555 B UAR 6  1_555 0.041  -0.139 0.351  19.638  -5.412  3.235  5  A_A2M5:UAR16_B A 5  ? B 16 ? 20 1 
1 A UAR 6  1_555 B A2M 5  1_555 -0.021 -0.115 0.359  -19.391 -4.925  2.908  6  A_UAR6:A2M15_B A 6  ? B 15 ? 20 1 
1 A DA  7  1_555 B DT  4  1_555 0.066  -0.131 0.169  4.212   0.212   -1.763 7  A_DA7:DT14_B   A 7  ? B 14 ? 20 1 
1 A DC  8  1_555 B DG  3  1_555 0.157  -0.074 -0.098 16.741  -10.360 2.108  8  A_DC8:DG13_B   A 8  ? B 13 ? 19 1 
1 A DG  9  1_555 B DC  2  1_555 -0.278 -0.189 0.125  22.555  -3.034  -1.966 9  A_DG9:DC12_B   A 9  ? B 12 ? 19 1 
1 A DC  10 1_555 B DG  1  1_555 0.303  -0.110 -0.393 13.499  -14.471 0.651  10 A_DC10:DG11_B  A 10 ? B 11 ? 19 1 
# 
loop_
_ndb_struct_na_base_pair_step.model_number 
_ndb_struct_na_base_pair_step.i_label_asym_id_1 
_ndb_struct_na_base_pair_step.i_label_comp_id_1 
_ndb_struct_na_base_pair_step.i_label_seq_id_1 
_ndb_struct_na_base_pair_step.i_symmetry_1 
_ndb_struct_na_base_pair_step.j_label_asym_id_1 
_ndb_struct_na_base_pair_step.j_label_comp_id_1 
_ndb_struct_na_base_pair_step.j_label_seq_id_1 
_ndb_struct_na_base_pair_step.j_symmetry_1 
_ndb_struct_na_base_pair_step.i_label_asym_id_2 
_ndb_struct_na_base_pair_step.i_label_comp_id_2 
_ndb_struct_na_base_pair_step.i_label_seq_id_2 
_ndb_struct_na_base_pair_step.i_symmetry_2 
_ndb_struct_na_base_pair_step.j_label_asym_id_2 
_ndb_struct_na_base_pair_step.j_label_comp_id_2 
_ndb_struct_na_base_pair_step.j_label_seq_id_2 
_ndb_struct_na_base_pair_step.j_symmetry_2 
_ndb_struct_na_base_pair_step.shift 
_ndb_struct_na_base_pair_step.slide 
_ndb_struct_na_base_pair_step.rise 
_ndb_struct_na_base_pair_step.tilt 
_ndb_struct_na_base_pair_step.roll 
_ndb_struct_na_base_pair_step.twist 
_ndb_struct_na_base_pair_step.x_displacement 
_ndb_struct_na_base_pair_step.y_displacement 
_ndb_struct_na_base_pair_step.helical_rise 
_ndb_struct_na_base_pair_step.inclination 
_ndb_struct_na_base_pair_step.tip 
_ndb_struct_na_base_pair_step.helical_twist 
_ndb_struct_na_base_pair_step.step_number 
_ndb_struct_na_base_pair_step.step_name 
_ndb_struct_na_base_pair_step.i_auth_asym_id_1 
_ndb_struct_na_base_pair_step.i_auth_seq_id_1 
_ndb_struct_na_base_pair_step.i_PDB_ins_code_1 
_ndb_struct_na_base_pair_step.j_auth_asym_id_1 
_ndb_struct_na_base_pair_step.j_auth_seq_id_1 
_ndb_struct_na_base_pair_step.j_PDB_ins_code_1 
_ndb_struct_na_base_pair_step.i_auth_asym_id_2 
_ndb_struct_na_base_pair_step.i_auth_seq_id_2 
_ndb_struct_na_base_pair_step.i_PDB_ins_code_2 
_ndb_struct_na_base_pair_step.j_auth_asym_id_2 
_ndb_struct_na_base_pair_step.j_auth_seq_id_2 
_ndb_struct_na_base_pair_step.j_PDB_ins_code_2 
1 A DG  1 1_555 B DC  10 1_555 A DC  2  1_555 B DG  9 1_555 -0.533 -1.344 3.410 -1.972 1.420  39.010 -2.187 0.551  3.383 2.125  
2.949  39.083 1 AA_DG1DC2:DG19DC20_BB     A 1 ? B 20 ? A 2  ? B 19 ? 
1 A DC  2 1_555 B DG  9  1_555 A DG  3  1_555 B DC  8 1_555 0.303  -0.948 3.237 2.883  13.948 26.816 -4.428 -0.039 2.472 27.730 
-5.732 30.302 2 AA_DC2DG3:DC18DG19_BB     A 2 ? B 19 ? A 3  ? B 18 ? 
1 A DG  3 1_555 B DC  8  1_555 A DT  4  1_555 B DA  7 1_555 -0.856 -0.731 2.971 -0.618 5.548  28.588 -2.535 1.583  2.800 11.102 
1.236  29.116 3 AA_DG3DT4:DA17DC18_BB     A 3 ? B 18 ? A 4  ? B 17 ? 
1 A DT  4 1_555 B DA  7  1_555 A A2M 5  1_555 B UAR 6 1_555 0.810  -0.097 2.775 1.559  5.486  32.475 -0.966 -1.202 2.757 9.716  
-2.761 32.958 4 AA_DT4A2M5:UAR16DA17_BB   A 4 ? B 17 ? A 5  ? B 16 ? 
1 A A2M 5 1_555 B UAR 6  1_555 A UAR 6  1_555 B A2M 5 1_555 -0.036 -1.055 5.039 -0.026 51.677 21.601 -5.391 0.036  1.054 68.845 
0.035  55.723 5 AA_A2M5UAR6:A2M15UAR16_BB A 5 ? B 16 ? A 6  ? B 15 ? 
1 A UAR 6 1_555 B A2M 5  1_555 A DA  7  1_555 B DT  4 1_555 -0.750 -0.189 2.776 -1.307 5.476  31.892 -1.159 1.149  2.734 9.870  
2.355  32.373 6 AA_UAR6DA7:DT14A2M15_BB   A 6 ? B 15 ? A 7  ? B 14 ? 
1 A DA  7 1_555 B DT  4  1_555 A DC  8  1_555 B DG  3 1_555 0.868  -0.726 2.977 0.432  5.601  28.536 -2.540 -1.645 2.799 11.225 
-0.865 29.073 7 AA_DA7DC8:DG13DT14_BB     A 7 ? B 14 ? A 8  ? B 13 ? 
1 A DC  8 1_555 B DG  3  1_555 A DG  9  1_555 B DC  2 1_555 -0.347 -0.916 3.178 -2.712 13.800 26.391 -4.401 0.159  2.433 27.852 
5.473  29.846 8 AA_DC8DG9:DC12DG13_BB     A 8 ? B 13 ? A 9  ? B 12 ? 
1 A DG  9 1_555 B DC  2  1_555 A DC  10 1_555 B DG  1 1_555 0.506  -1.339 3.446 1.699  1.868  39.726 -2.194 -0.536 3.400 2.745  
-2.498 39.803 9 AA_DG9DC10:DG11DC12_BB    A 9 ? B 12 ? A 10 ? B 11 ? 
# 
loop_
_pdbx_entity_nonpoly.entity_id 
_pdbx_entity_nonpoly.name 
_pdbx_entity_nonpoly.comp_id 
2 'CHLORIDE ION'          CL  
3 'COBALT HEXAMMINE(III)' NCO 
4 water                   HOH 
# 
_pdbx_initial_refinement_model.id               1 
_pdbx_initial_refinement_model.entity_id_list   ? 
_pdbx_initial_refinement_model.type             'experimental model' 
_pdbx_initial_refinement_model.source_name      PDB 
_pdbx_initial_refinement_model.accession_code   1DPL 
_pdbx_initial_refinement_model.details          'NDB entry AD0007/PDB entry 1DPL' 
# 
